data_6A4A
# 
_entry.id   6A4A 
# 
_audit_conform.dict_name       mmcif_pdbx.dic 
_audit_conform.dict_version    5.387 
_audit_conform.dict_location   http://mmcif.pdb.org/dictionaries/ascii/mmcif_pdbx.dic 
# 
loop_
_database_2.database_id 
_database_2.database_code 
_database_2.pdbx_database_accession 
_database_2.pdbx_DOI 
PDB   6A4A         pdb_00006a4a 10.2210/pdb6a4a/pdb 
WWPDB D_1300008138 ?            ?                   
# 
loop_
_pdbx_audit_revision_history.ordinal 
_pdbx_audit_revision_history.data_content_type 
_pdbx_audit_revision_history.major_revision 
_pdbx_audit_revision_history.minor_revision 
_pdbx_audit_revision_history.revision_date 
1 'Structure model' 1 0 2019-03-13 
2 'Structure model' 1 1 2024-03-27 
# 
_pdbx_audit_revision_details.ordinal             1 
_pdbx_audit_revision_details.revision_ordinal    1 
_pdbx_audit_revision_details.data_content_type   'Structure model' 
_pdbx_audit_revision_details.provider            repository 
_pdbx_audit_revision_details.type                'Initial release' 
_pdbx_audit_revision_details.description         ? 
_pdbx_audit_revision_details.details             ? 
# 
loop_
_pdbx_audit_revision_group.ordinal 
_pdbx_audit_revision_group.revision_ordinal 
_pdbx_audit_revision_group.data_content_type 
_pdbx_audit_revision_group.group 
1 2 'Structure model' 'Data collection'     
2 2 'Structure model' 'Database references' 
# 
loop_
_pdbx_audit_revision_category.ordinal 
_pdbx_audit_revision_category.revision_ordinal 
_pdbx_audit_revision_category.data_content_type 
_pdbx_audit_revision_category.category 
1 2 'Structure model' chem_comp_atom 
2 2 'Structure model' chem_comp_bond 
3 2 'Structure model' database_2     
# 
loop_
_pdbx_audit_revision_item.ordinal 
_pdbx_audit_revision_item.revision_ordinal 
_pdbx_audit_revision_item.data_content_type 
_pdbx_audit_revision_item.item 
1 2 'Structure model' '_database_2.pdbx_DOI'                
2 2 'Structure model' '_database_2.pdbx_database_accession' 
# 
_pdbx_database_status.status_code                     REL 
_pdbx_database_status.status_code_sf                  REL 
_pdbx_database_status.status_code_mr                  ? 
_pdbx_database_status.entry_id                        6A4A 
_pdbx_database_status.recvd_initial_deposition_date   2018-06-19 
_pdbx_database_status.SG_entry                        N 
_pdbx_database_status.deposit_site                    PDBJ 
_pdbx_database_status.process_site                    PDBJ 
_pdbx_database_status.status_code_cs                  ? 
_pdbx_database_status.methods_development_category    ? 
_pdbx_database_status.pdb_format_compatible           Y 
_pdbx_database_status.status_code_nmr_data            ? 
# 
loop_
_audit_author.name 
_audit_author.pdbx_ordinal 
_audit_author.identifier_ORCID 
'Lee, C.W.' 1 ? 
'Park, S.'  2 ? 
'Lee, J.H.' 3 ? 
# 
_citation.abstract                  ? 
_citation.abstract_id_CAS           ? 
_citation.book_id_ISBN              ? 
_citation.book_publisher            ? 
_citation.book_publisher_city       ? 
_citation.book_title                ? 
_citation.coordinate_linkage        ? 
_citation.country                   UK 
_citation.database_id_Medline       ? 
_citation.details                   ? 
_citation.id                        primary 
_citation.journal_abbrev            'Sci Rep' 
_citation.journal_id_ASTM           ? 
_citation.journal_id_CSD            ? 
_citation.journal_id_ISSN           2045-2322 
_citation.journal_full              ? 
_citation.journal_issue             ? 
_citation.journal_volume            9 
_citation.language                  ? 
_citation.page_first                2649 
_citation.page_last                 2649 
_citation.title                     
'Structural basis of small RNA hydrolysis by oligoribonuclease (CpsORN) from Colwellia psychrerythraea strain 34H.' 
_citation.year                      2019 
_citation.database_id_CSD           ? 
_citation.pdbx_database_id_DOI      10.1038/s41598-019-39641-0 
_citation.pdbx_database_id_PubMed   30804410 
_citation.unpublished_flag          ? 
# 
loop_
_citation_author.citation_id 
_citation_author.name 
_citation_author.ordinal 
_citation_author.identifier_ORCID 
primary 'Lee, C.W.'   1 ?                   
primary 'Park, S.H.'  2 ?                   
primary 'Jeong, C.S.' 3 ?                   
primary 'Cha, S.S.'   4 ?                   
primary 'Park, H.'    5 0000-0002-8055-2010 
primary 'Lee, J.H.'   6 ?                   
# 
loop_
_entity.id 
_entity.type 
_entity.src_method 
_entity.pdbx_description 
_entity.formula_weight 
_entity.pdbx_number_of_molecules 
_entity.pdbx_ec 
_entity.pdbx_mutation 
_entity.pdbx_fragment 
_entity.details 
1 polymer     man Oligoribonuclease 20622.471 1  3.1.-.- ? ? ? 
2 non-polymer syn 'MAGNESIUM ION'   24.305    1  ?       ? ? ? 
3 water       nat water             18.015    23 ?       ? ? ? 
# 
_entity_poly.entity_id                      1 
_entity_poly.type                           'polypeptide(L)' 
_entity_poly.nstd_linkage                   no 
_entity_poly.nstd_monomer                   no 
_entity_poly.pdbx_seq_one_letter_code       
;MAGNDSNLIWLDLEMTGLEPVEDVILEIAIIITDSELNILAQGPIFAISQTDDVLDNMNPWCIEHHGKSGLTQRCRDSEV
SLAHATKESLAFVQEWVPQGKSPMCGNSIGQDRRFINKYMPDFEDHFHYRNLDVSTIKELAKRWKPEVLESVVKTGAHLA
LDDIKESIAELKVYRELFFKL
;
_entity_poly.pdbx_seq_one_letter_code_can   
;MAGNDSNLIWLDLEMTGLEPVEDVILEIAIIITDSELNILAQGPIFAISQTDDVLDNMNPWCIEHHGKSGLTQRCRDSEV
SLAHATKESLAFVQEWVPQGKSPMCGNSIGQDRRFINKYMPDFEDHFHYRNLDVSTIKELAKRWKPEVLESVVKTGAHLA
LDDIKESIAELKVYRELFFKL
;
_entity_poly.pdbx_strand_id                 A 
_entity_poly.pdbx_target_identifier         ? 
# 
loop_
_pdbx_entity_nonpoly.entity_id 
_pdbx_entity_nonpoly.name 
_pdbx_entity_nonpoly.comp_id 
2 'MAGNESIUM ION' MG  
3 water           HOH 
# 
loop_
_entity_poly_seq.entity_id 
_entity_poly_seq.num 
_entity_poly_seq.mon_id 
_entity_poly_seq.hetero 
1 1   MET n 
1 2   ALA n 
1 3   GLY n 
1 4   ASN n 
1 5   ASP n 
1 6   SER n 
1 7   ASN n 
1 8   LEU n 
1 9   ILE n 
1 10  TRP n 
1 11  LEU n 
1 12  ASP n 
1 13  LEU n 
1 14  GLU n 
1 15  MET n 
1 16  THR n 
1 17  GLY n 
1 18  LEU n 
1 19  GLU n 
1 20  PRO n 
1 21  VAL n 
1 22  GLU n 
1 23  ASP n 
1 24  VAL n 
1 25  ILE n 
1 26  LEU n 
1 27  GLU n 
1 28  ILE n 
1 29  ALA n 
1 30  ILE n 
1 31  ILE n 
1 32  ILE n 
1 33  THR n 
1 34  ASP n 
1 35  SER n 
1 36  GLU n 
1 37  LEU n 
1 38  ASN n 
1 39  ILE n 
1 40  LEU n 
1 41  ALA n 
1 42  GLN n 
1 43  GLY n 
1 44  PRO n 
1 45  ILE n 
1 46  PHE n 
1 47  ALA n 
1 48  ILE n 
1 49  SER n 
1 50  GLN n 
1 51  THR n 
1 52  ASP n 
1 53  ASP n 
1 54  VAL n 
1 55  LEU n 
1 56  ASP n 
1 57  ASN n 
1 58  MET n 
1 59  ASN n 
1 60  PRO n 
1 61  TRP n 
1 62  CYS n 
1 63  ILE n 
1 64  GLU n 
1 65  HIS n 
1 66  HIS n 
1 67  GLY n 
1 68  LYS n 
1 69  SER n 
1 70  GLY n 
1 71  LEU n 
1 72  THR n 
1 73  GLN n 
1 74  ARG n 
1 75  CYS n 
1 76  ARG n 
1 77  ASP n 
1 78  SER n 
1 79  GLU n 
1 80  VAL n 
1 81  SER n 
1 82  LEU n 
1 83  ALA n 
1 84  HIS n 
1 85  ALA n 
1 86  THR n 
1 87  LYS n 
1 88  GLU n 
1 89  SER n 
1 90  LEU n 
1 91  ALA n 
1 92  PHE n 
1 93  VAL n 
1 94  GLN n 
1 95  GLU n 
1 96  TRP n 
1 97  VAL n 
1 98  PRO n 
1 99  GLN n 
1 100 GLY n 
1 101 LYS n 
1 102 SER n 
1 103 PRO n 
1 104 MET n 
1 105 CYS n 
1 106 GLY n 
1 107 ASN n 
1 108 SER n 
1 109 ILE n 
1 110 GLY n 
1 111 GLN n 
1 112 ASP n 
1 113 ARG n 
1 114 ARG n 
1 115 PHE n 
1 116 ILE n 
1 117 ASN n 
1 118 LYS n 
1 119 TYR n 
1 120 MET n 
1 121 PRO n 
1 122 ASP n 
1 123 PHE n 
1 124 GLU n 
1 125 ASP n 
1 126 HIS n 
1 127 PHE n 
1 128 HIS n 
1 129 TYR n 
1 130 ARG n 
1 131 ASN n 
1 132 LEU n 
1 133 ASP n 
1 134 VAL n 
1 135 SER n 
1 136 THR n 
1 137 ILE n 
1 138 LYS n 
1 139 GLU n 
1 140 LEU n 
1 141 ALA n 
1 142 LYS n 
1 143 ARG n 
1 144 TRP n 
1 145 LYS n 
1 146 PRO n 
1 147 GLU n 
1 148 VAL n 
1 149 LEU n 
1 150 GLU n 
1 151 SER n 
1 152 VAL n 
1 153 VAL n 
1 154 LYS n 
1 155 THR n 
1 156 GLY n 
1 157 ALA n 
1 158 HIS n 
1 159 LEU n 
1 160 ALA n 
1 161 LEU n 
1 162 ASP n 
1 163 ASP n 
1 164 ILE n 
1 165 LYS n 
1 166 GLU n 
1 167 SER n 
1 168 ILE n 
1 169 ALA n 
1 170 GLU n 
1 171 LEU n 
1 172 LYS n 
1 173 VAL n 
1 174 TYR n 
1 175 ARG n 
1 176 GLU n 
1 177 LEU n 
1 178 PHE n 
1 179 PHE n 
1 180 LYS n 
1 181 LEU n 
# 
_entity_src_gen.entity_id                          1 
_entity_src_gen.pdbx_src_id                        1 
_entity_src_gen.pdbx_alt_source_flag               sample 
_entity_src_gen.pdbx_seq_type                      'Biological sequence' 
_entity_src_gen.pdbx_beg_seq_num                   1 
_entity_src_gen.pdbx_end_seq_num                   181 
_entity_src_gen.gene_src_common_name               'Vibrio psychroerythus' 
_entity_src_gen.gene_src_genus                     ? 
_entity_src_gen.pdbx_gene_src_gene                 'orn, CPS_4379' 
_entity_src_gen.gene_src_species                   ? 
_entity_src_gen.gene_src_strain                    '34H / ATCC BAA-681' 
_entity_src_gen.gene_src_tissue                    ? 
_entity_src_gen.gene_src_tissue_fraction           ? 
_entity_src_gen.gene_src_details                   ? 
_entity_src_gen.pdbx_gene_src_fragment             ? 
_entity_src_gen.pdbx_gene_src_scientific_name      'Colwellia psychrerythraea 34H' 
_entity_src_gen.pdbx_gene_src_ncbi_taxonomy_id     167879 
_entity_src_gen.pdbx_gene_src_variant              ? 
_entity_src_gen.pdbx_gene_src_cell_line            ? 
_entity_src_gen.pdbx_gene_src_atcc                 ? 
_entity_src_gen.pdbx_gene_src_organ                ? 
_entity_src_gen.pdbx_gene_src_organelle            ? 
_entity_src_gen.pdbx_gene_src_cell                 ? 
_entity_src_gen.pdbx_gene_src_cellular_location    ? 
_entity_src_gen.host_org_common_name               ? 
_entity_src_gen.pdbx_host_org_scientific_name      'Escherichia coli' 
_entity_src_gen.pdbx_host_org_ncbi_taxonomy_id     562 
_entity_src_gen.host_org_genus                     ? 
_entity_src_gen.pdbx_host_org_gene                 ? 
_entity_src_gen.pdbx_host_org_organ                ? 
_entity_src_gen.host_org_species                   ? 
_entity_src_gen.pdbx_host_org_tissue               ? 
_entity_src_gen.pdbx_host_org_tissue_fraction      ? 
_entity_src_gen.pdbx_host_org_strain               ? 
_entity_src_gen.pdbx_host_org_variant              ? 
_entity_src_gen.pdbx_host_org_cell_line            ? 
_entity_src_gen.pdbx_host_org_atcc                 ? 
_entity_src_gen.pdbx_host_org_culture_collection   ? 
_entity_src_gen.pdbx_host_org_cell                 ? 
_entity_src_gen.pdbx_host_org_organelle            ? 
_entity_src_gen.pdbx_host_org_cellular_location    ? 
_entity_src_gen.pdbx_host_org_vector_type          ? 
_entity_src_gen.pdbx_host_org_vector               ? 
_entity_src_gen.host_org_details                   ? 
_entity_src_gen.expression_system_id               ? 
_entity_src_gen.plasmid_name                       ? 
_entity_src_gen.plasmid_details                    ? 
_entity_src_gen.pdbx_description                   ? 
# 
loop_
_chem_comp.id 
_chem_comp.type 
_chem_comp.mon_nstd_flag 
_chem_comp.name 
_chem_comp.pdbx_synonyms 
_chem_comp.formula 
_chem_comp.formula_weight 
ALA 'L-peptide linking' y ALANINE         ? 'C3 H7 N O2'     89.093  
ARG 'L-peptide linking' y ARGININE        ? 'C6 H15 N4 O2 1' 175.209 
ASN 'L-peptide linking' y ASPARAGINE      ? 'C4 H8 N2 O3'    132.118 
ASP 'L-peptide linking' y 'ASPARTIC ACID' ? 'C4 H7 N O4'     133.103 
CYS 'L-peptide linking' y CYSTEINE        ? 'C3 H7 N O2 S'   121.158 
GLN 'L-peptide linking' y GLUTAMINE       ? 'C5 H10 N2 O3'   146.144 
GLU 'L-peptide linking' y 'GLUTAMIC ACID' ? 'C5 H9 N O4'     147.129 
GLY 'peptide linking'   y GLYCINE         ? 'C2 H5 N O2'     75.067  
HIS 'L-peptide linking' y HISTIDINE       ? 'C6 H10 N3 O2 1' 156.162 
HOH non-polymer         . WATER           ? 'H2 O'           18.015  
ILE 'L-peptide linking' y ISOLEUCINE      ? 'C6 H13 N O2'    131.173 
LEU 'L-peptide linking' y LEUCINE         ? 'C6 H13 N O2'    131.173 
LYS 'L-peptide linking' y LYSINE          ? 'C6 H15 N2 O2 1' 147.195 
MET 'L-peptide linking' y METHIONINE      ? 'C5 H11 N O2 S'  149.211 
MG  non-polymer         . 'MAGNESIUM ION' ? 'Mg 2'           24.305  
PHE 'L-peptide linking' y PHENYLALANINE   ? 'C9 H11 N O2'    165.189 
PRO 'L-peptide linking' y PROLINE         ? 'C5 H9 N O2'     115.130 
SER 'L-peptide linking' y SERINE          ? 'C3 H7 N O3'     105.093 
THR 'L-peptide linking' y THREONINE       ? 'C4 H9 N O3'     119.119 
TRP 'L-peptide linking' y TRYPTOPHAN      ? 'C11 H12 N2 O2'  204.225 
TYR 'L-peptide linking' y TYROSINE        ? 'C9 H11 N O3'    181.189 
VAL 'L-peptide linking' y VALINE          ? 'C5 H11 N O2'    117.146 
# 
loop_
_pdbx_poly_seq_scheme.asym_id 
_pdbx_poly_seq_scheme.entity_id 
_pdbx_poly_seq_scheme.seq_id 
_pdbx_poly_seq_scheme.mon_id 
_pdbx_poly_seq_scheme.ndb_seq_num 
_pdbx_poly_seq_scheme.pdb_seq_num 
_pdbx_poly_seq_scheme.auth_seq_num 
_pdbx_poly_seq_scheme.pdb_mon_id 
_pdbx_poly_seq_scheme.auth_mon_id 
_pdbx_poly_seq_scheme.pdb_strand_id 
_pdbx_poly_seq_scheme.pdb_ins_code 
_pdbx_poly_seq_scheme.hetero 
A 1 1   MET 1   1   ?   ?   ?   A . n 
A 1 2   ALA 2   2   2   ALA ALA A . n 
A 1 3   GLY 3   3   3   GLY GLY A . n 
A 1 4   ASN 4   4   4   ASN ASN A . n 
A 1 5   ASP 5   5   5   ASP ASP A . n 
A 1 6   SER 6   6   6   SER SER A . n 
A 1 7   ASN 7   7   7   ASN ASN A . n 
A 1 8   LEU 8   8   8   LEU LEU A . n 
A 1 9   ILE 9   9   9   ILE ILE A . n 
A 1 10  TRP 10  10  10  TRP TRP A . n 
A 1 11  LEU 11  11  11  LEU LEU A . n 
A 1 12  ASP 12  12  12  ASP ASP A . n 
A 1 13  LEU 13  13  13  LEU LEU A . n 
A 1 14  GLU 14  14  14  GLU GLU A . n 
A 1 15  MET 15  15  15  MET MET A . n 
A 1 16  THR 16  16  16  THR THR A . n 
A 1 17  GLY 17  17  17  GLY GLY A . n 
A 1 18  LEU 18  18  18  LEU LEU A . n 
A 1 19  GLU 19  19  19  GLU GLU A . n 
A 1 20  PRO 20  20  20  PRO PRO A . n 
A 1 21  VAL 21  21  21  VAL VAL A . n 
A 1 22  GLU 22  22  22  GLU GLU A . n 
A 1 23  ASP 23  23  23  ASP ASP A . n 
A 1 24  VAL 24  24  24  VAL VAL A . n 
A 1 25  ILE 25  25  25  ILE ILE A . n 
A 1 26  LEU 26  26  26  LEU LEU A . n 
A 1 27  GLU 27  27  27  GLU GLU A . n 
A 1 28  ILE 28  28  28  ILE ILE A . n 
A 1 29  ALA 29  29  29  ALA ALA A . n 
A 1 30  ILE 30  30  30  ILE ILE A . n 
A 1 31  ILE 31  31  31  ILE ILE A . n 
A 1 32  ILE 32  32  32  ILE ILE A . n 
A 1 33  THR 33  33  33  THR THR A . n 
A 1 34  ASP 34  34  34  ASP ASP A . n 
A 1 35  SER 35  35  35  SER SER A . n 
A 1 36  GLU 36  36  36  GLU GLU A . n 
A 1 37  LEU 37  37  37  LEU LEU A . n 
A 1 38  ASN 38  38  38  ASN ASN A . n 
A 1 39  ILE 39  39  39  ILE ILE A . n 
A 1 40  LEU 40  40  40  LEU LEU A . n 
A 1 41  ALA 41  41  41  ALA ALA A . n 
A 1 42  GLN 42  42  42  GLN GLN A . n 
A 1 43  GLY 43  43  43  GLY GLY A . n 
A 1 44  PRO 44  44  44  PRO PRO A . n 
A 1 45  ILE 45  45  45  ILE ILE A . n 
A 1 46  PHE 46  46  46  PHE PHE A . n 
A 1 47  ALA 47  47  47  ALA ALA A . n 
A 1 48  ILE 48  48  48  ILE ILE A . n 
A 1 49  SER 49  49  49  SER SER A . n 
A 1 50  GLN 50  50  50  GLN GLN A . n 
A 1 51  THR 51  51  51  THR THR A . n 
A 1 52  ASP 52  52  52  ASP ASP A . n 
A 1 53  ASP 53  53  53  ASP ASP A . n 
A 1 54  VAL 54  54  54  VAL VAL A . n 
A 1 55  LEU 55  55  55  LEU LEU A . n 
A 1 56  ASP 56  56  56  ASP ASP A . n 
A 1 57  ASN 57  57  57  ASN ASN A . n 
A 1 58  MET 58  58  58  MET MET A . n 
A 1 59  ASN 59  59  59  ASN ASN A . n 
A 1 60  PRO 60  60  60  PRO PRO A . n 
A 1 61  TRP 61  61  61  TRP TRP A . n 
A 1 62  CYS 62  62  62  CYS CYS A . n 
A 1 63  ILE 63  63  63  ILE ILE A . n 
A 1 64  GLU 64  64  64  GLU GLU A . n 
A 1 65  HIS 65  65  65  HIS HIS A . n 
A 1 66  HIS 66  66  66  HIS HIS A . n 
A 1 67  GLY 67  67  67  GLY GLY A . n 
A 1 68  LYS 68  68  68  LYS LYS A . n 
A 1 69  SER 69  69  69  SER SER A . n 
A 1 70  GLY 70  70  70  GLY GLY A . n 
A 1 71  LEU 71  71  71  LEU LEU A . n 
A 1 72  THR 72  72  72  THR THR A . n 
A 1 73  GLN 73  73  73  GLN GLN A . n 
A 1 74  ARG 74  74  74  ARG ARG A . n 
A 1 75  CYS 75  75  75  CYS CYS A . n 
A 1 76  ARG 76  76  76  ARG ARG A . n 
A 1 77  ASP 77  77  77  ASP ASP A . n 
A 1 78  SER 78  78  78  SER SER A . n 
A 1 79  GLU 79  79  79  GLU GLU A . n 
A 1 80  VAL 80  80  80  VAL VAL A . n 
A 1 81  SER 81  81  81  SER SER A . n 
A 1 82  LEU 82  82  82  LEU LEU A . n 
A 1 83  ALA 83  83  83  ALA ALA A . n 
A 1 84  HIS 84  84  84  HIS HIS A . n 
A 1 85  ALA 85  85  85  ALA ALA A . n 
A 1 86  THR 86  86  86  THR THR A . n 
A 1 87  LYS 87  87  87  LYS LYS A . n 
A 1 88  GLU 88  88  88  GLU GLU A . n 
A 1 89  SER 89  89  89  SER SER A . n 
A 1 90  LEU 90  90  90  LEU LEU A . n 
A 1 91  ALA 91  91  91  ALA ALA A . n 
A 1 92  PHE 92  92  92  PHE PHE A . n 
A 1 93  VAL 93  93  93  VAL VAL A . n 
A 1 94  GLN 94  94  94  GLN GLN A . n 
A 1 95  GLU 95  95  95  GLU GLU A . n 
A 1 96  TRP 96  96  96  TRP TRP A . n 
A 1 97  VAL 97  97  97  VAL VAL A . n 
A 1 98  PRO 98  98  98  PRO PRO A . n 
A 1 99  GLN 99  99  99  GLN GLN A . n 
A 1 100 GLY 100 100 100 GLY GLY A . n 
A 1 101 LYS 101 101 101 LYS LYS A . n 
A 1 102 SER 102 102 102 SER SER A . n 
A 1 103 PRO 103 103 103 PRO PRO A . n 
A 1 104 MET 104 104 104 MET MET A . n 
A 1 105 CYS 105 105 105 CYS CYS A . n 
A 1 106 GLY 106 106 106 GLY GLY A . n 
A 1 107 ASN 107 107 107 ASN ASN A . n 
A 1 108 SER 108 108 108 SER SER A . n 
A 1 109 ILE 109 109 109 ILE ILE A . n 
A 1 110 GLY 110 110 110 GLY GLY A . n 
A 1 111 GLN 111 111 111 GLN GLN A . n 
A 1 112 ASP 112 112 112 ASP ASP A . n 
A 1 113 ARG 113 113 113 ARG ARG A . n 
A 1 114 ARG 114 114 114 ARG ARG A . n 
A 1 115 PHE 115 115 115 PHE PHE A . n 
A 1 116 ILE 116 116 116 ILE ILE A . n 
A 1 117 ASN 117 117 117 ASN ASN A . n 
A 1 118 LYS 118 118 118 LYS LYS A . n 
A 1 119 TYR 119 119 119 TYR TYR A . n 
A 1 120 MET 120 120 120 MET MET A . n 
A 1 121 PRO 121 121 121 PRO PRO A . n 
A 1 122 ASP 122 122 122 ASP ASP A . n 
A 1 123 PHE 123 123 123 PHE PHE A . n 
A 1 124 GLU 124 124 124 GLU GLU A . n 
A 1 125 ASP 125 125 125 ASP ASP A . n 
A 1 126 HIS 126 126 126 HIS HIS A . n 
A 1 127 PHE 127 127 127 PHE PHE A . n 
A 1 128 HIS 128 128 128 HIS HIS A . n 
A 1 129 TYR 129 129 129 TYR TYR A . n 
A 1 130 ARG 130 130 130 ARG ARG A . n 
A 1 131 ASN 131 131 131 ASN ASN A . n 
A 1 132 LEU 132 132 132 LEU LEU A . n 
A 1 133 ASP 133 133 133 ASP ASP A . n 
A 1 134 VAL 134 134 134 VAL VAL A . n 
A 1 135 SER 135 135 135 SER SER A . n 
A 1 136 THR 136 136 136 THR THR A . n 
A 1 137 ILE 137 137 137 ILE ILE A . n 
A 1 138 LYS 138 138 138 LYS LYS A . n 
A 1 139 GLU 139 139 139 GLU GLU A . n 
A 1 140 LEU 140 140 140 LEU LEU A . n 
A 1 141 ALA 141 141 141 ALA ALA A . n 
A 1 142 LYS 142 142 142 LYS LYS A . n 
A 1 143 ARG 143 143 143 ARG ARG A . n 
A 1 144 TRP 144 144 144 TRP TRP A . n 
A 1 145 LYS 145 145 145 LYS LYS A . n 
A 1 146 PRO 146 146 146 PRO PRO A . n 
A 1 147 GLU 147 147 147 GLU GLU A . n 
A 1 148 VAL 148 148 148 VAL VAL A . n 
A 1 149 LEU 149 149 149 LEU LEU A . n 
A 1 150 GLU 150 150 150 GLU GLU A . n 
A 1 151 SER 151 151 151 SER SER A . n 
A 1 152 VAL 152 152 152 VAL VAL A . n 
A 1 153 VAL 153 153 153 VAL VAL A . n 
A 1 154 LYS 154 154 154 LYS LYS A . n 
A 1 155 THR 155 155 155 THR THR A . n 
A 1 156 GLY 156 156 156 GLY GLY A . n 
A 1 157 ALA 157 157 157 ALA ALA A . n 
A 1 158 HIS 158 158 158 HIS HIS A . n 
A 1 159 LEU 159 159 159 LEU LEU A . n 
A 1 160 ALA 160 160 160 ALA ALA A . n 
A 1 161 LEU 161 161 161 LEU LEU A . n 
A 1 162 ASP 162 162 162 ASP ASP A . n 
A 1 163 ASP 163 163 163 ASP ASP A . n 
A 1 164 ILE 164 164 164 ILE ILE A . n 
A 1 165 LYS 165 165 165 LYS LYS A . n 
A 1 166 GLU 166 166 166 GLU GLU A . n 
A 1 167 SER 167 167 167 SER SER A . n 
A 1 168 ILE 168 168 168 ILE ILE A . n 
A 1 169 ALA 169 169 169 ALA ALA A . n 
A 1 170 GLU 170 170 170 GLU GLU A . n 
A 1 171 LEU 171 171 171 LEU LEU A . n 
A 1 172 LYS 172 172 172 LYS LYS A . n 
A 1 173 VAL 173 173 173 VAL VAL A . n 
A 1 174 TYR 174 174 174 TYR TYR A . n 
A 1 175 ARG 175 175 175 ARG ARG A . n 
A 1 176 GLU 176 176 176 GLU GLU A . n 
A 1 177 LEU 177 177 177 LEU LEU A . n 
A 1 178 PHE 178 178 178 PHE PHE A . n 
A 1 179 PHE 179 179 179 PHE PHE A . n 
A 1 180 LYS 180 180 180 LYS LYS A . n 
A 1 181 LEU 181 181 181 LEU LEU A . n 
# 
loop_
_pdbx_nonpoly_scheme.asym_id 
_pdbx_nonpoly_scheme.entity_id 
_pdbx_nonpoly_scheme.mon_id 
_pdbx_nonpoly_scheme.ndb_seq_num 
_pdbx_nonpoly_scheme.pdb_seq_num 
_pdbx_nonpoly_scheme.auth_seq_num 
_pdbx_nonpoly_scheme.pdb_mon_id 
_pdbx_nonpoly_scheme.auth_mon_id 
_pdbx_nonpoly_scheme.pdb_strand_id 
_pdbx_nonpoly_scheme.pdb_ins_code 
B 2 MG  1  201 1  MG  MG  A . 
C 3 HOH 1  301 5  HOH HOH A . 
C 3 HOH 2  302 4  HOH HOH A . 
C 3 HOH 3  303 22 HOH HOH A . 
C 3 HOH 4  304 11 HOH HOH A . 
C 3 HOH 5  305 1  HOH HOH A . 
C 3 HOH 6  306 2  HOH HOH A . 
C 3 HOH 7  307 18 HOH HOH A . 
C 3 HOH 8  308 6  HOH HOH A . 
C 3 HOH 9  309 8  HOH HOH A . 
C 3 HOH 10 310 17 HOH HOH A . 
C 3 HOH 11 311 15 HOH HOH A . 
C 3 HOH 12 312 13 HOH HOH A . 
C 3 HOH 13 313 12 HOH HOH A . 
C 3 HOH 14 314 14 HOH HOH A . 
C 3 HOH 15 315 20 HOH HOH A . 
C 3 HOH 16 316 7  HOH HOH A . 
C 3 HOH 17 317 21 HOH HOH A . 
C 3 HOH 18 318 23 HOH HOH A . 
C 3 HOH 19 319 19 HOH HOH A . 
C 3 HOH 20 320 10 HOH HOH A . 
C 3 HOH 21 321 3  HOH HOH A . 
C 3 HOH 22 322 16 HOH HOH A . 
C 3 HOH 23 323 9  HOH HOH A . 
# 
loop_
_software.citation_id 
_software.classification 
_software.compiler_name 
_software.compiler_version 
_software.contact_author 
_software.contact_author_email 
_software.date 
_software.description 
_software.dependencies 
_software.hardware 
_software.language 
_software.location 
_software.mods 
_software.name 
_software.os 
_software.os_version 
_software.type 
_software.version 
_software.pdbx_ordinal 
? refinement        ? ? ? ? ? ? ? ? ? ? ? PHENIX   ? ? ? 1.14_3260 1 
? 'data collection' ? ? ? ? ? ? ? ? ? ? ? MxDC     ? ? ? .         2 
? 'data scaling'    ? ? ? ? ? ? ? ? ? ? ? HKL-2000 ? ? ? .         3 
? 'data reduction'  ? ? ? ? ? ? ? ? ? ? ? HKL-2000 ? ? ? .         4 
# 
_cell.angle_alpha                  90.00 
_cell.angle_alpha_esd              ? 
_cell.angle_beta                   90.00 
_cell.angle_beta_esd               ? 
_cell.angle_gamma                  90.00 
_cell.angle_gamma_esd              ? 
_cell.entry_id                     6A4A 
_cell.details                      ? 
_cell.formula_units_Z              ? 
_cell.length_a                     53.112 
_cell.length_a_esd                 ? 
_cell.length_b                     53.112 
_cell.length_b_esd                 ? 
_cell.length_c                     143.338 
_cell.length_c_esd                 ? 
_cell.volume                       ? 
_cell.volume_esd                   ? 
_cell.Z_PDB                        8 
_cell.reciprocal_angle_alpha       ? 
_cell.reciprocal_angle_beta        ? 
_cell.reciprocal_angle_gamma       ? 
_cell.reciprocal_angle_alpha_esd   ? 
_cell.reciprocal_angle_beta_esd    ? 
_cell.reciprocal_angle_gamma_esd   ? 
_cell.reciprocal_length_a          ? 
_cell.reciprocal_length_b          ? 
_cell.reciprocal_length_c          ? 
_cell.reciprocal_length_a_esd      ? 
_cell.reciprocal_length_b_esd      ? 
_cell.reciprocal_length_c_esd      ? 
_cell.pdbx_unique_axis             ? 
# 
_symmetry.entry_id                         6A4A 
_symmetry.cell_setting                     ? 
_symmetry.Int_Tables_number                91 
_symmetry.space_group_name_Hall            ? 
_symmetry.space_group_name_H-M             'P 41 2 2' 
_symmetry.pdbx_full_space_group_name_H-M   ? 
# 
_exptl.absorpt_coefficient_mu     ? 
_exptl.absorpt_correction_T_max   ? 
_exptl.absorpt_correction_T_min   ? 
_exptl.absorpt_correction_type    ? 
_exptl.absorpt_process_details    ? 
_exptl.entry_id                   6A4A 
_exptl.crystals_number            1 
_exptl.details                    ? 
_exptl.method                     'X-RAY DIFFRACTION' 
_exptl.method_details             ? 
# 
_exptl_crystal.colour                      ? 
_exptl_crystal.density_diffrn              ? 
_exptl_crystal.density_Matthews            2.45 
_exptl_crystal.density_method              ? 
_exptl_crystal.density_percent_sol         49.81 
_exptl_crystal.description                 ? 
_exptl_crystal.F_000                       ? 
_exptl_crystal.id                          1 
_exptl_crystal.preparation                 ? 
_exptl_crystal.size_max                    ? 
_exptl_crystal.size_mid                    ? 
_exptl_crystal.size_min                    ? 
_exptl_crystal.size_rad                    ? 
_exptl_crystal.colour_lustre               ? 
_exptl_crystal.colour_modifier             ? 
_exptl_crystal.colour_primary              ? 
_exptl_crystal.density_meas                ? 
_exptl_crystal.density_meas_esd            ? 
_exptl_crystal.density_meas_gt             ? 
_exptl_crystal.density_meas_lt             ? 
_exptl_crystal.density_meas_temp           ? 
_exptl_crystal.density_meas_temp_esd       ? 
_exptl_crystal.density_meas_temp_gt        ? 
_exptl_crystal.density_meas_temp_lt        ? 
_exptl_crystal.pdbx_crystal_image_url      ? 
_exptl_crystal.pdbx_crystal_image_format   ? 
_exptl_crystal.pdbx_mosaicity              ? 
_exptl_crystal.pdbx_mosaicity_esd          ? 
# 
_exptl_crystal_grow.apparatus       ? 
_exptl_crystal_grow.atmosphere      ? 
_exptl_crystal_grow.crystal_id      1 
_exptl_crystal_grow.details         ? 
_exptl_crystal_grow.method          'VAPOR DIFFUSION, HANGING DROP' 
_exptl_crystal_grow.method_ref      ? 
_exptl_crystal_grow.pH              ? 
_exptl_crystal_grow.pressure        ? 
_exptl_crystal_grow.pressure_esd    ? 
_exptl_crystal_grow.seeding         ? 
_exptl_crystal_grow.seeding_ref     ? 
_exptl_crystal_grow.temp            293 
_exptl_crystal_grow.temp_details    ? 
_exptl_crystal_grow.temp_esd        ? 
_exptl_crystal_grow.time            ? 
_exptl_crystal_grow.pdbx_details    '15% (w/v) PEG 3350, 0.1 M magnesium formate' 
_exptl_crystal_grow.pdbx_pH_range   ? 
# 
_diffrn.ambient_environment              ? 
_diffrn.ambient_temp                     200 
_diffrn.ambient_temp_details             ? 
_diffrn.ambient_temp_esd                 ? 
_diffrn.crystal_id                       1 
_diffrn.crystal_support                  ? 
_diffrn.crystal_treatment                ? 
_diffrn.details                          ? 
_diffrn.id                               1 
_diffrn.ambient_pressure                 ? 
_diffrn.ambient_pressure_esd             ? 
_diffrn.ambient_pressure_gt              ? 
_diffrn.ambient_pressure_lt              ? 
_diffrn.ambient_temp_gt                  ? 
_diffrn.ambient_temp_lt                  ? 
_diffrn.pdbx_serial_crystal_experiment   N 
# 
_diffrn_detector.details                      ? 
_diffrn_detector.detector                     CCD 
_diffrn_detector.diffrn_id                    1 
_diffrn_detector.type                         'ADSC QUANTUM 315r' 
_diffrn_detector.area_resol_mean              ? 
_diffrn_detector.dtime                        ? 
_diffrn_detector.pdbx_frames_total            ? 
_diffrn_detector.pdbx_collection_time_total   ? 
_diffrn_detector.pdbx_collection_date         2016-06-13 
_diffrn_detector.pdbx_frequency               ? 
# 
_diffrn_radiation.collimation                      ? 
_diffrn_radiation.diffrn_id                        1 
_diffrn_radiation.filter_edge                      ? 
_diffrn_radiation.inhomogeneity                    ? 
_diffrn_radiation.monochromator                    ? 
_diffrn_radiation.polarisn_norm                    ? 
_diffrn_radiation.polarisn_ratio                   ? 
_diffrn_radiation.probe                            ? 
_diffrn_radiation.type                             ? 
_diffrn_radiation.xray_symbol                      ? 
_diffrn_radiation.wavelength_id                    1 
_diffrn_radiation.pdbx_monochromatic_or_laue_m_l   M 
_diffrn_radiation.pdbx_wavelength_list             ? 
_diffrn_radiation.pdbx_wavelength                  ? 
_diffrn_radiation.pdbx_diffrn_protocol             'SINGLE WAVELENGTH' 
_diffrn_radiation.pdbx_analyzer                    ? 
_diffrn_radiation.pdbx_scattering_type             x-ray 
# 
_diffrn_radiation_wavelength.id           1 
_diffrn_radiation_wavelength.wavelength   0.9795 
_diffrn_radiation_wavelength.wt           1.0 
# 
_diffrn_source.current                     ? 
_diffrn_source.details                     ? 
_diffrn_source.diffrn_id                   1 
_diffrn_source.power                       ? 
_diffrn_source.size                        ? 
_diffrn_source.source                      SYNCHROTRON 
_diffrn_source.target                      ? 
_diffrn_source.type                        'PAL/PLS BEAMLINE 5C (4A)' 
_diffrn_source.voltage                     ? 
_diffrn_source.take-off_angle              ? 
_diffrn_source.pdbx_wavelength_list        0.9795 
_diffrn_source.pdbx_wavelength             ? 
_diffrn_source.pdbx_synchrotron_beamline   '5C (4A)' 
_diffrn_source.pdbx_synchrotron_site       PAL/PLS 
# 
_reflns.B_iso_Wilson_estimate            ? 
_reflns.entry_id                         6A4A 
_reflns.data_reduction_details           ? 
_reflns.data_reduction_method            ? 
_reflns.d_resolution_high                2.7 
_reflns.d_resolution_low                 53.11 
_reflns.details                          ? 
_reflns.limit_h_max                      ? 
_reflns.limit_h_min                      ? 
_reflns.limit_k_max                      ? 
_reflns.limit_k_min                      ? 
_reflns.limit_l_max                      ? 
_reflns.limit_l_min                      ? 
_reflns.number_all                       ? 
_reflns.number_obs                       6155 
_reflns.observed_criterion               ? 
_reflns.observed_criterion_F_max         ? 
_reflns.observed_criterion_F_min         ? 
_reflns.observed_criterion_I_max         ? 
_reflns.observed_criterion_I_min         ? 
_reflns.observed_criterion_sigma_F       ? 
_reflns.observed_criterion_sigma_I       ? 
_reflns.percent_possible_obs             99.8 
_reflns.R_free_details                   ? 
_reflns.Rmerge_F_all                     ? 
_reflns.Rmerge_F_obs                     ? 
_reflns.Friedel_coverage                 ? 
_reflns.number_gt                        ? 
_reflns.threshold_expression             ? 
_reflns.pdbx_redundancy                  22.7 
_reflns.pdbx_Rmerge_I_obs                ? 
_reflns.pdbx_Rmerge_I_all                ? 
_reflns.pdbx_Rsym_value                  ? 
_reflns.pdbx_netI_over_av_sigmaI         ? 
_reflns.pdbx_netI_over_sigmaI            56.6 
_reflns.pdbx_res_netI_over_av_sigmaI_2   ? 
_reflns.pdbx_res_netI_over_sigmaI_2      ? 
_reflns.pdbx_chi_squared                 ? 
_reflns.pdbx_scaling_rejects             ? 
_reflns.pdbx_d_res_high_opt              ? 
_reflns.pdbx_d_res_low_opt               ? 
_reflns.pdbx_d_res_opt_method            ? 
_reflns.phase_calculation_details        ? 
_reflns.pdbx_Rrim_I_all                  ? 
_reflns.pdbx_Rpim_I_all                  ? 
_reflns.pdbx_d_opt                       ? 
_reflns.pdbx_number_measured_all         ? 
_reflns.pdbx_diffrn_id                   1 
_reflns.pdbx_ordinal                     1 
_reflns.pdbx_CC_half                     ? 
_reflns.pdbx_R_split                     ? 
# 
_reflns_shell.d_res_high                  2.7 
_reflns_shell.d_res_low                   2.77 
_reflns_shell.meanI_over_sigI_all         ? 
_reflns_shell.meanI_over_sigI_obs         ? 
_reflns_shell.number_measured_all         ? 
_reflns_shell.number_measured_obs         ? 
_reflns_shell.number_possible             ? 
_reflns_shell.number_unique_all           ? 
_reflns_shell.number_unique_obs           ? 
_reflns_shell.percent_possible_all        ? 
_reflns_shell.percent_possible_obs        ? 
_reflns_shell.Rmerge_F_all                ? 
_reflns_shell.Rmerge_F_obs                ? 
_reflns_shell.Rmerge_I_all                ? 
_reflns_shell.Rmerge_I_obs                ? 
_reflns_shell.meanI_over_sigI_gt          ? 
_reflns_shell.meanI_over_uI_all           ? 
_reflns_shell.meanI_over_uI_gt            ? 
_reflns_shell.number_measured_gt          ? 
_reflns_shell.number_unique_gt            ? 
_reflns_shell.percent_possible_gt         ? 
_reflns_shell.Rmerge_F_gt                 ? 
_reflns_shell.Rmerge_I_gt                 ? 
_reflns_shell.pdbx_redundancy             ? 
_reflns_shell.pdbx_Rsym_value             ? 
_reflns_shell.pdbx_chi_squared            ? 
_reflns_shell.pdbx_netI_over_sigmaI_all   ? 
_reflns_shell.pdbx_netI_over_sigmaI_obs   ? 
_reflns_shell.pdbx_Rrim_I_all             ? 
_reflns_shell.pdbx_Rpim_I_all             ? 
_reflns_shell.pdbx_rejects                ? 
_reflns_shell.pdbx_ordinal                1 
_reflns_shell.pdbx_diffrn_id              1 
_reflns_shell.pdbx_CC_half                ? 
_reflns_shell.pdbx_R_split                ? 
# 
_refine.aniso_B[1][1]                            ? 
_refine.aniso_B[1][2]                            ? 
_refine.aniso_B[1][3]                            ? 
_refine.aniso_B[2][2]                            ? 
_refine.aniso_B[2][3]                            ? 
_refine.aniso_B[3][3]                            ? 
_refine.B_iso_max                                ? 
_refine.B_iso_mean                               ? 
_refine.B_iso_min                                ? 
_refine.correlation_coeff_Fo_to_Fc               ? 
_refine.correlation_coeff_Fo_to_Fc_free          ? 
_refine.details                                  ? 
_refine.diff_density_max                         ? 
_refine.diff_density_max_esd                     ? 
_refine.diff_density_min                         ? 
_refine.diff_density_min_esd                     ? 
_refine.diff_density_rms                         ? 
_refine.diff_density_rms_esd                     ? 
_refine.entry_id                                 6A4A 
_refine.pdbx_refine_id                           'X-RAY DIFFRACTION' 
_refine.ls_abs_structure_details                 ? 
_refine.ls_abs_structure_Flack                   ? 
_refine.ls_abs_structure_Flack_esd               ? 
_refine.ls_abs_structure_Rogers                  ? 
_refine.ls_abs_structure_Rogers_esd              ? 
_refine.ls_d_res_high                            2.700 
_refine.ls_d_res_low                             35.521 
_refine.ls_extinction_coef                       ? 
_refine.ls_extinction_coef_esd                   ? 
_refine.ls_extinction_expression                 ? 
_refine.ls_extinction_method                     ? 
_refine.ls_goodness_of_fit_all                   ? 
_refine.ls_goodness_of_fit_all_esd               ? 
_refine.ls_goodness_of_fit_obs                   ? 
_refine.ls_goodness_of_fit_obs_esd               ? 
_refine.ls_hydrogen_treatment                    ? 
_refine.ls_matrix_type                           ? 
_refine.ls_number_constraints                    ? 
_refine.ls_number_parameters                     ? 
_refine.ls_number_reflns_all                     ? 
_refine.ls_number_reflns_obs                     6088 
_refine.ls_number_reflns_R_free                  303 
_refine.ls_number_reflns_R_work                  ? 
_refine.ls_number_restraints                     ? 
_refine.ls_percent_reflns_obs                    99.35 
_refine.ls_percent_reflns_R_free                 4.98 
_refine.ls_R_factor_all                          ? 
_refine.ls_R_factor_obs                          0.2575 
_refine.ls_R_factor_R_free                       0.2974 
_refine.ls_R_factor_R_free_error                 ? 
_refine.ls_R_factor_R_free_error_details         ? 
_refine.ls_R_factor_R_work                       0.2549 
_refine.ls_R_Fsqd_factor_obs                     ? 
_refine.ls_R_I_factor_obs                        ? 
_refine.ls_redundancy_reflns_all                 ? 
_refine.ls_redundancy_reflns_obs                 ? 
_refine.ls_restrained_S_all                      ? 
_refine.ls_restrained_S_obs                      ? 
_refine.ls_shift_over_esd_max                    ? 
_refine.ls_shift_over_esd_mean                   ? 
_refine.ls_structure_factor_coef                 ? 
_refine.ls_weighting_details                     ? 
_refine.ls_weighting_scheme                      ? 
_refine.ls_wR_factor_all                         ? 
_refine.ls_wR_factor_obs                         ? 
_refine.ls_wR_factor_R_free                      ? 
_refine.ls_wR_factor_R_work                      ? 
_refine.occupancy_max                            ? 
_refine.occupancy_min                            ? 
_refine.solvent_model_details                    'FLAT BULK SOLVENT MODEL' 
_refine.solvent_model_param_bsol                 ? 
_refine.solvent_model_param_ksol                 ? 
_refine.ls_R_factor_gt                           ? 
_refine.ls_goodness_of_fit_gt                    ? 
_refine.ls_goodness_of_fit_ref                   ? 
_refine.ls_shift_over_su_max                     ? 
_refine.ls_shift_over_su_max_lt                  ? 
_refine.ls_shift_over_su_mean                    ? 
_refine.ls_shift_over_su_mean_lt                 ? 
_refine.pdbx_ls_sigma_I                          ? 
_refine.pdbx_ls_sigma_F                          1.35 
_refine.pdbx_ls_sigma_Fsqd                       ? 
_refine.pdbx_data_cutoff_high_absF               ? 
_refine.pdbx_data_cutoff_high_rms_absF           ? 
_refine.pdbx_data_cutoff_low_absF                ? 
_refine.pdbx_isotropic_thermal_model             ? 
_refine.pdbx_ls_cross_valid_method               THROUGHOUT 
_refine.pdbx_method_to_determine_struct          ? 
_refine.pdbx_starting_model                      ? 
_refine.pdbx_stereochemistry_target_values       ML 
_refine.pdbx_R_Free_selection_details            RANDOM 
_refine.pdbx_stereochem_target_val_spec_case     ? 
_refine.pdbx_overall_ESU_R                       ? 
_refine.pdbx_overall_ESU_R_Free                  ? 
_refine.pdbx_solvent_vdw_probe_radii             1.11 
_refine.pdbx_solvent_ion_probe_radii             ? 
_refine.pdbx_solvent_shrinkage_radii             0.90 
_refine.pdbx_real_space_R                        ? 
_refine.pdbx_density_correlation                 ? 
_refine.pdbx_pd_number_of_powder_patterns        ? 
_refine.pdbx_pd_number_of_points                 ? 
_refine.pdbx_pd_meas_number_of_points            ? 
_refine.pdbx_pd_proc_ls_prof_R_factor            ? 
_refine.pdbx_pd_proc_ls_prof_wR_factor           ? 
_refine.pdbx_pd_Marquardt_correlation_coeff      ? 
_refine.pdbx_pd_Fsqrd_R_factor                   ? 
_refine.pdbx_pd_ls_matrix_band_width             ? 
_refine.pdbx_overall_phase_error                 40.33 
_refine.pdbx_overall_SU_R_free_Cruickshank_DPI   ? 
_refine.pdbx_overall_SU_R_free_Blow_DPI          ? 
_refine.pdbx_overall_SU_R_Blow_DPI               ? 
_refine.pdbx_TLS_residual_ADP_flag               ? 
_refine.pdbx_diffrn_id                           1 
_refine.overall_SU_B                             ? 
_refine.overall_SU_ML                            0.19 
_refine.overall_SU_R_Cruickshank_DPI             ? 
_refine.overall_SU_R_free                        ? 
_refine.overall_FOM_free_R_set                   ? 
_refine.overall_FOM_work_R_set                   ? 
_refine.pdbx_average_fsc_overall                 ? 
_refine.pdbx_average_fsc_work                    ? 
_refine.pdbx_average_fsc_free                    ? 
# 
_refine_hist.pdbx_refine_id                   'X-RAY DIFFRACTION' 
_refine_hist.cycle_id                         LAST 
_refine_hist.pdbx_number_atoms_protein        1439 
_refine_hist.pdbx_number_atoms_nucleic_acid   0 
_refine_hist.pdbx_number_atoms_ligand         1 
_refine_hist.number_atoms_solvent             23 
_refine_hist.number_atoms_total               1463 
_refine_hist.d_res_high                       2.700 
_refine_hist.d_res_low                        35.521 
# 
loop_
_refine_ls_restr.pdbx_refine_id 
_refine_ls_restr.criterion 
_refine_ls_restr.dev_ideal 
_refine_ls_restr.dev_ideal_target 
_refine_ls_restr.number 
_refine_ls_restr.rejects 
_refine_ls_restr.type 
_refine_ls_restr.weight 
_refine_ls_restr.pdbx_restraint_function 
'X-RAY DIFFRACTION' ? 0.010  ? 1469 ? f_bond_d           ? ? 
'X-RAY DIFFRACTION' ? 1.129  ? 1990 ? f_angle_d          ? ? 
'X-RAY DIFFRACTION' ? 11.631 ? 887  ? f_dihedral_angle_d ? ? 
'X-RAY DIFFRACTION' ? 0.059  ? 223  ? f_chiral_restr     ? ? 
'X-RAY DIFFRACTION' ? 0.006  ? 257  ? f_plane_restr      ? ? 
# 
loop_
_refine_ls_shell.pdbx_refine_id 
_refine_ls_shell.d_res_high 
_refine_ls_shell.d_res_low 
_refine_ls_shell.number_reflns_all 
_refine_ls_shell.number_reflns_obs 
_refine_ls_shell.number_reflns_R_free 
_refine_ls_shell.number_reflns_R_work 
_refine_ls_shell.percent_reflns_obs 
_refine_ls_shell.percent_reflns_R_free 
_refine_ls_shell.R_factor_all 
_refine_ls_shell.R_factor_obs 
_refine_ls_shell.R_factor_R_free 
_refine_ls_shell.R_factor_R_free_error 
_refine_ls_shell.R_factor_R_work 
_refine_ls_shell.redundancy_reflns_all 
_refine_ls_shell.redundancy_reflns_obs 
_refine_ls_shell.wR_factor_all 
_refine_ls_shell.wR_factor_obs 
_refine_ls_shell.wR_factor_R_free 
_refine_ls_shell.wR_factor_R_work 
_refine_ls_shell.pdbx_total_number_of_bins_used 
_refine_ls_shell.pdbx_phase_error 
_refine_ls_shell.pdbx_fsc_work 
_refine_ls_shell.pdbx_fsc_free 
'X-RAY DIFFRACTION' 2.7001 3.4015  . . 131 2818 99.00 . . . 0.3942 . 0.2990 . . . . . . . . . . 
'X-RAY DIFFRACTION' 3.4015 35.5243 . . 172 2967 99.00 . . . 0.2790 . 0.2444 . . . . . . . . . . 
# 
_struct.entry_id                     6A4A 
_struct.title                        'Oligoribonuclease (ORN) from Colwellia psychrerythraea strain 34H' 
_struct.pdbx_model_details           ? 
_struct.pdbx_formula_weight          ? 
_struct.pdbx_formula_weight_method   ? 
_struct.pdbx_model_type_details      ? 
_struct.pdbx_CASP_flag               N 
# 
_struct_keywords.entry_id        6A4A 
_struct_keywords.text            'Oligoribonuclease, Exonuclease, Colwellia psychrerythraea strain 34H, HYDROLASE' 
_struct_keywords.pdbx_keywords   HYDROLASE 
# 
loop_
_struct_asym.id 
_struct_asym.pdbx_blank_PDB_chainid_flag 
_struct_asym.pdbx_modified 
_struct_asym.entity_id 
_struct_asym.details 
A N N 1 ? 
B N N 2 ? 
C N N 3 ? 
# 
_struct_ref.id                         1 
_struct_ref.db_name                    UNP 
_struct_ref.db_code                    ORN_COLP3 
_struct_ref.pdbx_db_accession          Q47VZ4 
_struct_ref.pdbx_db_isoform            ? 
_struct_ref.entity_id                  1 
_struct_ref.pdbx_seq_one_letter_code   
;MAGNDSNLIWLDLEMTGLEPVEDVILEIAIIITDSELNILAQGPIFAISQTDDVLDNMNPWCIEHHGKSGLTQRCRDSEV
SLAHATKESLAFVQEWVPQGKSPMCGNSIGQDRRFINKYMPDFEDHFHYRNLDVSTIKELAKRWKPEVLESVVKTGAHLA
LDDIKESIAELKVYRELFFKL
;
_struct_ref.pdbx_align_begin           1 
# 
_struct_ref_seq.align_id                      1 
_struct_ref_seq.ref_id                        1 
_struct_ref_seq.pdbx_PDB_id_code              6A4A 
_struct_ref_seq.pdbx_strand_id                A 
_struct_ref_seq.seq_align_beg                 1 
_struct_ref_seq.pdbx_seq_align_beg_ins_code   ? 
_struct_ref_seq.seq_align_end                 181 
_struct_ref_seq.pdbx_seq_align_end_ins_code   ? 
_struct_ref_seq.pdbx_db_accession             Q47VZ4 
_struct_ref_seq.db_align_beg                  1 
_struct_ref_seq.pdbx_db_align_beg_ins_code    ? 
_struct_ref_seq.db_align_end                  181 
_struct_ref_seq.pdbx_db_align_end_ins_code    ? 
_struct_ref_seq.pdbx_auth_seq_align_beg       1 
_struct_ref_seq.pdbx_auth_seq_align_end       181 
# 
_pdbx_struct_assembly.id                   1 
_pdbx_struct_assembly.details              author_and_software_defined_assembly 
_pdbx_struct_assembly.method_details       PISA 
_pdbx_struct_assembly.oligomeric_details   dimeric 
_pdbx_struct_assembly.oligomeric_count     2 
# 
loop_
_pdbx_struct_assembly_prop.biol_id 
_pdbx_struct_assembly_prop.type 
_pdbx_struct_assembly_prop.value 
_pdbx_struct_assembly_prop.details 
1 'ABSA (A^2)' 3230  ? 
1 MORE         -16   ? 
1 'SSA (A^2)'  16590 ? 
# 
_pdbx_struct_assembly_gen.assembly_id       1 
_pdbx_struct_assembly_gen.oper_expression   1,2 
_pdbx_struct_assembly_gen.asym_id_list      A,B,C 
# 
_pdbx_struct_assembly_auth_evidence.id                     1 
_pdbx_struct_assembly_auth_evidence.assembly_id            1 
_pdbx_struct_assembly_auth_evidence.experimental_support   'gel filtration' 
_pdbx_struct_assembly_auth_evidence.details                ? 
# 
loop_
_pdbx_struct_oper_list.id 
_pdbx_struct_oper_list.type 
_pdbx_struct_oper_list.name 
_pdbx_struct_oper_list.symmetry_operation 
_pdbx_struct_oper_list.matrix[1][1] 
_pdbx_struct_oper_list.matrix[1][2] 
_pdbx_struct_oper_list.matrix[1][3] 
_pdbx_struct_oper_list.vector[1] 
_pdbx_struct_oper_list.matrix[2][1] 
_pdbx_struct_oper_list.matrix[2][2] 
_pdbx_struct_oper_list.matrix[2][3] 
_pdbx_struct_oper_list.vector[2] 
_pdbx_struct_oper_list.matrix[3][1] 
_pdbx_struct_oper_list.matrix[3][2] 
_pdbx_struct_oper_list.matrix[3][3] 
_pdbx_struct_oper_list.vector[3] 
1 'identity operation'         1_555 x,y,z   1.0000000000  0.0000000000  0.0000000000  0.0000000000  0.0000000000  1.0000000000 0.0000000000 0.0000000000  0.0000000000  0.0000000000 1.0000000000  0.0000000000   
2 'crystal symmetry operation' 5_555 -x,y,-z -0.8711367118 -0.4028739233 -0.2807372995 -1.3516951831 -0.4028739233 0.2595317121 0.8776878103 14.1266970477 -0.2807372995 0.8776878103 -0.3883950003 -20.8930617986 
# 
loop_
_struct_conf.conf_type_id 
_struct_conf.id 
_struct_conf.pdbx_PDB_helix_id 
_struct_conf.beg_label_comp_id 
_struct_conf.beg_label_asym_id 
_struct_conf.beg_label_seq_id 
_struct_conf.pdbx_beg_PDB_ins_code 
_struct_conf.end_label_comp_id 
_struct_conf.end_label_asym_id 
_struct_conf.end_label_seq_id 
_struct_conf.pdbx_end_PDB_ins_code 
_struct_conf.beg_auth_comp_id 
_struct_conf.beg_auth_asym_id 
_struct_conf.beg_auth_seq_id 
_struct_conf.end_auth_comp_id 
_struct_conf.end_auth_asym_id 
_struct_conf.end_auth_seq_id 
_struct_conf.pdbx_PDB_helix_class 
_struct_conf.details 
_struct_conf.pdbx_PDB_helix_length 
HELX_P HELX_P1 AA1 THR A 51  ? ASN A 57  ? THR A 51  ASN A 57  1 ? 7  
HELX_P HELX_P2 AA2 TRP A 61  ? GLY A 70  ? TRP A 61  GLY A 70  1 ? 10 
HELX_P HELX_P3 AA3 GLY A 70  ? ASP A 77  ? GLY A 70  ASP A 77  1 ? 8  
HELX_P HELX_P4 AA4 SER A 81  ? GLU A 95  ? SER A 81  GLU A 95  1 ? 15 
HELX_P HELX_P5 AA5 ILE A 109 ? MET A 120 ? ILE A 109 MET A 120 1 ? 12 
HELX_P HELX_P6 AA6 MET A 120 ? ASP A 125 ? MET A 120 ASP A 125 1 ? 6  
HELX_P HELX_P7 AA7 VAL A 134 ? LYS A 145 ? VAL A 134 LYS A 145 1 ? 12 
HELX_P HELX_P8 AA8 PRO A 146 ? VAL A 152 ? PRO A 146 VAL A 152 5 ? 7  
HELX_P HELX_P9 AA9 LEU A 159 ? PHE A 179 ? LEU A 159 PHE A 179 1 ? 21 
# 
_struct_conf_type.id          HELX_P 
_struct_conf_type.criteria    ? 
_struct_conf_type.reference   ? 
# 
_struct_conn.id                            metalc1 
_struct_conn.conn_type_id                  metalc 
_struct_conn.pdbx_leaving_atom_flag        ? 
_struct_conn.pdbx_PDB_id                   ? 
_struct_conn.ptnr1_label_asym_id           A 
_struct_conn.ptnr1_label_comp_id           ASP 
_struct_conn.ptnr1_label_seq_id            12 
_struct_conn.ptnr1_label_atom_id           OD1 
_struct_conn.pdbx_ptnr1_label_alt_id       ? 
_struct_conn.pdbx_ptnr1_PDB_ins_code       ? 
_struct_conn.pdbx_ptnr1_standard_comp_id   ? 
_struct_conn.ptnr1_symmetry                1_555 
_struct_conn.ptnr2_label_asym_id           B 
_struct_conn.ptnr2_label_comp_id           MG 
_struct_conn.ptnr2_label_seq_id            . 
_struct_conn.ptnr2_label_atom_id           MG 
_struct_conn.pdbx_ptnr2_label_alt_id       ? 
_struct_conn.pdbx_ptnr2_PDB_ins_code       ? 
_struct_conn.ptnr1_auth_asym_id            A 
_struct_conn.ptnr1_auth_comp_id            ASP 
_struct_conn.ptnr1_auth_seq_id             12 
_struct_conn.ptnr2_auth_asym_id            A 
_struct_conn.ptnr2_auth_comp_id            MG 
_struct_conn.ptnr2_auth_seq_id             201 
_struct_conn.ptnr2_symmetry                1_555 
_struct_conn.pdbx_ptnr3_label_atom_id      ? 
_struct_conn.pdbx_ptnr3_label_seq_id       ? 
_struct_conn.pdbx_ptnr3_label_comp_id      ? 
_struct_conn.pdbx_ptnr3_label_asym_id      ? 
_struct_conn.pdbx_ptnr3_label_alt_id       ? 
_struct_conn.pdbx_ptnr3_PDB_ins_code       ? 
_struct_conn.details                       ? 
_struct_conn.pdbx_dist_value               2.154 
_struct_conn.pdbx_value_order              ? 
_struct_conn.pdbx_role                     ? 
# 
_struct_conn_type.id          metalc 
_struct_conn_type.criteria    ? 
_struct_conn_type.reference   ? 
# 
_struct_sheet.id               AA1 
_struct_sheet.type             ? 
_struct_sheet.number_strands   5 
_struct_sheet.details          ? 
# 
loop_
_struct_sheet_order.sheet_id 
_struct_sheet_order.range_id_1 
_struct_sheet_order.range_id_2 
_struct_sheet_order.offset 
_struct_sheet_order.sense 
AA1 1 2 ? anti-parallel 
AA1 2 3 ? anti-parallel 
AA1 3 4 ? parallel      
AA1 4 5 ? parallel      
# 
loop_
_struct_sheet_range.sheet_id 
_struct_sheet_range.id 
_struct_sheet_range.beg_label_comp_id 
_struct_sheet_range.beg_label_asym_id 
_struct_sheet_range.beg_label_seq_id 
_struct_sheet_range.pdbx_beg_PDB_ins_code 
_struct_sheet_range.end_label_comp_id 
_struct_sheet_range.end_label_asym_id 
_struct_sheet_range.end_label_seq_id 
_struct_sheet_range.pdbx_end_PDB_ins_code 
_struct_sheet_range.beg_auth_comp_id 
_struct_sheet_range.beg_auth_asym_id 
_struct_sheet_range.beg_auth_seq_id 
_struct_sheet_range.end_auth_comp_id 
_struct_sheet_range.end_auth_asym_id 
_struct_sheet_range.end_auth_seq_id 
AA1 1 ILE A 39  ? ALA A 47  ? ILE A 39  ALA A 47  
AA1 2 ILE A 25  ? THR A 33  ? ILE A 25  THR A 33  
AA1 3 LEU A 8   ? MET A 15  ? LEU A 8   MET A 15  
AA1 4 MET A 104 ? GLY A 106 ? MET A 104 GLY A 106 
AA1 5 ASN A 131 ? ASP A 133 ? ASN A 131 ASP A 133 
# 
loop_
_pdbx_struct_sheet_hbond.sheet_id 
_pdbx_struct_sheet_hbond.range_id_1 
_pdbx_struct_sheet_hbond.range_id_2 
_pdbx_struct_sheet_hbond.range_1_label_atom_id 
_pdbx_struct_sheet_hbond.range_1_label_comp_id 
_pdbx_struct_sheet_hbond.range_1_label_asym_id 
_pdbx_struct_sheet_hbond.range_1_label_seq_id 
_pdbx_struct_sheet_hbond.range_1_PDB_ins_code 
_pdbx_struct_sheet_hbond.range_1_auth_atom_id 
_pdbx_struct_sheet_hbond.range_1_auth_comp_id 
_pdbx_struct_sheet_hbond.range_1_auth_asym_id 
_pdbx_struct_sheet_hbond.range_1_auth_seq_id 
_pdbx_struct_sheet_hbond.range_2_label_atom_id 
_pdbx_struct_sheet_hbond.range_2_label_comp_id 
_pdbx_struct_sheet_hbond.range_2_label_asym_id 
_pdbx_struct_sheet_hbond.range_2_label_seq_id 
_pdbx_struct_sheet_hbond.range_2_PDB_ins_code 
_pdbx_struct_sheet_hbond.range_2_auth_atom_id 
_pdbx_struct_sheet_hbond.range_2_auth_comp_id 
_pdbx_struct_sheet_hbond.range_2_auth_asym_id 
_pdbx_struct_sheet_hbond.range_2_auth_seq_id 
AA1 1 2 O LEU A 40  ? O LEU A 40  N ILE A 32  ? N ILE A 32  
AA1 2 3 O ILE A 31  ? O ILE A 31  N TRP A 10  ? N TRP A 10  
AA1 3 4 N ILE A 9   ? N ILE A 9   O CYS A 105 ? O CYS A 105 
AA1 4 5 N MET A 104 ? N MET A 104 O LEU A 132 ? O LEU A 132 
# 
_struct_site.id                   AC1 
_struct_site.pdbx_evidence_code   Software 
_struct_site.pdbx_auth_asym_id    A 
_struct_site.pdbx_auth_comp_id    MG 
_struct_site.pdbx_auth_seq_id     201 
_struct_site.pdbx_auth_ins_code   ? 
_struct_site.pdbx_num_residues    2 
_struct_site.details              'binding site for residue MG A 201' 
# 
loop_
_struct_site_gen.id 
_struct_site_gen.site_id 
_struct_site_gen.pdbx_num_res 
_struct_site_gen.label_comp_id 
_struct_site_gen.label_asym_id 
_struct_site_gen.label_seq_id 
_struct_site_gen.pdbx_auth_ins_code 
_struct_site_gen.auth_comp_id 
_struct_site_gen.auth_asym_id 
_struct_site_gen.auth_seq_id 
_struct_site_gen.label_atom_id 
_struct_site_gen.label_alt_id 
_struct_site_gen.symmetry 
_struct_site_gen.details 
1 AC1 2 ASP A 12 ? ASP A 12 . ? 1_555 ? 
2 AC1 2 LEU A 13 ? LEU A 13 . ? 1_555 ? 
# 
_pdbx_validate_rmsd_bond.id                        1 
_pdbx_validate_rmsd_bond.PDB_model_num             1 
_pdbx_validate_rmsd_bond.auth_atom_id_1            CB 
_pdbx_validate_rmsd_bond.auth_asym_id_1            A 
_pdbx_validate_rmsd_bond.auth_comp_id_1            GLU 
_pdbx_validate_rmsd_bond.auth_seq_id_1             139 
_pdbx_validate_rmsd_bond.PDB_ins_code_1            ? 
_pdbx_validate_rmsd_bond.label_alt_id_1            ? 
_pdbx_validate_rmsd_bond.auth_atom_id_2            CG 
_pdbx_validate_rmsd_bond.auth_asym_id_2            A 
_pdbx_validate_rmsd_bond.auth_comp_id_2            GLU 
_pdbx_validate_rmsd_bond.auth_seq_id_2             139 
_pdbx_validate_rmsd_bond.PDB_ins_code_2            ? 
_pdbx_validate_rmsd_bond.label_alt_id_2            ? 
_pdbx_validate_rmsd_bond.bond_value                1.641 
_pdbx_validate_rmsd_bond.bond_target_value         1.517 
_pdbx_validate_rmsd_bond.bond_deviation            0.124 
_pdbx_validate_rmsd_bond.bond_standard_deviation   0.019 
_pdbx_validate_rmsd_bond.linker_flag               N 
# 
loop_
_pdbx_validate_torsion.id 
_pdbx_validate_torsion.PDB_model_num 
_pdbx_validate_torsion.auth_comp_id 
_pdbx_validate_torsion.auth_asym_id 
_pdbx_validate_torsion.auth_seq_id 
_pdbx_validate_torsion.PDB_ins_code 
_pdbx_validate_torsion.label_alt_id 
_pdbx_validate_torsion.phi 
_pdbx_validate_torsion.psi 
1  1 ASP A 5   ? ? 60.37   -143.51 
2  1 SER A 6   ? ? -105.60 51.12   
3  1 MET A 58  ? ? -47.36  153.71  
4  1 PRO A 60  ? ? -67.12  -179.40 
5  1 TRP A 61  ? ? 69.81   -52.22  
6  1 GLN A 99  ? ? -39.62  140.98  
7  1 LYS A 138 ? ? -36.09  -37.83  
8  1 TRP A 144 ? ? -124.13 -59.25  
9  1 THR A 155 ? ? -169.20 -158.29 
10 1 ALA A 157 ? ? -161.87 65.60   
11 1 LYS A 180 ? ? -47.55  -71.64  
# 
_pdbx_unobs_or_zero_occ_residues.id               1 
_pdbx_unobs_or_zero_occ_residues.PDB_model_num    1 
_pdbx_unobs_or_zero_occ_residues.polymer_flag     Y 
_pdbx_unobs_or_zero_occ_residues.occupancy_flag   1 
_pdbx_unobs_or_zero_occ_residues.auth_asym_id     A 
_pdbx_unobs_or_zero_occ_residues.auth_comp_id     MET 
_pdbx_unobs_or_zero_occ_residues.auth_seq_id      1 
_pdbx_unobs_or_zero_occ_residues.PDB_ins_code     ? 
_pdbx_unobs_or_zero_occ_residues.label_asym_id    A 
_pdbx_unobs_or_zero_occ_residues.label_comp_id    MET 
_pdbx_unobs_or_zero_occ_residues.label_seq_id     1 
# 
loop_
_chem_comp_atom.comp_id 
_chem_comp_atom.atom_id 
_chem_comp_atom.type_symbol 
_chem_comp_atom.pdbx_aromatic_flag 
_chem_comp_atom.pdbx_stereo_config 
_chem_comp_atom.pdbx_ordinal 
ALA N    N  N N 1   
ALA CA   C  N S 2   
ALA C    C  N N 3   
ALA O    O  N N 4   
ALA CB   C  N N 5   
ALA OXT  O  N N 6   
ALA H    H  N N 7   
ALA H2   H  N N 8   
ALA HA   H  N N 9   
ALA HB1  H  N N 10  
ALA HB2  H  N N 11  
ALA HB3  H  N N 12  
ALA HXT  H  N N 13  
ARG N    N  N N 14  
ARG CA   C  N S 15  
ARG C    C  N N 16  
ARG O    O  N N 17  
ARG CB   C  N N 18  
ARG CG   C  N N 19  
ARG CD   C  N N 20  
ARG NE   N  N N 21  
ARG CZ   C  N N 22  
ARG NH1  N  N N 23  
ARG NH2  N  N N 24  
ARG OXT  O  N N 25  
ARG H    H  N N 26  
ARG H2   H  N N 27  
ARG HA   H  N N 28  
ARG HB2  H  N N 29  
ARG HB3  H  N N 30  
ARG HG2  H  N N 31  
ARG HG3  H  N N 32  
ARG HD2  H  N N 33  
ARG HD3  H  N N 34  
ARG HE   H  N N 35  
ARG HH11 H  N N 36  
ARG HH12 H  N N 37  
ARG HH21 H  N N 38  
ARG HH22 H  N N 39  
ARG HXT  H  N N 40  
ASN N    N  N N 41  
ASN CA   C  N S 42  
ASN C    C  N N 43  
ASN O    O  N N 44  
ASN CB   C  N N 45  
ASN CG   C  N N 46  
ASN OD1  O  N N 47  
ASN ND2  N  N N 48  
ASN OXT  O  N N 49  
ASN H    H  N N 50  
ASN H2   H  N N 51  
ASN HA   H  N N 52  
ASN HB2  H  N N 53  
ASN HB3  H  N N 54  
ASN HD21 H  N N 55  
ASN HD22 H  N N 56  
ASN HXT  H  N N 57  
ASP N    N  N N 58  
ASP CA   C  N S 59  
ASP C    C  N N 60  
ASP O    O  N N 61  
ASP CB   C  N N 62  
ASP CG   C  N N 63  
ASP OD1  O  N N 64  
ASP OD2  O  N N 65  
ASP OXT  O  N N 66  
ASP H    H  N N 67  
ASP H2   H  N N 68  
ASP HA   H  N N 69  
ASP HB2  H  N N 70  
ASP HB3  H  N N 71  
ASP HD2  H  N N 72  
ASP HXT  H  N N 73  
CYS N    N  N N 74  
CYS CA   C  N R 75  
CYS C    C  N N 76  
CYS O    O  N N 77  
CYS CB   C  N N 78  
CYS SG   S  N N 79  
CYS OXT  O  N N 80  
CYS H    H  N N 81  
CYS H2   H  N N 82  
CYS HA   H  N N 83  
CYS HB2  H  N N 84  
CYS HB3  H  N N 85  
CYS HG   H  N N 86  
CYS HXT  H  N N 87  
GLN N    N  N N 88  
GLN CA   C  N S 89  
GLN C    C  N N 90  
GLN O    O  N N 91  
GLN CB   C  N N 92  
GLN CG   C  N N 93  
GLN CD   C  N N 94  
GLN OE1  O  N N 95  
GLN NE2  N  N N 96  
GLN OXT  O  N N 97  
GLN H    H  N N 98  
GLN H2   H  N N 99  
GLN HA   H  N N 100 
GLN HB2  H  N N 101 
GLN HB3  H  N N 102 
GLN HG2  H  N N 103 
GLN HG3  H  N N 104 
GLN HE21 H  N N 105 
GLN HE22 H  N N 106 
GLN HXT  H  N N 107 
GLU N    N  N N 108 
GLU CA   C  N S 109 
GLU C    C  N N 110 
GLU O    O  N N 111 
GLU CB   C  N N 112 
GLU CG   C  N N 113 
GLU CD   C  N N 114 
GLU OE1  O  N N 115 
GLU OE2  O  N N 116 
GLU OXT  O  N N 117 
GLU H    H  N N 118 
GLU H2   H  N N 119 
GLU HA   H  N N 120 
GLU HB2  H  N N 121 
GLU HB3  H  N N 122 
GLU HG2  H  N N 123 
GLU HG3  H  N N 124 
GLU HE2  H  N N 125 
GLU HXT  H  N N 126 
GLY N    N  N N 127 
GLY CA   C  N N 128 
GLY C    C  N N 129 
GLY O    O  N N 130 
GLY OXT  O  N N 131 
GLY H    H  N N 132 
GLY H2   H  N N 133 
GLY HA2  H  N N 134 
GLY HA3  H  N N 135 
GLY HXT  H  N N 136 
HIS N    N  N N 137 
HIS CA   C  N S 138 
HIS C    C  N N 139 
HIS O    O  N N 140 
HIS CB   C  N N 141 
HIS CG   C  Y N 142 
HIS ND1  N  Y N 143 
HIS CD2  C  Y N 144 
HIS CE1  C  Y N 145 
HIS NE2  N  Y N 146 
HIS OXT  O  N N 147 
HIS H    H  N N 148 
HIS H2   H  N N 149 
HIS HA   H  N N 150 
HIS HB2  H  N N 151 
HIS HB3  H  N N 152 
HIS HD1  H  N N 153 
HIS HD2  H  N N 154 
HIS HE1  H  N N 155 
HIS HE2  H  N N 156 
HIS HXT  H  N N 157 
HOH O    O  N N 158 
HOH H1   H  N N 159 
HOH H2   H  N N 160 
ILE N    N  N N 161 
ILE CA   C  N S 162 
ILE C    C  N N 163 
ILE O    O  N N 164 
ILE CB   C  N S 165 
ILE CG1  C  N N 166 
ILE CG2  C  N N 167 
ILE CD1  C  N N 168 
ILE OXT  O  N N 169 
ILE H    H  N N 170 
ILE H2   H  N N 171 
ILE HA   H  N N 172 
ILE HB   H  N N 173 
ILE HG12 H  N N 174 
ILE HG13 H  N N 175 
ILE HG21 H  N N 176 
ILE HG22 H  N N 177 
ILE HG23 H  N N 178 
ILE HD11 H  N N 179 
ILE HD12 H  N N 180 
ILE HD13 H  N N 181 
ILE HXT  H  N N 182 
LEU N    N  N N 183 
LEU CA   C  N S 184 
LEU C    C  N N 185 
LEU O    O  N N 186 
LEU CB   C  N N 187 
LEU CG   C  N N 188 
LEU CD1  C  N N 189 
LEU CD2  C  N N 190 
LEU OXT  O  N N 191 
LEU H    H  N N 192 
LEU H2   H  N N 193 
LEU HA   H  N N 194 
LEU HB2  H  N N 195 
LEU HB3  H  N N 196 
LEU HG   H  N N 197 
LEU HD11 H  N N 198 
LEU HD12 H  N N 199 
LEU HD13 H  N N 200 
LEU HD21 H  N N 201 
LEU HD22 H  N N 202 
LEU HD23 H  N N 203 
LEU HXT  H  N N 204 
LYS N    N  N N 205 
LYS CA   C  N S 206 
LYS C    C  N N 207 
LYS O    O  N N 208 
LYS CB   C  N N 209 
LYS CG   C  N N 210 
LYS CD   C  N N 211 
LYS CE   C  N N 212 
LYS NZ   N  N N 213 
LYS OXT  O  N N 214 
LYS H    H  N N 215 
LYS H2   H  N N 216 
LYS HA   H  N N 217 
LYS HB2  H  N N 218 
LYS HB3  H  N N 219 
LYS HG2  H  N N 220 
LYS HG3  H  N N 221 
LYS HD2  H  N N 222 
LYS HD3  H  N N 223 
LYS HE2  H  N N 224 
LYS HE3  H  N N 225 
LYS HZ1  H  N N 226 
LYS HZ2  H  N N 227 
LYS HZ3  H  N N 228 
LYS HXT  H  N N 229 
MET N    N  N N 230 
MET CA   C  N S 231 
MET C    C  N N 232 
MET O    O  N N 233 
MET CB   C  N N 234 
MET CG   C  N N 235 
MET SD   S  N N 236 
MET CE   C  N N 237 
MET OXT  O  N N 238 
MET H    H  N N 239 
MET H2   H  N N 240 
MET HA   H  N N 241 
MET HB2  H  N N 242 
MET HB3  H  N N 243 
MET HG2  H  N N 244 
MET HG3  H  N N 245 
MET HE1  H  N N 246 
MET HE2  H  N N 247 
MET HE3  H  N N 248 
MET HXT  H  N N 249 
MG  MG   MG N N 250 
PHE N    N  N N 251 
PHE CA   C  N S 252 
PHE C    C  N N 253 
PHE O    O  N N 254 
PHE CB   C  N N 255 
PHE CG   C  Y N 256 
PHE CD1  C  Y N 257 
PHE CD2  C  Y N 258 
PHE CE1  C  Y N 259 
PHE CE2  C  Y N 260 
PHE CZ   C  Y N 261 
PHE OXT  O  N N 262 
PHE H    H  N N 263 
PHE H2   H  N N 264 
PHE HA   H  N N 265 
PHE HB2  H  N N 266 
PHE HB3  H  N N 267 
PHE HD1  H  N N 268 
PHE HD2  H  N N 269 
PHE HE1  H  N N 270 
PHE HE2  H  N N 271 
PHE HZ   H  N N 272 
PHE HXT  H  N N 273 
PRO N    N  N N 274 
PRO CA   C  N S 275 
PRO C    C  N N 276 
PRO O    O  N N 277 
PRO CB   C  N N 278 
PRO CG   C  N N 279 
PRO CD   C  N N 280 
PRO OXT  O  N N 281 
PRO H    H  N N 282 
PRO HA   H  N N 283 
PRO HB2  H  N N 284 
PRO HB3  H  N N 285 
PRO HG2  H  N N 286 
PRO HG3  H  N N 287 
PRO HD2  H  N N 288 
PRO HD3  H  N N 289 
PRO HXT  H  N N 290 
SER N    N  N N 291 
SER CA   C  N S 292 
SER C    C  N N 293 
SER O    O  N N 294 
SER CB   C  N N 295 
SER OG   O  N N 296 
SER OXT  O  N N 297 
SER H    H  N N 298 
SER H2   H  N N 299 
SER HA   H  N N 300 
SER HB2  H  N N 301 
SER HB3  H  N N 302 
SER HG   H  N N 303 
SER HXT  H  N N 304 
THR N    N  N N 305 
THR CA   C  N S 306 
THR C    C  N N 307 
THR O    O  N N 308 
THR CB   C  N R 309 
THR OG1  O  N N 310 
THR CG2  C  N N 311 
THR OXT  O  N N 312 
THR H    H  N N 313 
THR H2   H  N N 314 
THR HA   H  N N 315 
THR HB   H  N N 316 
THR HG1  H  N N 317 
THR HG21 H  N N 318 
THR HG22 H  N N 319 
THR HG23 H  N N 320 
THR HXT  H  N N 321 
TRP N    N  N N 322 
TRP CA   C  N S 323 
TRP C    C  N N 324 
TRP O    O  N N 325 
TRP CB   C  N N 326 
TRP CG   C  Y N 327 
TRP CD1  C  Y N 328 
TRP CD2  C  Y N 329 
TRP NE1  N  Y N 330 
TRP CE2  C  Y N 331 
TRP CE3  C  Y N 332 
TRP CZ2  C  Y N 333 
TRP CZ3  C  Y N 334 
TRP CH2  C  Y N 335 
TRP OXT  O  N N 336 
TRP H    H  N N 337 
TRP H2   H  N N 338 
TRP HA   H  N N 339 
TRP HB2  H  N N 340 
TRP HB3  H  N N 341 
TRP HD1  H  N N 342 
TRP HE1  H  N N 343 
TRP HE3  H  N N 344 
TRP HZ2  H  N N 345 
TRP HZ3  H  N N 346 
TRP HH2  H  N N 347 
TRP HXT  H  N N 348 
TYR N    N  N N 349 
TYR CA   C  N S 350 
TYR C    C  N N 351 
TYR O    O  N N 352 
TYR CB   C  N N 353 
TYR CG   C  Y N 354 
TYR CD1  C  Y N 355 
TYR CD2  C  Y N 356 
TYR CE1  C  Y N 357 
TYR CE2  C  Y N 358 
TYR CZ   C  Y N 359 
TYR OH   O  N N 360 
TYR OXT  O  N N 361 
TYR H    H  N N 362 
TYR H2   H  N N 363 
TYR HA   H  N N 364 
TYR HB2  H  N N 365 
TYR HB3  H  N N 366 
TYR HD1  H  N N 367 
TYR HD2  H  N N 368 
TYR HE1  H  N N 369 
TYR HE2  H  N N 370 
TYR HH   H  N N 371 
TYR HXT  H  N N 372 
VAL N    N  N N 373 
VAL CA   C  N S 374 
VAL C    C  N N 375 
VAL O    O  N N 376 
VAL CB   C  N N 377 
VAL CG1  C  N N 378 
VAL CG2  C  N N 379 
VAL OXT  O  N N 380 
VAL H    H  N N 381 
VAL H2   H  N N 382 
VAL HA   H  N N 383 
VAL HB   H  N N 384 
VAL HG11 H  N N 385 
VAL HG12 H  N N 386 
VAL HG13 H  N N 387 
VAL HG21 H  N N 388 
VAL HG22 H  N N 389 
VAL HG23 H  N N 390 
VAL HXT  H  N N 391 
# 
loop_
_chem_comp_bond.comp_id 
_chem_comp_bond.atom_id_1 
_chem_comp_bond.atom_id_2 
_chem_comp_bond.value_order 
_chem_comp_bond.pdbx_aromatic_flag 
_chem_comp_bond.pdbx_stereo_config 
_chem_comp_bond.pdbx_ordinal 
ALA N   CA   sing N N 1   
ALA N   H    sing N N 2   
ALA N   H2   sing N N 3   
ALA CA  C    sing N N 4   
ALA CA  CB   sing N N 5   
ALA CA  HA   sing N N 6   
ALA C   O    doub N N 7   
ALA C   OXT  sing N N 8   
ALA CB  HB1  sing N N 9   
ALA CB  HB2  sing N N 10  
ALA CB  HB3  sing N N 11  
ALA OXT HXT  sing N N 12  
ARG N   CA   sing N N 13  
ARG N   H    sing N N 14  
ARG N   H2   sing N N 15  
ARG CA  C    sing N N 16  
ARG CA  CB   sing N N 17  
ARG CA  HA   sing N N 18  
ARG C   O    doub N N 19  
ARG C   OXT  sing N N 20  
ARG CB  CG   sing N N 21  
ARG CB  HB2  sing N N 22  
ARG CB  HB3  sing N N 23  
ARG CG  CD   sing N N 24  
ARG CG  HG2  sing N N 25  
ARG CG  HG3  sing N N 26  
ARG CD  NE   sing N N 27  
ARG CD  HD2  sing N N 28  
ARG CD  HD3  sing N N 29  
ARG NE  CZ   sing N N 30  
ARG NE  HE   sing N N 31  
ARG CZ  NH1  sing N N 32  
ARG CZ  NH2  doub N N 33  
ARG NH1 HH11 sing N N 34  
ARG NH1 HH12 sing N N 35  
ARG NH2 HH21 sing N N 36  
ARG NH2 HH22 sing N N 37  
ARG OXT HXT  sing N N 38  
ASN N   CA   sing N N 39  
ASN N   H    sing N N 40  
ASN N   H2   sing N N 41  
ASN CA  C    sing N N 42  
ASN CA  CB   sing N N 43  
ASN CA  HA   sing N N 44  
ASN C   O    doub N N 45  
ASN C   OXT  sing N N 46  
ASN CB  CG   sing N N 47  
ASN CB  HB2  sing N N 48  
ASN CB  HB3  sing N N 49  
ASN CG  OD1  doub N N 50  
ASN CG  ND2  sing N N 51  
ASN ND2 HD21 sing N N 52  
ASN ND2 HD22 sing N N 53  
ASN OXT HXT  sing N N 54  
ASP N   CA   sing N N 55  
ASP N   H    sing N N 56  
ASP N   H2   sing N N 57  
ASP CA  C    sing N N 58  
ASP CA  CB   sing N N 59  
ASP CA  HA   sing N N 60  
ASP C   O    doub N N 61  
ASP C   OXT  sing N N 62  
ASP CB  CG   sing N N 63  
ASP CB  HB2  sing N N 64  
ASP CB  HB3  sing N N 65  
ASP CG  OD1  doub N N 66  
ASP CG  OD2  sing N N 67  
ASP OD2 HD2  sing N N 68  
ASP OXT HXT  sing N N 69  
CYS N   CA   sing N N 70  
CYS N   H    sing N N 71  
CYS N   H2   sing N N 72  
CYS CA  C    sing N N 73  
CYS CA  CB   sing N N 74  
CYS CA  HA   sing N N 75  
CYS C   O    doub N N 76  
CYS C   OXT  sing N N 77  
CYS CB  SG   sing N N 78  
CYS CB  HB2  sing N N 79  
CYS CB  HB3  sing N N 80  
CYS SG  HG   sing N N 81  
CYS OXT HXT  sing N N 82  
GLN N   CA   sing N N 83  
GLN N   H    sing N N 84  
GLN N   H2   sing N N 85  
GLN CA  C    sing N N 86  
GLN CA  CB   sing N N 87  
GLN CA  HA   sing N N 88  
GLN C   O    doub N N 89  
GLN C   OXT  sing N N 90  
GLN CB  CG   sing N N 91  
GLN CB  HB2  sing N N 92  
GLN CB  HB3  sing N N 93  
GLN CG  CD   sing N N 94  
GLN CG  HG2  sing N N 95  
GLN CG  HG3  sing N N 96  
GLN CD  OE1  doub N N 97  
GLN CD  NE2  sing N N 98  
GLN NE2 HE21 sing N N 99  
GLN NE2 HE22 sing N N 100 
GLN OXT HXT  sing N N 101 
GLU N   CA   sing N N 102 
GLU N   H    sing N N 103 
GLU N   H2   sing N N 104 
GLU CA  C    sing N N 105 
GLU CA  CB   sing N N 106 
GLU CA  HA   sing N N 107 
GLU C   O    doub N N 108 
GLU C   OXT  sing N N 109 
GLU CB  CG   sing N N 110 
GLU CB  HB2  sing N N 111 
GLU CB  HB3  sing N N 112 
GLU CG  CD   sing N N 113 
GLU CG  HG2  sing N N 114 
GLU CG  HG3  sing N N 115 
GLU CD  OE1  doub N N 116 
GLU CD  OE2  sing N N 117 
GLU OE2 HE2  sing N N 118 
GLU OXT HXT  sing N N 119 
GLY N   CA   sing N N 120 
GLY N   H    sing N N 121 
GLY N   H2   sing N N 122 
GLY CA  C    sing N N 123 
GLY CA  HA2  sing N N 124 
GLY CA  HA3  sing N N 125 
GLY C   O    doub N N 126 
GLY C   OXT  sing N N 127 
GLY OXT HXT  sing N N 128 
HIS N   CA   sing N N 129 
HIS N   H    sing N N 130 
HIS N   H2   sing N N 131 
HIS CA  C    sing N N 132 
HIS CA  CB   sing N N 133 
HIS CA  HA   sing N N 134 
HIS C   O    doub N N 135 
HIS C   OXT  sing N N 136 
HIS CB  CG   sing N N 137 
HIS CB  HB2  sing N N 138 
HIS CB  HB3  sing N N 139 
HIS CG  ND1  sing Y N 140 
HIS CG  CD2  doub Y N 141 
HIS ND1 CE1  doub Y N 142 
HIS ND1 HD1  sing N N 143 
HIS CD2 NE2  sing Y N 144 
HIS CD2 HD2  sing N N 145 
HIS CE1 NE2  sing Y N 146 
HIS CE1 HE1  sing N N 147 
HIS NE2 HE2  sing N N 148 
HIS OXT HXT  sing N N 149 
HOH O   H1   sing N N 150 
HOH O   H2   sing N N 151 
ILE N   CA   sing N N 152 
ILE N   H    sing N N 153 
ILE N   H2   sing N N 154 
ILE CA  C    sing N N 155 
ILE CA  CB   sing N N 156 
ILE CA  HA   sing N N 157 
ILE C   O    doub N N 158 
ILE C   OXT  sing N N 159 
ILE CB  CG1  sing N N 160 
ILE CB  CG2  sing N N 161 
ILE CB  HB   sing N N 162 
ILE CG1 CD1  sing N N 163 
ILE CG1 HG12 sing N N 164 
ILE CG1 HG13 sing N N 165 
ILE CG2 HG21 sing N N 166 
ILE CG2 HG22 sing N N 167 
ILE CG2 HG23 sing N N 168 
ILE CD1 HD11 sing N N 169 
ILE CD1 HD12 sing N N 170 
ILE CD1 HD13 sing N N 171 
ILE OXT HXT  sing N N 172 
LEU N   CA   sing N N 173 
LEU N   H    sing N N 174 
LEU N   H2   sing N N 175 
LEU CA  C    sing N N 176 
LEU CA  CB   sing N N 177 
LEU CA  HA   sing N N 178 
LEU C   O    doub N N 179 
LEU C   OXT  sing N N 180 
LEU CB  CG   sing N N 181 
LEU CB  HB2  sing N N 182 
LEU CB  HB3  sing N N 183 
LEU CG  CD1  sing N N 184 
LEU CG  CD2  sing N N 185 
LEU CG  HG   sing N N 186 
LEU CD1 HD11 sing N N 187 
LEU CD1 HD12 sing N N 188 
LEU CD1 HD13 sing N N 189 
LEU CD2 HD21 sing N N 190 
LEU CD2 HD22 sing N N 191 
LEU CD2 HD23 sing N N 192 
LEU OXT HXT  sing N N 193 
LYS N   CA   sing N N 194 
LYS N   H    sing N N 195 
LYS N   H2   sing N N 196 
LYS CA  C    sing N N 197 
LYS CA  CB   sing N N 198 
LYS CA  HA   sing N N 199 
LYS C   O    doub N N 200 
LYS C   OXT  sing N N 201 
LYS CB  CG   sing N N 202 
LYS CB  HB2  sing N N 203 
LYS CB  HB3  sing N N 204 
LYS CG  CD   sing N N 205 
LYS CG  HG2  sing N N 206 
LYS CG  HG3  sing N N 207 
LYS CD  CE   sing N N 208 
LYS CD  HD2  sing N N 209 
LYS CD  HD3  sing N N 210 
LYS CE  NZ   sing N N 211 
LYS CE  HE2  sing N N 212 
LYS CE  HE3  sing N N 213 
LYS NZ  HZ1  sing N N 214 
LYS NZ  HZ2  sing N N 215 
LYS NZ  HZ3  sing N N 216 
LYS OXT HXT  sing N N 217 
MET N   CA   sing N N 218 
MET N   H    sing N N 219 
MET N   H2   sing N N 220 
MET CA  C    sing N N 221 
MET CA  CB   sing N N 222 
MET CA  HA   sing N N 223 
MET C   O    doub N N 224 
MET C   OXT  sing N N 225 
MET CB  CG   sing N N 226 
MET CB  HB2  sing N N 227 
MET CB  HB3  sing N N 228 
MET CG  SD   sing N N 229 
MET CG  HG2  sing N N 230 
MET CG  HG3  sing N N 231 
MET SD  CE   sing N N 232 
MET CE  HE1  sing N N 233 
MET CE  HE2  sing N N 234 
MET CE  HE3  sing N N 235 
MET OXT HXT  sing N N 236 
PHE N   CA   sing N N 237 
PHE N   H    sing N N 238 
PHE N   H2   sing N N 239 
PHE CA  C    sing N N 240 
PHE CA  CB   sing N N 241 
PHE CA  HA   sing N N 242 
PHE C   O    doub N N 243 
PHE C   OXT  sing N N 244 
PHE CB  CG   sing N N 245 
PHE CB  HB2  sing N N 246 
PHE CB  HB3  sing N N 247 
PHE CG  CD1  doub Y N 248 
PHE CG  CD2  sing Y N 249 
PHE CD1 CE1  sing Y N 250 
PHE CD1 HD1  sing N N 251 
PHE CD2 CE2  doub Y N 252 
PHE CD2 HD2  sing N N 253 
PHE CE1 CZ   doub Y N 254 
PHE CE1 HE1  sing N N 255 
PHE CE2 CZ   sing Y N 256 
PHE CE2 HE2  sing N N 257 
PHE CZ  HZ   sing N N 258 
PHE OXT HXT  sing N N 259 
PRO N   CA   sing N N 260 
PRO N   CD   sing N N 261 
PRO N   H    sing N N 262 
PRO CA  C    sing N N 263 
PRO CA  CB   sing N N 264 
PRO CA  HA   sing N N 265 
PRO C   O    doub N N 266 
PRO C   OXT  sing N N 267 
PRO CB  CG   sing N N 268 
PRO CB  HB2  sing N N 269 
PRO CB  HB3  sing N N 270 
PRO CG  CD   sing N N 271 
PRO CG  HG2  sing N N 272 
PRO CG  HG3  sing N N 273 
PRO CD  HD2  sing N N 274 
PRO CD  HD3  sing N N 275 
PRO OXT HXT  sing N N 276 
SER N   CA   sing N N 277 
SER N   H    sing N N 278 
SER N   H2   sing N N 279 
SER CA  C    sing N N 280 
SER CA  CB   sing N N 281 
SER CA  HA   sing N N 282 
SER C   O    doub N N 283 
SER C   OXT  sing N N 284 
SER CB  OG   sing N N 285 
SER CB  HB2  sing N N 286 
SER CB  HB3  sing N N 287 
SER OG  HG   sing N N 288 
SER OXT HXT  sing N N 289 
THR N   CA   sing N N 290 
THR N   H    sing N N 291 
THR N   H2   sing N N 292 
THR CA  C    sing N N 293 
THR CA  CB   sing N N 294 
THR CA  HA   sing N N 295 
THR C   O    doub N N 296 
THR C   OXT  sing N N 297 
THR CB  OG1  sing N N 298 
THR CB  CG2  sing N N 299 
THR CB  HB   sing N N 300 
THR OG1 HG1  sing N N 301 
THR CG2 HG21 sing N N 302 
THR CG2 HG22 sing N N 303 
THR CG2 HG23 sing N N 304 
THR OXT HXT  sing N N 305 
TRP N   CA   sing N N 306 
TRP N   H    sing N N 307 
TRP N   H2   sing N N 308 
TRP CA  C    sing N N 309 
TRP CA  CB   sing N N 310 
TRP CA  HA   sing N N 311 
TRP C   O    doub N N 312 
TRP C   OXT  sing N N 313 
TRP CB  CG   sing N N 314 
TRP CB  HB2  sing N N 315 
TRP CB  HB3  sing N N 316 
TRP CG  CD1  doub Y N 317 
TRP CG  CD2  sing Y N 318 
TRP CD1 NE1  sing Y N 319 
TRP CD1 HD1  sing N N 320 
TRP CD2 CE2  doub Y N 321 
TRP CD2 CE3  sing Y N 322 
TRP NE1 CE2  sing Y N 323 
TRP NE1 HE1  sing N N 324 
TRP CE2 CZ2  sing Y N 325 
TRP CE3 CZ3  doub Y N 326 
TRP CE3 HE3  sing N N 327 
TRP CZ2 CH2  doub Y N 328 
TRP CZ2 HZ2  sing N N 329 
TRP CZ3 CH2  sing Y N 330 
TRP CZ3 HZ3  sing N N 331 
TRP CH2 HH2  sing N N 332 
TRP OXT HXT  sing N N 333 
TYR N   CA   sing N N 334 
TYR N   H    sing N N 335 
TYR N   H2   sing N N 336 
TYR CA  C    sing N N 337 
TYR CA  CB   sing N N 338 
TYR CA  HA   sing N N 339 
TYR C   O    doub N N 340 
TYR C   OXT  sing N N 341 
TYR CB  CG   sing N N 342 
TYR CB  HB2  sing N N 343 
TYR CB  HB3  sing N N 344 
TYR CG  CD1  doub Y N 345 
TYR CG  CD2  sing Y N 346 
TYR CD1 CE1  sing Y N 347 
TYR CD1 HD1  sing N N 348 
TYR CD2 CE2  doub Y N 349 
TYR CD2 HD2  sing N N 350 
TYR CE1 CZ   doub Y N 351 
TYR CE1 HE1  sing N N 352 
TYR CE2 CZ   sing Y N 353 
TYR CE2 HE2  sing N N 354 
TYR CZ  OH   sing N N 355 
TYR OH  HH   sing N N 356 
TYR OXT HXT  sing N N 357 
VAL N   CA   sing N N 358 
VAL N   H    sing N N 359 
VAL N   H2   sing N N 360 
VAL CA  C    sing N N 361 
VAL CA  CB   sing N N 362 
VAL CA  HA   sing N N 363 
VAL C   O    doub N N 364 
VAL C   OXT  sing N N 365 
VAL CB  CG1  sing N N 366 
VAL CB  CG2  sing N N 367 
VAL CB  HB   sing N N 368 
VAL CG1 HG11 sing N N 369 
VAL CG1 HG12 sing N N 370 
VAL CG1 HG13 sing N N 371 
VAL CG2 HG21 sing N N 372 
VAL CG2 HG22 sing N N 373 
VAL CG2 HG23 sing N N 374 
VAL OXT HXT  sing N N 375 
# 
_atom_sites.entry_id                    6A4A 
_atom_sites.fract_transf_matrix[1][1]   -0.00488321 
_atom_sites.fract_transf_matrix[1][2]   0.00931873 
_atom_sites.fract_transf_matrix[1][3]   -0.01561439 
_atom_sites.fract_transf_matrix[2][1]   -0.00477918 
_atom_sites.fract_transf_matrix[2][2]   0.01494148 
_atom_sites.fract_transf_matrix[2][3]   0.01041177 
_atom_sites.fract_transf_matrix[3][1]   0.00650136 
_atom_sites.fract_transf_matrix[3][2]   0.00246939 
_atom_sites.fract_transf_matrix[3][3]   -0.00055948 
_atom_sites.fract_transf_vector[1]      -0.232238 
_atom_sites.fract_transf_vector[2]      -0.263483 
_atom_sites.fract_transf_vector[3]      -0.018893 
# 
loop_
_atom_type.symbol 
C  
MG 
N  
O  
S  
# 
loop_
_atom_site.group_PDB 
_atom_site.id 
_atom_site.type_symbol 
_atom_site.label_atom_id 
_atom_site.label_alt_id 
_atom_site.label_comp_id 
_atom_site.label_asym_id 
_atom_site.label_entity_id 
_atom_site.label_seq_id 
_atom_site.pdbx_PDB_ins_code 
_atom_site.Cartn_x 
_atom_site.Cartn_y 
_atom_site.Cartn_z 
_atom_site.occupancy 
_atom_site.B_iso_or_equiv 
_atom_site.pdbx_formal_charge 
_atom_site.auth_seq_id 
_atom_site.auth_comp_id 
_atom_site.auth_asym_id 
_atom_site.auth_atom_id 
_atom_site.pdbx_PDB_model_num 
ATOM   1    N  N   . ALA A 1 2   ? 19.119  -8.897  -0.990  1.00 88.93  ? 2   ALA A N   1 
ATOM   2    C  CA  . ALA A 1 2   ? 19.555  -8.161  0.202   1.00 86.57  ? 2   ALA A CA  1 
ATOM   3    C  C   . ALA A 1 2   ? 19.330  -6.647  0.045   1.00 85.66  ? 2   ALA A C   1 
ATOM   4    O  O   . ALA A 1 2   ? 18.668  -6.202  -0.898  1.00 84.57  ? 2   ALA A O   1 
ATOM   5    C  CB  . ALA A 1 2   ? 21.029  -8.469  0.507   1.00 84.10  ? 2   ALA A CB  1 
ATOM   6    N  N   . GLY A 1 3   ? 19.890  -5.853  0.955   1.00 88.84  ? 3   GLY A N   1 
ATOM   7    C  CA  . GLY A 1 3   ? 19.594  -4.426  1.004   1.00 89.50  ? 3   GLY A CA  1 
ATOM   8    C  C   . GLY A 1 3   ? 20.208  -3.474  -0.017  1.00 89.40  ? 3   GLY A C   1 
ATOM   9    O  O   . GLY A 1 3   ? 20.399  -2.291  0.291   1.00 82.23  ? 3   GLY A O   1 
ATOM   10   N  N   . ASN A 1 4   ? 20.488  -3.946  -1.234  1.00 93.33  ? 4   ASN A N   1 
ATOM   11   C  CA  . ASN A 1 4   ? 21.123  -3.134  -2.271  1.00 97.28  ? 4   ASN A CA  1 
ATOM   12   C  C   . ASN A 1 4   ? 20.259  -3.140  -3.531  1.00 95.85  ? 4   ASN A C   1 
ATOM   13   O  O   . ASN A 1 4   ? 19.113  -3.608  -3.536  1.00 83.19  ? 4   ASN A O   1 
ATOM   14   C  CB  . ASN A 1 4   ? 22.538  -3.649  -2.589  1.00 97.29  ? 4   ASN A CB  1 
ATOM   15   C  CG  . ASN A 1 4   ? 23.543  -2.521  -2.860  1.00 106.47 ? 4   ASN A CG  1 
ATOM   16   O  OD1 . ASN A 1 4   ? 23.572  -1.954  -3.960  1.00 109.88 ? 4   ASN A OD1 1 
ATOM   17   N  ND2 . ASN A 1 4   ? 24.391  -2.215  -1.863  1.00 96.26  ? 4   ASN A ND2 1 
ATOM   18   N  N   . ASP A 1 5   ? 20.823  -2.589  -4.606  1.00 101.53 ? 5   ASP A N   1 
ATOM   19   C  CA  . ASP A 1 5   ? 20.302  -2.808  -5.949  1.00 100.40 ? 5   ASP A CA  1 
ATOM   20   C  C   . ASP A 1 5   ? 18.863  -2.320  -6.102  1.00 88.70  ? 5   ASP A C   1 
ATOM   21   O  O   . ASP A 1 5   ? 18.447  -1.318  -5.511  1.00 85.83  ? 5   ASP A O   1 
ATOM   22   C  CB  . ASP A 1 5   ? 20.404  -4.307  -6.304  1.00 99.42  ? 5   ASP A CB  1 
ATOM   23   C  CG  . ASP A 1 5   ? 20.708  -4.555  -7.793  1.00 101.26 ? 5   ASP A CG  1 
ATOM   24   O  OD1 . ASP A 1 5   ? 21.888  -4.823  -8.123  1.00 96.72  ? 5   ASP A OD1 1 
ATOM   25   O  OD2 . ASP A 1 5   ? 19.772  -4.527  -8.623  1.00 102.26 ? 5   ASP A OD2 1 
ATOM   26   N  N   . SER A 1 6   ? 18.091  -3.058  -6.877  1.00 80.15  ? 6   SER A N   1 
ATOM   27   C  CA  . SER A 1 6   ? 16.826  -2.555  -7.371  1.00 78.85  ? 6   SER A CA  1 
ATOM   28   C  C   . SER A 1 6   ? 15.633  -3.183  -6.649  1.00 76.85  ? 6   SER A C   1 
ATOM   29   O  O   . SER A 1 6   ? 14.706  -3.687  -7.290  1.00 70.22  ? 6   SER A O   1 
ATOM   30   C  CB  . SER A 1 6   ? 16.789  -2.824  -8.867  1.00 75.20  ? 6   SER A CB  1 
ATOM   31   O  OG  . SER A 1 6   ? 17.226  -4.152  -9.104  1.00 72.58  ? 6   SER A OG  1 
ATOM   32   N  N   . ASN A 1 7   ? 15.646  -3.160  -5.321  1.00 71.81  ? 7   ASN A N   1 
ATOM   33   C  CA  . ASN A 1 7   ? 14.537  -3.711  -4.569  1.00 75.99  ? 7   ASN A CA  1 
ATOM   34   C  C   . ASN A 1 7   ? 13.358  -2.736  -4.568  1.00 76.98  ? 7   ASN A C   1 
ATOM   35   O  O   . ASN A 1 7   ? 13.489  -1.561  -4.942  1.00 74.48  ? 7   ASN A O   1 
ATOM   36   C  CB  . ASN A 1 7   ? 14.971  -4.053  -3.150  1.00 71.25  ? 7   ASN A CB  1 
ATOM   37   C  CG  . ASN A 1 7   ? 16.040  -5.096  -3.127  1.00 72.37  ? 7   ASN A CG  1 
ATOM   38   O  OD1 . ASN A 1 7   ? 16.163  -5.893  -4.068  1.00 70.12  ? 7   ASN A OD1 1 
ATOM   39   N  ND2 . ASN A 1 7   ? 16.843  -5.098  -2.066  1.00 75.05  ? 7   ASN A ND2 1 
ATOM   40   N  N   . LEU A 1 8   ? 12.201  -3.241  -4.125  1.00 72.37  ? 8   LEU A N   1 
ATOM   41   C  CA  . LEU A 1 8   ? 10.912  -2.581  -4.296  1.00 73.45  ? 8   LEU A CA  1 
ATOM   42   C  C   . LEU A 1 8   ? 10.202  -2.373  -2.962  1.00 67.39  ? 8   LEU A C   1 
ATOM   43   O  O   . LEU A 1 8   ? 10.215  -3.254  -2.097  1.00 70.99  ? 8   LEU A O   1 
ATOM   44   C  CB  . LEU A 1 8   ? 10.005  -3.410  -5.218  1.00 73.40  ? 8   LEU A CB  1 
ATOM   45   C  CG  . LEU A 1 8   ? 10.597  -3.624  -6.616  1.00 72.36  ? 8   LEU A CG  1 
ATOM   46   C  CD1 . LEU A 1 8   ? 9.641   -4.449  -7.493  1.00 68.24  ? 8   LEU A CD1 1 
ATOM   47   C  CD2 . LEU A 1 8   ? 10.897  -2.273  -7.255  1.00 66.79  ? 8   LEU A CD2 1 
ATOM   48   N  N   . ILE A 1 9   ? 9.552   -1.220  -2.821  1.00 65.00  ? 9   ILE A N   1 
ATOM   49   C  CA  . ILE A 1 9   ? 8.723   -0.900  -1.665  1.00 63.59  ? 9   ILE A CA  1 
ATOM   50   C  C   . ILE A 1 9   ? 7.279   -1.040  -2.092  1.00 54.95  ? 9   ILE A C   1 
ATOM   51   O  O   . ILE A 1 9   ? 6.774   -0.213  -2.856  1.00 52.02  ? 9   ILE A O   1 
ATOM   52   C  CB  . ILE A 1 9   ? 8.977   0.522   -1.151  1.00 70.40  ? 9   ILE A CB  1 
ATOM   53   C  CG1 . ILE A 1 9   ? 10.463  0.766   -0.875  1.00 60.70  ? 9   ILE A CG1 1 
ATOM   54   C  CG2 . ILE A 1 9   ? 8.082   0.829   0.068   1.00 62.59  ? 9   ILE A CG2 1 
ATOM   55   C  CD1 . ILE A 1 9   ? 10.767  2.239   -0.762  1.00 60.00  ? 9   ILE A CD1 1 
ATOM   56   N  N   . TRP A 1 10  ? 6.615   -2.080  -1.605  1.00 61.33  ? 10  TRP A N   1 
ATOM   57   C  CA  . TRP A 1 10  ? 5.177   -2.219  -1.761  1.00 56.27  ? 10  TRP A CA  1 
ATOM   58   C  C   . TRP A 1 10  ? 4.454   -1.656  -0.542  1.00 53.04  ? 10  TRP A C   1 
ATOM   59   O  O   . TRP A 1 10  ? 4.850   -1.886  0.605   1.00 51.61  ? 10  TRP A O   1 
ATOM   60   C  CB  . TRP A 1 10  ? 4.800   -3.681  -1.934  1.00 57.87  ? 10  TRP A CB  1 
ATOM   61   C  CG  . TRP A 1 10  ? 5.422   -4.333  -3.079  1.00 55.10  ? 10  TRP A CG  1 
ATOM   62   C  CD1 . TRP A 1 10  ? 6.665   -4.851  -3.137  1.00 62.87  ? 10  TRP A CD1 1 
ATOM   63   C  CD2 . TRP A 1 10  ? 4.822   -4.576  -4.351  1.00 60.22  ? 10  TRP A CD2 1 
ATOM   64   N  NE1 . TRP A 1 10  ? 6.901   -5.399  -4.381  1.00 64.38  ? 10  TRP A NE1 1 
ATOM   65   C  CE2 . TRP A 1 10  ? 5.780   -5.232  -5.147  1.00 64.10  ? 10  TRP A CE2 1 
ATOM   66   C  CE3 . TRP A 1 10  ? 3.569   -4.295  -4.899  1.00 62.69  ? 10  TRP A CE3 1 
ATOM   67   C  CZ2 . TRP A 1 10  ? 5.524   -5.619  -6.462  1.00 68.08  ? 10  TRP A CZ2 1 
ATOM   68   C  CZ3 . TRP A 1 10  ? 3.314   -4.681  -6.210  1.00 61.09  ? 10  TRP A CZ3 1 
ATOM   69   C  CH2 . TRP A 1 10  ? 4.281   -5.334  -6.973  1.00 64.78  ? 10  TRP A CH2 1 
ATOM   70   N  N   . LEU A 1 11  ? 3.369   -0.944  -0.782  1.00 54.55  ? 11  LEU A N   1 
ATOM   71   C  CA  . LEU A 1 11  ? 2.582   -0.544  0.365   1.00 60.55  ? 11  LEU A CA  1 
ATOM   72   C  C   . LEU A 1 11  ? 1.111   -0.500  -0.021  1.00 59.23  ? 11  LEU A C   1 
ATOM   73   O  O   . LEU A 1 11  ? 0.771   -0.453  -1.202  1.00 61.16  ? 11  LEU A O   1 
ATOM   74   C  CB  . LEU A 1 11  ? 3.093   0.783   0.918   1.00 61.94  ? 11  LEU A CB  1 
ATOM   75   C  CG  . LEU A 1 11  ? 3.166   1.996   0.004   1.00 63.74  ? 11  LEU A CG  1 
ATOM   76   C  CD1 . LEU A 1 11  ? 1.794   2.626   -0.146  1.00 63.81  ? 11  LEU A CD1 1 
ATOM   77   C  CD2 . LEU A 1 11  ? 4.144   2.994   0.589   1.00 57.06  ? 11  LEU A CD2 1 
ATOM   78   N  N   . ASP A 1 12  ? 0.239   -0.580  0.995   1.00 67.33  ? 12  ASP A N   1 
ATOM   79   C  CA  . ASP A 1 12  ? -1.200  -0.350  0.849   1.00 70.21  ? 12  ASP A CA  1 
ATOM   80   C  C   . ASP A 1 12  ? -1.701  0.465   2.039   1.00 65.90  ? 12  ASP A C   1 
ATOM   81   O  O   . ASP A 1 12  ? -1.108  0.454   3.124   1.00 58.17  ? 12  ASP A O   1 
ATOM   82   C  CB  . ASP A 1 12  ? -2.005  -1.665  0.717   1.00 68.37  ? 12  ASP A CB  1 
ATOM   83   C  CG  . ASP A 1 12  ? -3.510  -1.431  0.482   1.00 70.31  ? 12  ASP A CG  1 
ATOM   84   O  OD1 . ASP A 1 12  ? -3.900  -0.992  -0.631  1.00 69.96  ? 12  ASP A OD1 1 
ATOM   85   O  OD2 . ASP A 1 12  ? -4.307  -1.717  1.411   1.00 76.31  ? 12  ASP A OD2 1 
ATOM   86   N  N   . LEU A 1 13  ? -2.805  1.180   1.822   1.00 71.26  ? 13  LEU A N   1 
ATOM   87   C  CA  . LEU A 1 13  ? -3.344  2.110   2.805   1.00 70.86  ? 13  LEU A CA  1 
ATOM   88   C  C   . LEU A 1 13  ? -4.857  1.984   2.877   1.00 67.48  ? 13  LEU A C   1 
ATOM   89   O  O   . LEU A 1 13  ? -5.510  1.634   1.890   1.00 75.85  ? 13  LEU A O   1 
ATOM   90   C  CB  . LEU A 1 13  ? -2.998  3.557   2.457   1.00 69.44  ? 13  LEU A CB  1 
ATOM   91   C  CG  . LEU A 1 13  ? -1.802  4.232   3.102   1.00 67.80  ? 13  LEU A CG  1 
ATOM   92   C  CD1 . LEU A 1 13  ? -0.487  3.592   2.668   1.00 73.74  ? 13  LEU A CD1 1 
ATOM   93   C  CD2 . LEU A 1 13  ? -1.860  5.680   2.703   1.00 66.65  ? 13  LEU A CD2 1 
ATOM   94   N  N   . GLU A 1 14  ? -5.404  2.298   4.056   1.00 71.29  ? 14  GLU A N   1 
ATOM   95   C  CA  . GLU A 1 14  ? -6.840  2.466   4.267   1.00 79.12  ? 14  GLU A CA  1 
ATOM   96   C  C   . GLU A 1 14  ? -7.094  3.861   4.822   1.00 74.98  ? 14  GLU A C   1 
ATOM   97   O  O   . GLU A 1 14  ? -6.417  4.283   5.762   1.00 73.62  ? 14  GLU A O   1 
ATOM   98   C  CB  . GLU A 1 14  ? -7.410  1.417   5.231   1.00 77.28  ? 14  GLU A CB  1 
ATOM   99   C  CG  . GLU A 1 14  ? -7.077  -0.013  4.871   1.00 81.78  ? 14  GLU A CG  1 
ATOM   100  C  CD  . GLU A 1 14  ? -7.972  -0.568  3.789   1.00 86.23  ? 14  GLU A CD  1 
ATOM   101  O  OE1 . GLU A 1 14  ? -9.110  -0.061  3.643   1.00 88.22  ? 14  GLU A OE1 1 
ATOM   102  O  OE2 . GLU A 1 14  ? -7.517  -1.500  3.078   1.00 91.34  ? 14  GLU A OE2 1 
ATOM   103  N  N   . MET A 1 15  ? -8.071  4.570   4.256   1.00 80.07  ? 15  MET A N   1 
ATOM   104  C  CA  . MET A 1 15  ? -8.391  5.929   4.693   1.00 83.54  ? 15  MET A CA  1 
ATOM   105  C  C   . MET A 1 15  ? -9.847  6.022   5.147   1.00 81.94  ? 15  MET A C   1 
ATOM   106  O  O   . MET A 1 15  ? -10.574 5.028   5.205   1.00 82.12  ? 15  MET A O   1 
ATOM   107  C  CB  . MET A 1 15  ? -8.115  6.946   3.581   1.00 83.59  ? 15  MET A CB  1 
ATOM   108  C  CG  . MET A 1 15  ? -6.666  6.961   3.100   1.00 84.40  ? 15  MET A CG  1 
ATOM   109  S  SD  . MET A 1 15  ? -6.297  5.795   1.761   1.00 86.78  ? 15  MET A SD  1 
ATOM   110  C  CE  . MET A 1 15  ? -5.915  6.901   0.420   1.00 76.40  ? 15  MET A CE  1 
ATOM   111  N  N   . THR A 1 16  ? -10.253 7.249   5.485   1.00 84.88  ? 16  THR A N   1 
ATOM   112  C  CA  . THR A 1 16  ? -11.645 7.531   5.825   1.00 89.21  ? 16  THR A CA  1 
ATOM   113  C  C   . THR A 1 16  ? -12.512 7.578   4.563   1.00 93.04  ? 16  THR A C   1 
ATOM   114  O  O   . THR A 1 16  ? -13.459 6.794   4.406   1.00 99.60  ? 16  THR A O   1 
ATOM   115  C  CB  . THR A 1 16  ? -11.730 8.845   6.630   1.00 91.15  ? 16  THR A CB  1 
ATOM   116  O  OG1 . THR A 1 16  ? -11.289 9.951   5.830   1.00 90.28  ? 16  THR A OG1 1 
ATOM   117  C  CG2 . THR A 1 16  ? -10.857 8.791   7.889   1.00 79.62  ? 16  THR A CG2 1 
ATOM   118  N  N   . GLY A 1 17  ? -12.202 8.490   3.646   1.00 88.56  ? 17  GLY A N   1 
ATOM   119  C  CA  . GLY A 1 17  ? -12.721 8.419   2.294   1.00 90.70  ? 17  GLY A CA  1 
ATOM   120  C  C   . GLY A 1 17  ? -11.609 8.683   1.294   1.00 89.34  ? 17  GLY A C   1 
ATOM   121  O  O   . GLY A 1 17  ? -10.452 8.331   1.541   1.00 85.20  ? 17  GLY A O   1 
ATOM   122  N  N   . LEU A 1 18  ? -11.920 9.322   0.167   1.00 87.46  ? 18  LEU A N   1 
ATOM   123  C  CA  . LEU A 1 18  ? -10.940 9.441   -0.905  1.00 84.93  ? 18  LEU A CA  1 
ATOM   124  C  C   . LEU A 1 18  ? -10.564 10.882  -1.255  1.00 82.46  ? 18  LEU A C   1 
ATOM   125  O  O   . LEU A 1 18  ? -9.827  11.084  -2.230  1.00 78.92  ? 18  LEU A O   1 
ATOM   126  C  CB  . LEU A 1 18  ? -11.438 8.709   -2.159  1.00 81.00  ? 18  LEU A CB  1 
ATOM   127  C  CG  . LEU A 1 18  ? -11.741 7.196   -2.143  1.00 85.84  ? 18  LEU A CG  1 
ATOM   128  C  CD1 . LEU A 1 18  ? -11.403 6.561   -3.498  1.00 84.68  ? 18  LEU A CD1 1 
ATOM   129  C  CD2 . LEU A 1 18  ? -11.045 6.421   -1.007  1.00 94.53  ? 18  LEU A CD2 1 
ATOM   130  N  N   . GLU A 1 19  ? -11.026 11.885  -0.496  1.00 80.67  ? 19  GLU A N   1 
ATOM   131  C  CA  . GLU A 1 19  ? -10.652 13.279  -0.745  1.00 82.34  ? 19  GLU A CA  1 
ATOM   132  C  C   . GLU A 1 19  ? -9.663  13.724  0.321   1.00 85.37  ? 19  GLU A C   1 
ATOM   133  O  O   . GLU A 1 19  ? -10.068 14.015  1.458   1.00 86.58  ? 19  GLU A O   1 
ATOM   134  C  CB  . GLU A 1 19  ? -11.873 14.202  -0.751  1.00 82.35  ? 19  GLU A CB  1 
ATOM   135  C  CG  . GLU A 1 19  ? -12.295 14.682  -2.143  1.00 84.12  ? 19  GLU A CG  1 
ATOM   136  C  CD  . GLU A 1 19  ? -11.255 15.549  -2.846  1.00 84.12  ? 19  GLU A CD  1 
ATOM   137  O  OE1 . GLU A 1 19  ? -11.247 15.549  -4.098  1.00 76.35  ? 19  GLU A OE1 1 
ATOM   138  O  OE2 . GLU A 1 19  ? -10.454 16.230  -2.156  1.00 95.61  ? 19  GLU A OE2 1 
ATOM   139  N  N   . PRO A 1 20  ? -8.372  13.830  0.003   1.00 83.92  ? 20  PRO A N   1 
ATOM   140  C  CA  . PRO A 1 20  ? -7.368  13.905  1.071   1.00 85.20  ? 20  PRO A CA  1 
ATOM   141  C  C   . PRO A 1 20  ? -7.341  15.227  1.829   1.00 86.52  ? 20  PRO A C   1 
ATOM   142  O  O   . PRO A 1 20  ? -6.870  15.235  2.977   1.00 84.29  ? 20  PRO A O   1 
ATOM   143  C  CB  . PRO A 1 20  ? -6.047  13.642  0.328   1.00 82.28  ? 20  PRO A CB  1 
ATOM   144  C  CG  . PRO A 1 20  ? -6.293  14.133  -1.054  1.00 86.52  ? 20  PRO A CG  1 
ATOM   145  C  CD  . PRO A 1 20  ? -7.755  13.807  -1.336  1.00 83.93  ? 20  PRO A CD  1 
ATOM   146  N  N   . VAL A 1 21  ? -7.838  16.337  1.265   1.00 88.54  ? 21  VAL A N   1 
ATOM   147  C  CA  . VAL A 1 21  ? -7.691  17.605  1.982   1.00 89.31  ? 21  VAL A CA  1 
ATOM   148  C  C   . VAL A 1 21  ? -8.577  17.623  3.223   1.00 86.71  ? 21  VAL A C   1 
ATOM   149  O  O   . VAL A 1 21  ? -8.330  18.393  4.160   1.00 83.77  ? 21  VAL A O   1 
ATOM   150  C  CB  . VAL A 1 21  ? -7.926  18.824  1.047   1.00 91.34  ? 21  VAL A CB  1 
ATOM   151  C  CG1 . VAL A 1 21  ? -9.255  18.741  0.297   1.00 87.78  ? 21  VAL A CG1 1 
ATOM   152  C  CG2 . VAL A 1 21  ? -7.791  20.150  1.808   1.00 89.04  ? 21  VAL A CG2 1 
ATOM   153  N  N   . GLU A 1 22  ? -9.583  16.743  3.296   1.00 88.84  ? 22  GLU A N   1 
ATOM   154  C  CA  . GLU A 1 22  ? -10.289 16.562  4.561   1.00 90.88  ? 22  GLU A CA  1 
ATOM   155  C  C   . GLU A 1 22  ? -10.420 15.091  4.988   1.00 86.71  ? 22  GLU A C   1 
ATOM   156  O  O   . GLU A 1 22  ? -11.136 14.799  5.950   1.00 91.65  ? 22  GLU A O   1 
ATOM   157  C  CB  . GLU A 1 22  ? -11.666 17.250  4.531   1.00 95.13  ? 22  GLU A CB  1 
ATOM   158  C  CG  . GLU A 1 22  ? -12.818 16.481  3.879   1.00 104.13 ? 22  GLU A CG  1 
ATOM   159  C  CD  . GLU A 1 22  ? -14.181 16.829  4.490   1.00 108.23 ? 22  GLU A CD  1 
ATOM   160  O  OE1 . GLU A 1 22  ? -14.945 15.894  4.834   1.00 113.42 ? 22  GLU A OE1 1 
ATOM   161  O  OE2 . GLU A 1 22  ? -14.486 18.034  4.636   1.00 114.41 ? 22  GLU A OE2 1 
ATOM   162  N  N   . ASP A 1 23  ? -9.713  14.155  4.346   1.00 86.78  ? 23  ASP A N   1 
ATOM   163  C  CA  . ASP A 1 23  ? -9.711  12.749  4.756   1.00 85.92  ? 23  ASP A CA  1 
ATOM   164  C  C   . ASP A 1 23  ? -8.316  12.316  5.216   1.00 86.03  ? 23  ASP A C   1 
ATOM   165  O  O   . ASP A 1 23  ? -7.302  12.875  4.780   1.00 83.34  ? 23  ASP A O   1 
ATOM   166  C  CB  . ASP A 1 23  ? -10.200 11.850  3.616   1.00 85.60  ? 23  ASP A CB  1 
ATOM   167  C  CG  . ASP A 1 23  ? -11.649 12.137  3.232   1.00 91.01  ? 23  ASP A CG  1 
ATOM   168  O  OD1 . ASP A 1 23  ? -12.139 13.234  3.568   1.00 96.14  ? 23  ASP A OD1 1 
ATOM   169  O  OD2 . ASP A 1 23  ? -12.316 11.273  2.626   1.00 87.74  ? 23  ASP A OD2 1 
ATOM   170  N  N   . VAL A 1 24  ? -8.261  11.315  6.112   1.00 86.80  ? 24  VAL A N   1 
ATOM   171  C  CA  . VAL A 1 24  ? -7.035  10.998  6.849   1.00 81.02  ? 24  VAL A CA  1 
ATOM   172  C  C   . VAL A 1 24  ? -6.690  9.514   6.748   1.00 76.97  ? 24  VAL A C   1 
ATOM   173  O  O   . VAL A 1 24  ? -7.558  8.633   6.679   1.00 74.97  ? 24  VAL A O   1 
ATOM   174  C  CB  . VAL A 1 24  ? -7.119  11.394  8.346   1.00 80.97  ? 24  VAL A CB  1 
ATOM   175  C  CG1 . VAL A 1 24  ? -5.705  11.404  8.992   1.00 85.97  ? 24  VAL A CG1 1 
ATOM   176  C  CG2 . VAL A 1 24  ? -7.807  12.731  8.533   1.00 77.79  ? 24  VAL A CG2 1 
ATOM   177  N  N   . ILE A 1 25  ? -5.383  9.251   6.790   1.00 78.77  ? 25  ILE A N   1 
ATOM   178  C  CA  . ILE A 1 25  ? -4.859  7.893   6.842   1.00 76.06  ? 25  ILE A CA  1 
ATOM   179  C  C   . ILE A 1 25  ? -5.262  7.228   8.152   1.00 77.50  ? 25  ILE A C   1 
ATOM   180  O  O   . ILE A 1 25  ? -5.058  7.783   9.242   1.00 75.78  ? 25  ILE A O   1 
ATOM   181  C  CB  . ILE A 1 25  ? -3.334  7.901   6.684   1.00 70.02  ? 25  ILE A CB  1 
ATOM   182  C  CG1 . ILE A 1 25  ? -2.915  8.461   5.318   1.00 72.93  ? 25  ILE A CG1 1 
ATOM   183  C  CG2 . ILE A 1 25  ? -2.779  6.520   6.911   1.00 67.32  ? 25  ILE A CG2 1 
ATOM   184  C  CD1 . ILE A 1 25  ? -1.397  8.455   5.092   1.00 64.03  ? 25  ILE A CD1 1 
ATOM   185  N  N   . LEU A 1 26  ? -5.828  6.022   8.047   1.00 73.77  ? 26  LEU A N   1 
ATOM   186  C  CA  . LEU A 1 26  ? -6.151  5.194   9.196   1.00 64.69  ? 26  LEU A CA  1 
ATOM   187  C  C   . LEU A 1 26  ? -5.188  4.032   9.395   1.00 62.03  ? 26  LEU A C   1 
ATOM   188  O  O   . LEU A 1 26  ? -5.039  3.556   10.523  1.00 64.40  ? 26  LEU A O   1 
ATOM   189  C  CB  . LEU A 1 26  ? -7.566  4.626   9.059   1.00 76.01  ? 26  LEU A CB  1 
ATOM   190  C  CG  . LEU A 1 26  ? -8.830  5.485   9.026   1.00 74.39  ? 26  LEU A CG  1 
ATOM   191  C  CD1 . LEU A 1 26  ? -9.972  4.591   9.500   1.00 76.91  ? 26  LEU A CD1 1 
ATOM   192  C  CD2 . LEU A 1 26  ? -8.723  6.742   9.877   1.00 71.02  ? 26  LEU A CD2 1 
ATOM   193  N  N   . GLU A 1 27  ? -4.540  3.552   8.334   1.00 66.82  ? 27  GLU A N   1 
ATOM   194  C  CA  . GLU A 1 27  ? -3.642  2.405   8.423   1.00 67.96  ? 27  GLU A CA  1 
ATOM   195  C  C   . GLU A 1 27  ? -2.604  2.506   7.318   1.00 60.01  ? 27  GLU A C   1 
ATOM   196  O  O   . GLU A 1 27  ? -2.868  3.085   6.262   1.00 56.89  ? 27  GLU A O   1 
ATOM   197  C  CB  . GLU A 1 27  ? -4.415  1.072   8.320   1.00 73.13  ? 27  GLU A CB  1 
ATOM   198  C  CG  . GLU A 1 27  ? -3.604  -0.209  8.616   1.00 73.16  ? 27  GLU A CG  1 
ATOM   199  C  CD  . GLU A 1 27  ? -4.363  -1.497  8.263   1.00 82.76  ? 27  GLU A CD  1 
ATOM   200  O  OE1 . GLU A 1 27  ? -5.265  -1.446  7.399   1.00 87.96  ? 27  GLU A OE1 1 
ATOM   201  O  OE2 . GLU A 1 27  ? -4.066  -2.567  8.849   1.00 90.61  ? 27  GLU A OE2 1 
ATOM   202  N  N   . ILE A 1 28  ? -1.414  1.948   7.579   1.00 64.78  ? 28  ILE A N   1 
ATOM   203  C  CA  . ILE A 1 28  ? -0.372  1.782   6.560   1.00 59.35  ? 28  ILE A CA  1 
ATOM   204  C  C   . ILE A 1 28  ? 0.389   0.491   6.831   1.00 54.62  ? 28  ILE A C   1 
ATOM   205  O  O   . ILE A 1 28  ? 0.639   0.143   7.988   1.00 57.99  ? 28  ILE A O   1 
ATOM   206  C  CB  . ILE A 1 28  ? 0.591   2.996   6.510   1.00 59.08  ? 28  ILE A CB  1 
ATOM   207  C  CG1 . ILE A 1 28  ? 1.782   2.717   5.591   1.00 59.04  ? 28  ILE A CG1 1 
ATOM   208  C  CG2 . ILE A 1 28  ? 1.075   3.391   7.894   1.00 59.54  ? 28  ILE A CG2 1 
ATOM   209  C  CD1 . ILE A 1 28  ? 2.522   3.968   5.161   1.00 64.99  ? 28  ILE A CD1 1 
ATOM   210  N  N   . ALA A 1 29  ? 0.744   -0.229  5.752   1.00 58.09  ? 29  ALA A N   1 
ATOM   211  C  CA  . ALA A 1 29  ? 1.703   -1.336  5.780   1.00 59.60  ? 29  ALA A CA  1 
ATOM   212  C  C   . ALA A 1 29  ? 2.692   -1.232  4.617   1.00 56.86  ? 29  ALA A C   1 
ATOM   213  O  O   . ALA A 1 29  ? 2.327   -0.806  3.520   1.00 55.10  ? 29  ALA A O   1 
ATOM   214  C  CB  . ALA A 1 29  ? 1.008   -2.691  5.718   1.00 58.97  ? 29  ALA A CB  1 
ATOM   215  N  N   . ILE A 1 30  ? 3.946   -1.639  4.860   1.00 58.10  ? 30  ILE A N   1 
ATOM   216  C  CA  . ILE A 1 30  ? 5.002   -1.685  3.847   1.00 56.61  ? 30  ILE A CA  1 
ATOM   217  C  C   . ILE A 1 30  ? 5.520   -3.119  3.706   1.00 51.87  ? 30  ILE A C   1 
ATOM   218  O  O   . ILE A 1 30  ? 5.790   -3.777  4.715   1.00 53.82  ? 30  ILE A O   1 
ATOM   219  C  CB  . ILE A 1 30  ? 6.162   -0.742  4.214   1.00 54.87  ? 30  ILE A CB  1 
ATOM   220  C  CG1 . ILE A 1 30  ? 5.664   0.683   4.501   1.00 54.05  ? 30  ILE A CG1 1 
ATOM   221  C  CG2 . ILE A 1 30  ? 7.239   -0.768  3.132   1.00 56.53  ? 30  ILE A CG2 1 
ATOM   222  C  CD1 . ILE A 1 30  ? 6.576   1.482   5.495   1.00 51.01  ? 30  ILE A CD1 1 
ATOM   223  N  N   . ILE A 1 31  ? 5.683   -3.600  2.464   1.00 55.70  ? 31  ILE A N   1 
ATOM   224  C  CA  . ILE A 1 31  ? 6.419   -4.837  2.182   1.00 57.75  ? 31  ILE A CA  1 
ATOM   225  C  C   . ILE A 1 31  ? 7.496   -4.562  1.134   1.00 62.70  ? 31  ILE A C   1 
ATOM   226  O  O   . ILE A 1 31  ? 7.200   -4.050  0.044   1.00 56.88  ? 31  ILE A O   1 
ATOM   227  C  CB  . ILE A 1 31  ? 5.525   -5.984  1.675   1.00 61.16  ? 31  ILE A CB  1 
ATOM   228  C  CG1 . ILE A 1 31  ? 4.576   -6.490  2.769   1.00 68.29  ? 31  ILE A CG1 1 
ATOM   229  C  CG2 . ILE A 1 31  ? 6.399   -7.137  1.157   1.00 51.21  ? 31  ILE A CG2 1 
ATOM   230  C  CD1 . ILE A 1 31  ? 5.093   -7.716  3.573   1.00 61.30  ? 31  ILE A CD1 1 
ATOM   231  N  N   . ILE A 1 32  ? 8.737   -4.938  1.450   1.00 65.11  ? 32  ILE A N   1 
ATOM   232  C  CA  . ILE A 1 32  ? 9.855   -4.857  0.519   1.00 66.96  ? 32  ILE A CA  1 
ATOM   233  C  C   . ILE A 1 32  ? 10.060  -6.198  -0.155  1.00 64.03  ? 32  ILE A C   1 
ATOM   234  O  O   . ILE A 1 32  ? 10.284  -7.210  0.527   1.00 58.81  ? 32  ILE A O   1 
ATOM   235  C  CB  . ILE A 1 32  ? 11.149  -4.459  1.235   1.00 65.00  ? 32  ILE A CB  1 
ATOM   236  C  CG1 . ILE A 1 32  ? 10.883  -3.272  2.139   1.00 62.45  ? 32  ILE A CG1 1 
ATOM   237  C  CG2 . ILE A 1 32  ? 12.259  -4.215  0.197   1.00 63.96  ? 32  ILE A CG2 1 
ATOM   238  C  CD1 . ILE A 1 32  ? 10.913  -1.958  1.389   1.00 70.82  ? 32  ILE A CD1 1 
ATOM   239  N  N   . THR A 1 33  ? 10.056  -6.195  -1.487  1.00 63.65  ? 33  THR A N   1 
ATOM   240  C  CA  . THR A 1 33  ? 10.557  -7.323  -2.258  1.00 68.56  ? 33  THR A CA  1 
ATOM   241  C  C   . THR A 1 33  ? 11.832  -6.945  -3.007  1.00 75.11  ? 33  THR A C   1 
ATOM   242  O  O   . THR A 1 33  ? 12.217  -5.772  -3.113  1.00 71.91  ? 33  THR A O   1 
ATOM   243  C  CB  . THR A 1 33  ? 9.510   -7.810  -3.251  1.00 71.45  ? 33  THR A CB  1 
ATOM   244  O  OG1 . THR A 1 33  ? 9.513   -6.940  -4.394  1.00 65.86  ? 33  THR A OG1 1 
ATOM   245  C  CG2 . THR A 1 33  ? 8.127   -7.831  -2.583  1.00 66.01  ? 33  THR A CG2 1 
ATOM   246  N  N   . ASP A 1 34  ? 12.508  -7.969  -3.521  1.00 78.01  ? 34  ASP A N   1 
ATOM   247  C  CA  . ASP A 1 34  ? 13.528  -7.729  -4.525  1.00 69.91  ? 34  ASP A CA  1 
ATOM   248  C  C   . ASP A 1 34  ? 12.845  -7.579  -5.884  1.00 73.18  ? 34  ASP A C   1 
ATOM   249  O  O   . ASP A 1 34  ? 11.612  -7.621  -5.998  1.00 79.94  ? 34  ASP A O   1 
ATOM   250  C  CB  . ASP A 1 34  ? 14.583  -8.835  -4.500  1.00 62.21  ? 34  ASP A CB  1 
ATOM   251  C  CG  . ASP A 1 34  ? 14.072  -10.178 -4.994  1.00 69.08  ? 34  ASP A CG  1 
ATOM   252  O  OD1 . ASP A 1 34  ? 13.281  -10.254 -5.968  1.00 71.45  ? 34  ASP A OD1 1 
ATOM   253  O  OD2 . ASP A 1 34  ? 14.499  -11.196 -4.402  1.00 74.34  ? 34  ASP A OD2 1 
ATOM   254  N  N   . SER A 1 35  ? 13.653  -7.426  -6.933  1.00 70.15  ? 35  SER A N   1 
ATOM   255  C  CA  . SER A 1 35  ? 13.132  -7.126  -8.259  1.00 67.32  ? 35  SER A CA  1 
ATOM   256  C  C   . SER A 1 35  ? 12.397  -8.297  -8.896  1.00 70.51  ? 35  SER A C   1 
ATOM   257  O  O   . SER A 1 35  ? 11.766  -8.115  -9.941  1.00 67.57  ? 35  SER A O   1 
ATOM   258  C  CB  . SER A 1 35  ? 14.276  -6.702  -9.180  1.00 73.58  ? 35  SER A CB  1 
ATOM   259  O  OG  . SER A 1 35  ? 15.211  -7.764  -9.339  1.00 72.05  ? 35  SER A OG  1 
ATOM   260  N  N   . GLU A 1 36  ? 12.497  -9.497  -8.334  1.00 73.43  ? 36  GLU A N   1 
ATOM   261  C  CA  . GLU A 1 36  ? 11.832  -10.661 -8.895  1.00 74.71  ? 36  GLU A CA  1 
ATOM   262  C  C   . GLU A 1 36  ? 10.675  -11.105 -8.024  1.00 75.14  ? 36  GLU A C   1 
ATOM   263  O  O   . GLU A 1 36  ? 10.250  -12.264 -8.085  1.00 76.26  ? 36  GLU A O   1 
ATOM   264  C  CB  . GLU A 1 36  ? 12.812  -11.806 -9.117  1.00 79.09  ? 36  GLU A CB  1 
ATOM   265  C  CG  . GLU A 1 36  ? 13.612  -11.629 -10.385 1.00 79.41  ? 36  GLU A CG  1 
ATOM   266  C  CD  . GLU A 1 36  ? 15.064  -11.950 -10.188 1.00 91.89  ? 36  GLU A CD  1 
ATOM   267  O  OE1 . GLU A 1 36  ? 15.380  -12.675 -9.220  1.00 95.51  ? 36  GLU A OE1 1 
ATOM   268  O  OE2 . GLU A 1 36  ? 15.896  -11.447 -10.981 1.00 104.75 ? 36  GLU A OE2 1 
ATOM   269  N  N   . LEU A 1 37  ? 10.149  -10.175 -7.224  1.00 72.18  ? 37  LEU A N   1 
ATOM   270  C  CA  . LEU A 1 37  ? 8.917   -10.362 -6.475  1.00 74.00  ? 37  LEU A CA  1 
ATOM   271  C  C   . LEU A 1 37  ? 9.062   -11.389 -5.362  1.00 76.76  ? 37  LEU A C   1 
ATOM   272  O  O   . LEU A 1 37  ? 8.065   -11.994 -4.940  1.00 80.54  ? 37  LEU A O   1 
ATOM   273  C  CB  . LEU A 1 37  ? 7.765   -10.740 -7.411  1.00 72.52  ? 37  LEU A CB  1 
ATOM   274  C  CG  . LEU A 1 37  ? 7.727   -9.880  -8.679  1.00 68.36  ? 37  LEU A CG  1 
ATOM   275  C  CD1 . LEU A 1 37  ? 6.484   -10.180 -9.491  1.00 61.82  ? 37  LEU A CD1 1 
ATOM   276  C  CD2 . LEU A 1 37  ? 7.823   -8.388  -8.319  1.00 69.36  ? 37  LEU A CD2 1 
ATOM   277  N  N   . ASN A 1 38  ? 10.289  -11.601 -4.886  1.00 71.83  ? 38  ASN A N   1 
ATOM   278  C  CA  . ASN A 1 38  ? 10.524  -12.334 -3.648  1.00 72.73  ? 38  ASN A CA  1 
ATOM   279  C  C   . ASN A 1 38  ? 10.436  -11.350 -2.491  1.00 73.67  ? 38  ASN A C   1 
ATOM   280  O  O   . ASN A 1 38  ? 11.210  -10.386 -2.436  1.00 69.31  ? 38  ASN A O   1 
ATOM   281  C  CB  . ASN A 1 38  ? 11.896  -13.015 -3.653  1.00 74.83  ? 38  ASN A CB  1 
ATOM   282  C  CG  . ASN A 1 38  ? 12.117  -13.909 -4.879  1.00 79.55  ? 38  ASN A CG  1 
ATOM   283  O  OD1 . ASN A 1 38  ? 11.212  -14.659 -5.305  1.00 70.41  ? 38  ASN A OD1 1 
ATOM   284  N  ND2 . ASN A 1 38  ? 13.331  -13.819 -5.464  1.00 72.14  ? 38  ASN A ND2 1 
ATOM   285  N  N   . ILE A 1 39  ? 9.475   -11.571 -1.586  1.00 74.85  ? 39  ILE A N   1 
ATOM   286  C  CA  . ILE A 1 39  ? 9.373   -10.737 -0.396  1.00 67.97  ? 39  ILE A CA  1 
ATOM   287  C  C   . ILE A 1 39  ? 10.707  -10.756 0.338   1.00 73.97  ? 39  ILE A C   1 
ATOM   288  O  O   . ILE A 1 39  ? 11.229  -11.831 0.675   1.00 74.56  ? 39  ILE A O   1 
ATOM   289  C  CB  . ILE A 1 39  ? 8.243   -11.232 0.512   1.00 63.41  ? 39  ILE A CB  1 
ATOM   290  C  CG1 . ILE A 1 39  ? 6.858   -11.025 -0.145  1.00 75.60  ? 39  ILE A CG1 1 
ATOM   291  C  CG2 . ILE A 1 39  ? 8.350   -10.572 1.871   1.00 56.31  ? 39  ILE A CG2 1 
ATOM   292  C  CD1 . ILE A 1 39  ? 6.362   -12.209 -1.049  1.00 73.95  ? 39  ILE A CD1 1 
ATOM   293  N  N   . LEU A 1 40  ? 11.287  -9.573  0.568   1.00 67.38  ? 40  LEU A N   1 
ATOM   294  C  CA  . LEU A 1 40  ? 12.529  -9.480  1.325   1.00 65.10  ? 40  LEU A CA  1 
ATOM   295  C  C   . LEU A 1 40  ? 12.344  -8.992  2.753   1.00 64.17  ? 40  LEU A C   1 
ATOM   296  O  O   . LEU A 1 40  ? 13.203  -9.256  3.594   1.00 65.21  ? 40  LEU A O   1 
ATOM   297  C  CB  . LEU A 1 40  ? 13.519  -8.540  0.629   1.00 73.06  ? 40  LEU A CB  1 
ATOM   298  C  CG  . LEU A 1 40  ? 14.057  -8.820  -0.779  1.00 74.39  ? 40  LEU A CG  1 
ATOM   299  C  CD1 . LEU A 1 40  ? 15.263  -7.902  -1.036  1.00 75.06  ? 40  LEU A CD1 1 
ATOM   300  C  CD2 . LEU A 1 40  ? 14.419  -10.300 -1.000  1.00 68.29  ? 40  LEU A CD2 1 
ATOM   301  N  N   . ALA A 1 41  ? 11.268  -8.273  3.059   1.00 63.88  ? 41  ALA A N   1 
ATOM   302  C  CA  . ALA A 1 41  ? 11.136  -7.772  4.422   1.00 66.85  ? 41  ALA A CA  1 
ATOM   303  C  C   . ALA A 1 41  ? 9.715   -7.271  4.655   1.00 56.62  ? 41  ALA A C   1 
ATOM   304  O  O   . ALA A 1 41  ? 9.023   -6.878  3.715   1.00 57.36  ? 41  ALA A O   1 
ATOM   305  C  CB  . ALA A 1 41  ? 12.164  -6.655  4.711   1.00 57.39  ? 41  ALA A CB  1 
ATOM   306  N  N   . GLN A 1 42  ? 9.310   -7.253  5.921   1.00 54.66  ? 42  GLN A N   1 
ATOM   307  C  CA  . GLN A 1 42  ? 7.987   -6.801  6.336   1.00 56.92  ? 42  GLN A CA  1 
ATOM   308  C  C   . GLN A 1 42  ? 8.126   -5.588  7.243   1.00 55.77  ? 42  GLN A C   1 
ATOM   309  O  O   . GLN A 1 42  ? 8.691   -5.681  8.341   1.00 60.48  ? 42  GLN A O   1 
ATOM   310  C  CB  . GLN A 1 42  ? 7.226   -7.915  7.055   1.00 61.05  ? 42  GLN A CB  1 
ATOM   311  C  CG  . GLN A 1 42  ? 5.966   -7.411  7.729   1.00 67.38  ? 42  GLN A CG  1 
ATOM   312  C  CD  . GLN A 1 42  ? 5.226   -8.497  8.472   1.00 65.44  ? 42  GLN A CD  1 
ATOM   313  O  OE1 . GLN A 1 42  ? 5.214   -9.655  8.046   1.00 67.62  ? 42  GLN A OE1 1 
ATOM   314  N  NE2 . GLN A 1 42  ? 4.591   -8.129  9.584   1.00 62.44  ? 42  GLN A NE2 1 
ATOM   315  N  N   . GLY A 1 43  ? 7.600   -4.458  6.808   1.00 54.50  ? 43  GLY A N   1 
ATOM   316  C  CA  . GLY A 1 43  ? 7.728   -3.257  7.591   1.00 54.92  ? 43  GLY A CA  1 
ATOM   317  C  C   . GLY A 1 43  ? 6.728   -3.217  8.719   1.00 60.50  ? 43  GLY A C   1 
ATOM   318  O  O   . GLY A 1 43  ? 5.916   -4.133  8.922   1.00 63.31  ? 43  GLY A O   1 
ATOM   319  N  N   . PRO A 1 44  ? 6.770   -2.126  9.477   1.00 59.13  ? 44  PRO A N   1 
ATOM   320  C  CA  . PRO A 1 44  ? 5.752   -1.917  10.504  1.00 59.61  ? 44  PRO A CA  1 
ATOM   321  C  C   . PRO A 1 44  ? 4.387   -1.729  9.867   1.00 69.90  ? 44  PRO A C   1 
ATOM   322  O  O   . PRO A 1 44  ? 4.269   -1.270  8.725   1.00 69.94  ? 44  PRO A O   1 
ATOM   323  C  CB  . PRO A 1 44  ? 6.214   -0.643  11.212  1.00 67.36  ? 44  PRO A CB  1 
ATOM   324  C  CG  . PRO A 1 44  ? 7.074   0.081   10.177  1.00 64.33  ? 44  PRO A CG  1 
ATOM   325  C  CD  . PRO A 1 44  ? 7.684   -0.978  9.319   1.00 58.34  ? 44  PRO A CD  1 
ATOM   326  N  N   . ILE A 1 45  ? 3.359   -2.143  10.615  1.00 73.45  ? 45  ILE A N   1 
ATOM   327  C  CA  . ILE A 1 45  ? 1.949   -1.886  10.336  1.00 57.79  ? 45  ILE A CA  1 
ATOM   328  C  C   . ILE A 1 45  ? 1.474   -0.918  11.403  1.00 60.35  ? 45  ILE A C   1 
ATOM   329  O  O   . ILE A 1 45  ? 1.470   -1.264  12.590  1.00 66.40  ? 45  ILE A O   1 
ATOM   330  C  CB  . ILE A 1 45  ? 1.115   -3.173  10.417  1.00 63.02  ? 45  ILE A CB  1 
ATOM   331  C  CG1 . ILE A 1 45  ? 1.662   -4.287  9.538   1.00 66.04  ? 45  ILE A CG1 1 
ATOM   332  C  CG2 . ILE A 1 45  ? -0.368  -2.928  10.079  1.00 70.50  ? 45  ILE A CG2 1 
ATOM   333  C  CD1 . ILE A 1 45  ? 0.688   -5.496  9.506   1.00 66.26  ? 45  ILE A CD1 1 
ATOM   334  N  N   . PHE A 1 46  ? 1.062   0.280   11.012  1.00 55.67  ? 46  PHE A N   1 
ATOM   335  C  CA  . PHE A 1 46  ? 0.599   1.262   11.979  1.00 60.29  ? 46  PHE A CA  1 
ATOM   336  C  C   . PHE A 1 46  ? -0.879  1.551   11.765  1.00 69.02  ? 46  PHE A C   1 
ATOM   337  O  O   . PHE A 1 46  ? -1.310  1.777   10.627  1.00 68.63  ? 46  PHE A O   1 
ATOM   338  C  CB  . PHE A 1 46  ? 1.389   2.554   11.877  1.00 58.97  ? 46  PHE A CB  1 
ATOM   339  C  CG  . PHE A 1 46  ? 2.824   2.408   12.235  1.00 69.46  ? 46  PHE A CG  1 
ATOM   340  C  CD1 . PHE A 1 46  ? 3.195   1.895   13.468  1.00 72.18  ? 46  PHE A CD1 1 
ATOM   341  C  CD2 . PHE A 1 46  ? 3.815   2.798   11.353  1.00 67.23  ? 46  PHE A CD2 1 
ATOM   342  C  CE1 . PHE A 1 46  ? 4.535   1.778   13.805  1.00 66.68  ? 46  PHE A CE1 1 
ATOM   343  C  CE2 . PHE A 1 46  ? 5.138   2.667   11.694  1.00 67.40  ? 46  PHE A CE2 1 
ATOM   344  C  CZ  . PHE A 1 46  ? 5.490   2.154   12.922  1.00 59.78  ? 46  PHE A CZ  1 
ATOM   345  N  N   . ALA A 1 47  ? -1.650  1.546   12.859  1.00 65.36  ? 47  ALA A N   1 
ATOM   346  C  CA  . ALA A 1 47  ? -2.979  2.154   12.891  1.00 68.93  ? 47  ALA A CA  1 
ATOM   347  C  C   . ALA A 1 47  ? -2.801  3.522   13.538  1.00 67.92  ? 47  ALA A C   1 
ATOM   348  O  O   . ALA A 1 47  ? -2.378  3.615   14.694  1.00 69.98  ? 47  ALA A O   1 
ATOM   349  C  CB  . ALA A 1 47  ? -3.991  1.293   13.657  1.00 69.47  ? 47  ALA A CB  1 
ATOM   350  N  N   . ILE A 1 48  ? -3.117  4.577   12.792  1.00 67.94  ? 48  ILE A N   1 
ATOM   351  C  CA  . ILE A 1 48  ? -2.775  5.937   13.195  1.00 72.42  ? 48  ILE A CA  1 
ATOM   352  C  C   . ILE A 1 48  ? -3.849  6.478   14.135  1.00 75.57  ? 48  ILE A C   1 
ATOM   353  O  O   . ILE A 1 48  ? -5.045  6.401   13.833  1.00 72.75  ? 48  ILE A O   1 
ATOM   354  C  CB  . ILE A 1 48  ? -2.599  6.839   11.962  1.00 69.61  ? 48  ILE A CB  1 
ATOM   355  C  CG1 . ILE A 1 48  ? -1.375  6.414   11.130  1.00 71.01  ? 48  ILE A CG1 1 
ATOM   356  C  CG2 . ILE A 1 48  ? -2.431  8.289   12.382  1.00 69.10  ? 48  ILE A CG2 1 
ATOM   357  C  CD1 . ILE A 1 48  ? -1.563  5.219   10.228  1.00 63.61  ? 48  ILE A CD1 1 
ATOM   358  N  N   . SER A 1 49  ? -3.412  7.017   15.285  1.00 79.79  ? 49  SER A N   1 
ATOM   359  C  CA  . SER A 1 49  ? -4.309  7.695   16.219  1.00 76.65  ? 49  SER A CA  1 
ATOM   360  C  C   . SER A 1 49  ? -5.283  8.588   15.475  1.00 77.74  ? 49  SER A C   1 
ATOM   361  O  O   . SER A 1 49  ? -4.908  9.307   14.551  1.00 77.88  ? 49  SER A O   1 
ATOM   362  C  CB  . SER A 1 49  ? -3.520  8.554   17.208  1.00 80.18  ? 49  SER A CB  1 
ATOM   363  O  OG  . SER A 1 49  ? -4.380  9.501   17.833  1.00 86.14  ? 49  SER A OG  1 
ATOM   364  N  N   . GLN A 1 50  ? -6.537  8.554   15.889  1.00 82.95  ? 50  GLN A N   1 
ATOM   365  C  CA  . GLN A 1 50  ? -7.519  9.448   15.302  1.00 82.75  ? 50  GLN A CA  1 
ATOM   366  C  C   . GLN A 1 50  ? -8.475  9.961   16.364  1.00 82.04  ? 50  GLN A C   1 
ATOM   367  O  O   . GLN A 1 50  ? -8.845  9.233   17.296  1.00 82.30  ? 50  GLN A O   1 
ATOM   368  C  CB  . GLN A 1 50  ? -8.312  8.775   14.182  1.00 84.35  ? 50  GLN A CB  1 
ATOM   369  C  CG  . GLN A 1 50  ? -7.557  8.712   12.852  1.00 85.60  ? 50  GLN A CG  1 
ATOM   370  C  CD  . GLN A 1 50  ? -6.879  10.019  12.482  1.00 80.03  ? 50  GLN A CD  1 
ATOM   371  O  OE1 . GLN A 1 50  ? -7.354  11.117  12.808  1.00 81.58  ? 50  GLN A OE1 1 
ATOM   372  N  NE2 . GLN A 1 50  ? -5.751  9.905   11.800  1.00 76.80  ? 50  GLN A NE2 1 
ATOM   373  N  N   . THR A 1 51  ? -8.834  11.238  16.219  1.00 82.99  ? 51  THR A N   1 
ATOM   374  C  CA  . THR A 1 51  ? -9.905  11.829  17.008  1.00 86.47  ? 51  THR A CA  1 
ATOM   375  C  C   . THR A 1 51  ? -11.104 10.899  17.004  1.00 89.51  ? 51  THR A C   1 
ATOM   376  O  O   . THR A 1 51  ? -11.460 10.322  15.973  1.00 91.33  ? 51  THR A O   1 
ATOM   377  C  CB  . THR A 1 51  ? -10.325 13.184  16.425  1.00 89.30  ? 51  THR A CB  1 
ATOM   378  O  OG1 . THR A 1 51  ? -11.292 12.969  15.380  1.00 87.55  ? 51  THR A OG1 1 
ATOM   379  C  CG2 . THR A 1 51  ? -9.117  13.922  15.837  1.00 77.51  ? 51  THR A CG2 1 
ATOM   380  N  N   . ASP A 1 52  ? -11.739 10.746  18.159  1.00 90.70  ? 52  ASP A N   1 
ATOM   381  C  CA  . ASP A 1 52  ? -12.981 9.988   18.154  1.00 90.53  ? 52  ASP A CA  1 
ATOM   382  C  C   . ASP A 1 52  ? -14.016 10.642  17.238  1.00 91.15  ? 52  ASP A C   1 
ATOM   383  O  O   . ASP A 1 52  ? -14.863 9.947   16.671  1.00 94.57  ? 52  ASP A O   1 
ATOM   384  C  CB  . ASP A 1 52  ? -13.503 9.829   19.584  1.00 91.92  ? 52  ASP A CB  1 
ATOM   385  C  CG  . ASP A 1 52  ? -13.985 8.416   19.871  1.00 94.95  ? 52  ASP A CG  1 
ATOM   386  O  OD1 . ASP A 1 52  ? -14.587 7.803   18.956  1.00 93.29  ? 52  ASP A OD1 1 
ATOM   387  O  OD2 . ASP A 1 52  ? -13.757 7.921   20.997  1.00 93.68  ? 52  ASP A OD2 1 
ATOM   388  N  N   . ASP A 1 53  ? -13.927 11.965  17.040  1.00 92.21  ? 53  ASP A N   1 
ATOM   389  C  CA  . ASP A 1 53  ? -14.868 12.679  16.172  1.00 90.09  ? 53  ASP A CA  1 
ATOM   390  C  C   . ASP A 1 53  ? -14.724 12.245  14.710  1.00 94.31  ? 53  ASP A C   1 
ATOM   391  O  O   . ASP A 1 53  ? -15.709 11.864  14.067  1.00 91.78  ? 53  ASP A O   1 
ATOM   392  C  CB  . ASP A 1 53  ? -14.656 14.193  16.347  1.00 89.98  ? 53  ASP A CB  1 
ATOM   393  C  CG  . ASP A 1 53  ? -15.272 15.042  15.222  1.00 99.64  ? 53  ASP A CG  1 
ATOM   394  O  OD1 . ASP A 1 53  ? -14.661 15.157  14.129  1.00 99.29  ? 53  ASP A OD1 1 
ATOM   395  O  OD2 . ASP A 1 53  ? -16.350 15.639  15.449  1.00 108.35 ? 53  ASP A OD2 1 
ATOM   396  N  N   . VAL A 1 54  ? -13.498 12.298  14.167  1.00 96.97  ? 54  VAL A N   1 
ATOM   397  C  CA  . VAL A 1 54  ? -13.262 11.861  12.788  1.00 93.42  ? 54  VAL A CA  1 
ATOM   398  C  C   . VAL A 1 54  ? -13.763 10.437  12.586  1.00 90.39  ? 54  VAL A C   1 
ATOM   399  O  O   . VAL A 1 54  ? -14.423 10.132  11.585  1.00 88.90  ? 54  VAL A O   1 
ATOM   400  C  CB  . VAL A 1 54  ? -11.763 11.983  12.436  1.00 89.55  ? 54  VAL A CB  1 
ATOM   401  C  CG1 . VAL A 1 54  ? -11.418 11.127  11.217  1.00 79.69  ? 54  VAL A CG1 1 
ATOM   402  C  CG2 . VAL A 1 54  ? -11.380 13.439  12.193  1.00 93.00  ? 54  VAL A CG2 1 
ATOM   403  N  N   . LEU A 1 55  ? -13.471 9.549   13.542  1.00 89.30  ? 55  LEU A N   1 
ATOM   404  C  CA  . LEU A 1 55  ? -13.712 8.119   13.358  1.00 93.61  ? 55  LEU A CA  1 
ATOM   405  C  C   . LEU A 1 55  ? -15.206 7.785   13.370  1.00 95.71  ? 55  LEU A C   1 
ATOM   406  O  O   . LEU A 1 55  ? -15.650 6.851   12.687  1.00 94.99  ? 55  LEU A O   1 
ATOM   407  C  CB  . LEU A 1 55  ? -12.983 7.328   14.453  1.00 95.88  ? 55  LEU A CB  1 
ATOM   408  C  CG  . LEU A 1 55  ? -11.533 6.843   14.301  1.00 93.14  ? 55  LEU A CG  1 
ATOM   409  C  CD1 . LEU A 1 55  ? -11.067 6.124   15.582  1.00 89.70  ? 55  LEU A CD1 1 
ATOM   410  C  CD2 . LEU A 1 55  ? -11.379 5.934   13.090  1.00 88.49  ? 55  LEU A CD2 1 
ATOM   411  N  N   . ASP A 1 56  ? -15.997 8.514   14.161  1.00 95.64  ? 56  ASP A N   1 
ATOM   412  C  CA  . ASP A 1 56  ? -17.433 8.244   14.215  1.00 93.34  ? 56  ASP A CA  1 
ATOM   413  C  C   . ASP A 1 56  ? -18.146 8.791   12.984  1.00 94.38  ? 56  ASP A C   1 
ATOM   414  O  O   . ASP A 1 56  ? -19.153 8.223   12.536  1.00 94.60  ? 56  ASP A O   1 
ATOM   415  C  CB  . ASP A 1 56  ? -18.031 8.845   15.486  1.00 89.83  ? 56  ASP A CB  1 
ATOM   416  C  CG  . ASP A 1 56  ? -17.882 7.936   16.690  1.00 90.73  ? 56  ASP A CG  1 
ATOM   417  O  OD1 . ASP A 1 56  ? -18.135 6.719   16.545  1.00 88.43  ? 56  ASP A OD1 1 
ATOM   418  O  OD2 . ASP A 1 56  ? -17.517 8.444   17.777  1.00 90.46  ? 56  ASP A OD2 1 
ATOM   419  N  N   . ASN A 1 57  ? -17.644 9.898   12.434  1.00 91.75  ? 57  ASN A N   1 
ATOM   420  C  CA  . ASN A 1 57  ? -18.224 10.551  11.270  1.00 88.48  ? 57  ASN A CA  1 
ATOM   421  C  C   . ASN A 1 57  ? -17.352 10.359  10.045  1.00 94.55  ? 57  ASN A C   1 
ATOM   422  O  O   . ASN A 1 57  ? -17.375 11.165  9.111   1.00 100.77 ? 57  ASN A O   1 
ATOM   423  C  CB  . ASN A 1 57  ? -18.446 12.022  11.558  1.00 85.89  ? 57  ASN A CB  1 
ATOM   424  C  CG  . ASN A 1 57  ? -19.779 12.265  12.183  1.00 90.25  ? 57  ASN A CG  1 
ATOM   425  O  OD1 . ASN A 1 57  ? -19.843 12.851  13.253  1.00 88.03  ? 57  ASN A OD1 1 
ATOM   426  N  ND2 . ASN A 1 57  ? -20.866 11.816  11.524  1.00 93.93  ? 57  ASN A ND2 1 
ATOM   427  N  N   . MET A 1 58  ? -16.550 9.302   10.074  1.00 97.78  ? 58  MET A N   1 
ATOM   428  C  CA  . MET A 1 58  ? -15.970 8.755   8.863   1.00 101.60 ? 58  MET A CA  1 
ATOM   429  C  C   . MET A 1 58  ? -17.056 8.613   7.809   1.00 101.20 ? 58  MET A C   1 
ATOM   430  O  O   . MET A 1 58  ? -18.246 8.488   8.121   1.00 95.90  ? 58  MET A O   1 
ATOM   431  C  CB  . MET A 1 58  ? -15.347 7.396   9.180   1.00 101.60 ? 58  MET A CB  1 
ATOM   432  C  CG  . MET A 1 58  ? -14.294 6.877   8.255   1.00 100.00 ? 58  MET A CG  1 
ATOM   433  S  SD  . MET A 1 58  ? -13.376 5.687   9.242   1.00 95.35  ? 58  MET A SD  1 
ATOM   434  C  CE  . MET A 1 58  ? -14.264 4.193   8.884   1.00 94.44  ? 58  MET A CE  1 
ATOM   435  N  N   . ASN A 1 59  ? -16.665 8.654   6.554   1.00 107.32 ? 59  ASN A N   1 
ATOM   436  C  CA  . ASN A 1 59  ? -17.676 8.521   5.527   1.00 105.72 ? 59  ASN A CA  1 
ATOM   437  C  C   . ASN A 1 59  ? -18.214 7.093   5.550   1.00 101.42 ? 59  ASN A C   1 
ATOM   438  O  O   . ASN A 1 59  ? -17.428 6.139   5.634   1.00 98.38  ? 59  ASN A O   1 
ATOM   439  C  CB  . ASN A 1 59  ? -17.112 8.899   4.164   1.00 105.24 ? 59  ASN A CB  1 
ATOM   440  C  CG  . ASN A 1 59  ? -17.790 10.130  3.607   1.00 114.32 ? 59  ASN A CG  1 
ATOM   441  O  OD1 . ASN A 1 59  ? -18.456 10.869  4.345   1.00 116.08 ? 59  ASN A OD1 1 
ATOM   442  N  ND2 . ASN A 1 59  ? -17.653 10.350  2.305   1.00 118.11 ? 59  ASN A ND2 1 
ATOM   443  N  N   . PRO A 1 60  ? -19.541 6.909   5.523   1.00 103.61 ? 60  PRO A N   1 
ATOM   444  C  CA  . PRO A 1 60  ? -20.095 5.582   5.833   1.00 101.20 ? 60  PRO A CA  1 
ATOM   445  C  C   . PRO A 1 60  ? -19.744 4.546   4.791   1.00 103.37 ? 60  PRO A C   1 
ATOM   446  O  O   . PRO A 1 60  ? -19.039 4.840   3.814   1.00 100.64 ? 60  PRO A O   1 
ATOM   447  C  CB  . PRO A 1 60  ? -21.608 5.834   5.927   1.00 95.19  ? 60  PRO A CB  1 
ATOM   448  C  CG  . PRO A 1 60  ? -21.840 7.061   5.142   1.00 100.29 ? 60  PRO A CG  1 
ATOM   449  C  CD  . PRO A 1 60  ? -20.594 7.907   5.273   1.00 102.81 ? 60  PRO A CD  1 
ATOM   450  N  N   . TRP A 1 61  ? -20.236 3.326   5.022   1.00 105.08 ? 61  TRP A N   1 
ATOM   451  C  CA  . TRP A 1 61  ? -19.759 2.103   4.379   1.00 110.14 ? 61  TRP A CA  1 
ATOM   452  C  C   . TRP A 1 61  ? -18.359 1.776   4.903   1.00 106.94 ? 61  TRP A C   1 
ATOM   453  O  O   . TRP A 1 61  ? -18.122 0.660   5.378   1.00 106.52 ? 61  TRP A O   1 
ATOM   454  C  CB  . TRP A 1 61  ? -19.802 2.214   2.843   1.00 113.95 ? 61  TRP A CB  1 
ATOM   455  C  CG  . TRP A 1 61  ? -19.074 1.115   2.099   1.00 115.62 ? 61  TRP A CG  1 
ATOM   456  C  CD1 . TRP A 1 61  ? -18.302 1.266   0.983   1.00 114.13 ? 61  TRP A CD1 1 
ATOM   457  C  CD2 . TRP A 1 61  ? -19.059 -0.293  2.406   1.00 116.71 ? 61  TRP A CD2 1 
ATOM   458  N  NE1 . TRP A 1 61  ? -17.791 0.051   0.588   1.00 114.18 ? 61  TRP A NE1 1 
ATOM   459  C  CE2 . TRP A 1 61  ? -18.245 -0.920  1.445   1.00 117.31 ? 61  TRP A CE2 1 
ATOM   460  C  CE3 . TRP A 1 61  ? -19.654 -1.083  3.403   1.00 112.96 ? 61  TRP A CE3 1 
ATOM   461  C  CZ2 . TRP A 1 61  ? -18.011 -2.291  1.451   1.00 115.73 ? 61  TRP A CZ2 1 
ATOM   462  C  CZ3 . TRP A 1 61  ? -19.413 -2.451  3.406   1.00 111.41 ? 61  TRP A CZ3 1 
ATOM   463  C  CH2 . TRP A 1 61  ? -18.601 -3.038  2.435   1.00 110.80 ? 61  TRP A CH2 1 
ATOM   464  N  N   . CYS A 1 62  ? -17.430 2.736   4.853   1.00 102.20 ? 62  CYS A N   1 
ATOM   465  C  CA  . CYS A 1 62  ? -16.175 2.554   5.575   1.00 98.92  ? 62  CYS A CA  1 
ATOM   466  C  C   . CYS A 1 62  ? -16.411 2.436   7.079   1.00 97.41  ? 62  CYS A C   1 
ATOM   467  O  O   . CYS A 1 62  ? -15.733 1.647   7.749   1.00 94.06  ? 62  CYS A O   1 
ATOM   468  C  CB  . CYS A 1 62  ? -15.210 3.698   5.259   1.00 97.10  ? 62  CYS A CB  1 
ATOM   469  S  SG  . CYS A 1 62  ? -14.304 3.498   3.689   1.00 113.39 ? 62  CYS A SG  1 
ATOM   470  N  N   . ILE A 1 63  ? -17.353 3.214   7.629   1.00 97.29  ? 63  ILE A N   1 
ATOM   471  C  CA  . ILE A 1 63  ? -17.844 2.978   8.989   1.00 91.89  ? 63  ILE A CA  1 
ATOM   472  C  C   . ILE A 1 63  ? -18.177 1.504   9.176   1.00 92.96  ? 63  ILE A C   1 
ATOM   473  O  O   . ILE A 1 63  ? -17.694 0.843   10.102  1.00 88.77  ? 63  ILE A O   1 
ATOM   474  C  CB  . ILE A 1 63  ? -19.081 3.833   9.280   1.00 91.03  ? 63  ILE A CB  1 
ATOM   475  C  CG1 . ILE A 1 63  ? -18.720 5.304   9.346   1.00 93.90  ? 63  ILE A CG1 1 
ATOM   476  C  CG2 . ILE A 1 63  ? -19.735 3.383   10.573  1.00 89.39  ? 63  ILE A CG2 1 
ATOM   477  C  CD1 . ILE A 1 63  ? -18.287 5.720   10.684  1.00 96.86  ? 63  ILE A CD1 1 
ATOM   478  N  N   . GLU A 1 64  ? -19.052 1.001   8.300   1.00 97.28  ? 64  GLU A N   1 
ATOM   479  C  CA  . GLU A 1 64  ? -19.404 -0.416  8.290   1.00 100.85 ? 64  GLU A CA  1 
ATOM   480  C  C   . GLU A 1 64  ? -18.167 -1.286  8.110   1.00 96.68  ? 64  GLU A C   1 
ATOM   481  O  O   . GLU A 1 64  ? -17.953 -2.233  8.874   1.00 97.87  ? 64  GLU A O   1 
ATOM   482  C  CB  . GLU A 1 64  ? -20.437 -0.675  7.178   1.00 102.47 ? 64  GLU A CB  1 
ATOM   483  C  CG  . GLU A 1 64  ? -20.907 -2.134  6.956   1.00 96.13  ? 64  GLU A CG  1 
ATOM   484  C  CD  . GLU A 1 64  ? -21.567 -2.771  8.176   1.00 102.99 ? 64  GLU A CD  1 
ATOM   485  O  OE1 . GLU A 1 64  ? -20.859 -3.121  9.153   1.00 98.44  ? 64  GLU A OE1 1 
ATOM   486  O  OE2 . GLU A 1 64  ? -22.810 -2.928  8.155   1.00 108.75 ? 64  GLU A OE2 1 
ATOM   487  N  N   . HIS A 1 65  ? -17.323 -0.961  7.126   1.00 99.75  ? 65  HIS A N   1 
ATOM   488  C  CA  . HIS A 1 65  ? -16.198 -1.833  6.788   1.00 101.34 ? 65  HIS A CA  1 
ATOM   489  C  C   . HIS A 1 65  ? -15.097 -1.761  7.843   1.00 98.22  ? 65  HIS A C   1 
ATOM   490  O  O   . HIS A 1 65  ? -14.532 -2.790  8.229   1.00 98.81  ? 65  HIS A O   1 
ATOM   491  C  CB  . HIS A 1 65  ? -15.653 -1.479  5.399   1.00 100.88 ? 65  HIS A CB  1 
ATOM   492  C  CG  . HIS A 1 65  ? -14.558 -2.388  4.924   1.00 104.70 ? 65  HIS A CG  1 
ATOM   493  N  ND1 . HIS A 1 65  ? -14.375 -3.666  5.407   1.00 107.99 ? 65  HIS A ND1 1 
ATOM   494  C  CD2 . HIS A 1 65  ? -13.583 -2.196  4.005   1.00 107.63 ? 65  HIS A CD2 1 
ATOM   495  C  CE1 . HIS A 1 65  ? -13.337 -4.222  4.804   1.00 110.32 ? 65  HIS A CE1 1 
ATOM   496  N  NE2 . HIS A 1 65  ? -12.839 -3.350  3.946   1.00 110.25 ? 65  HIS A NE2 1 
ATOM   497  N  N   . HIS A 1 66  ? -14.783 -0.558  8.338   1.00 94.63  ? 66  HIS A N   1 
ATOM   498  C  CA  . HIS A 1 66  ? -13.653 -0.443  9.257   1.00 91.91  ? 66  HIS A CA  1 
ATOM   499  C  C   . HIS A 1 66  ? -14.040 -0.733  10.705  1.00 93.29  ? 66  HIS A C   1 
ATOM   500  O  O   . HIS A 1 66  ? -13.170 -1.089  11.512  1.00 89.32  ? 66  HIS A O   1 
ATOM   501  C  CB  . HIS A 1 66  ? -13.001 0.931   9.117   1.00 91.03  ? 66  HIS A CB  1 
ATOM   502  C  CG  . HIS A 1 66  ? -12.274 1.116   7.820   1.00 89.20  ? 66  HIS A CG  1 
ATOM   503  N  ND1 . HIS A 1 66  ? -12.174 2.337   7.191   1.00 87.67  ? 66  HIS A ND1 1 
ATOM   504  C  CD2 . HIS A 1 66  ? -11.622 0.230   7.029   1.00 86.21  ? 66  HIS A CD2 1 
ATOM   505  C  CE1 . HIS A 1 66  ? -11.490 2.197   6.070   1.00 87.95  ? 66  HIS A CE1 1 
ATOM   506  N  NE2 . HIS A 1 66  ? -11.144 0.927   5.947   1.00 87.97  ? 66  HIS A NE2 1 
ATOM   507  N  N   . GLY A 1 67  ? -15.320 -0.589  11.062  1.00 96.81  ? 67  GLY A N   1 
ATOM   508  C  CA  . GLY A 1 67  ? -15.797 -1.226  12.279  1.00 93.66  ? 67  GLY A CA  1 
ATOM   509  C  C   . GLY A 1 67  ? -15.702 -2.739  12.191  1.00 96.58  ? 67  GLY A C   1 
ATOM   510  O  O   . GLY A 1 67  ? -15.173 -3.398  13.089  1.00 97.39  ? 67  GLY A O   1 
ATOM   511  N  N   . LYS A 1 68  ? -16.199 -3.304  11.082  1.00 100.73 ? 68  LYS A N   1 
ATOM   512  C  CA  . LYS A 1 68  ? -16.089 -4.733  10.778  1.00 101.47 ? 68  LYS A CA  1 
ATOM   513  C  C   . LYS A 1 68  ? -14.640 -5.225  10.806  1.00 100.10 ? 68  LYS A C   1 
ATOM   514  O  O   . LYS A 1 68  ? -14.379 -6.350  11.257  1.00 100.68 ? 68  LYS A O   1 
ATOM   515  C  CB  . LYS A 1 68  ? -16.728 -4.992  9.402   1.00 103.59 ? 68  LYS A CB  1 
ATOM   516  C  CG  . LYS A 1 68  ? -16.842 -6.439  8.907   1.00 106.25 ? 68  LYS A CG  1 
ATOM   517  C  CD  . LYS A 1 68  ? -17.356 -6.486  7.445   1.00 105.23 ? 68  LYS A CD  1 
ATOM   518  C  CE  . LYS A 1 68  ? -16.671 -5.429  6.553   1.00 105.53 ? 68  LYS A CE  1 
ATOM   519  N  NZ  . LYS A 1 68  ? -17.401 -5.038  5.295   1.00 104.39 ? 68  LYS A NZ  1 
ATOM   520  N  N   . SER A 1 69  ? -13.688 -4.403  10.341  1.00 98.57  ? 69  SER A N   1 
ATOM   521  C  CA  . SER A 1 69  ? -12.298 -4.843  10.218  1.00 97.74  ? 69  SER A CA  1 
ATOM   522  C  C   . SER A 1 69  ? -11.628 -5.086  11.564  1.00 91.80  ? 69  SER A C   1 
ATOM   523  O  O   . SER A 1 69  ? -10.673 -5.873  11.638  1.00 86.09  ? 69  SER A O   1 
ATOM   524  C  CB  . SER A 1 69  ? -11.488 -3.803  9.451   1.00 94.60  ? 69  SER A CB  1 
ATOM   525  O  OG  . SER A 1 69  ? -11.562 -2.558  10.122  1.00 96.21  ? 69  SER A OG  1 
ATOM   526  N  N   . GLY A 1 70  ? -12.120 -4.441  12.624  1.00 87.20  ? 70  GLY A N   1 
ATOM   527  C  CA  . GLY A 1 70  ? -11.360 -4.252  13.832  1.00 88.69  ? 70  GLY A CA  1 
ATOM   528  C  C   . GLY A 1 70  ? -10.426 -3.064  13.778  1.00 92.41  ? 70  GLY A C   1 
ATOM   529  O  O   . GLY A 1 70  ? -9.871  -2.677  14.820  1.00 85.34  ? 70  GLY A O   1 
ATOM   530  N  N   . LEU A 1 71  ? -10.257 -2.461  12.593  1.00 91.59  ? 71  LEU A N   1 
ATOM   531  C  CA  . LEU A 1 71  ? -9.308  -1.368  12.407  1.00 84.89  ? 71  LEU A CA  1 
ATOM   532  C  C   . LEU A 1 71  ? -9.713  -0.134  13.205  1.00 84.65  ? 71  LEU A C   1 
ATOM   533  O  O   . LEU A 1 71  ? -8.862  0.519   13.825  1.00 79.61  ? 71  LEU A O   1 
ATOM   534  C  CB  . LEU A 1 71  ? -9.194  -1.026  10.919  1.00 83.73  ? 71  LEU A CB  1 
ATOM   535  C  CG  . LEU A 1 71  ? -8.436  0.252   10.560  1.00 84.04  ? 71  LEU A CG  1 
ATOM   536  C  CD1 . LEU A 1 71  ? -6.987  0.122   11.012  1.00 79.18  ? 71  LEU A CD1 1 
ATOM   537  C  CD2 . LEU A 1 71  ? -8.520  0.573   9.068   1.00 80.66  ? 71  LEU A CD2 1 
ATOM   538  N  N   . THR A 1 72  ? -11.015 0.185   13.208  1.00 84.33  ? 72  THR A N   1 
ATOM   539  C  CA  . THR A 1 72  ? -11.485 1.459   13.751  1.00 86.33  ? 72  THR A CA  1 
ATOM   540  C  C   . THR A 1 72  ? -11.119 1.610   15.227  1.00 85.66  ? 72  THR A C   1 
ATOM   541  O  O   . THR A 1 72  ? -10.676 2.683   15.662  1.00 83.62  ? 72  THR A O   1 
ATOM   542  C  CB  . THR A 1 72  ? -13.003 1.598   13.544  1.00 84.16  ? 72  THR A CB  1 
ATOM   543  O  OG1 . THR A 1 72  ? -13.302 1.627   12.143  1.00 82.57  ? 72  THR A OG1 1 
ATOM   544  C  CG2 . THR A 1 72  ? -13.510 2.890   14.151  1.00 83.88  ? 72  THR A CG2 1 
ATOM   545  N  N   . GLN A 1 73  ? -11.286 0.540   16.014  1.00 80.97  ? 73  GLN A N   1 
ATOM   546  C  CA  . GLN A 1 73  ? -10.967 0.634   17.436  1.00 82.97  ? 73  GLN A CA  1 
ATOM   547  C  C   . GLN A 1 73  ? -9.464  0.662   17.666  1.00 84.57  ? 73  GLN A C   1 
ATOM   548  O  O   . GLN A 1 73  ? -8.988  1.271   18.633  1.00 81.33  ? 73  GLN A O   1 
ATOM   549  C  CB  . GLN A 1 73  ? -11.604 -0.525  18.205  1.00 84.50  ? 73  GLN A CB  1 
ATOM   550  C  CG  . GLN A 1 73  ? -11.621 -0.319  19.714  1.00 88.83  ? 73  GLN A CG  1 
ATOM   551  C  CD  . GLN A 1 73  ? -12.721 0.633   20.152  1.00 100.25 ? 73  GLN A CD  1 
ATOM   552  O  OE1 . GLN A 1 73  ? -12.728 1.115   21.288  1.00 101.86 ? 73  GLN A OE1 1 
ATOM   553  N  NE2 . GLN A 1 73  ? -13.658 0.911   19.248  1.00 103.24 ? 73  GLN A NE2 1 
ATOM   554  N  N   . ARG A 1 74  ? -8.704  0.014   16.786  1.00 85.54  ? 74  ARG A N   1 
ATOM   555  C  CA  . ARG A 1 74  ? -7.258  0.077   16.886  1.00 81.39  ? 74  ARG A CA  1 
ATOM   556  C  C   . ARG A 1 74  ? -6.755  1.509   16.731  1.00 83.30  ? 74  ARG A C   1 
ATOM   557  O  O   . ARG A 1 74  ? -5.747  1.873   17.348  1.00 85.61  ? 74  ARG A O   1 
ATOM   558  C  CB  . ARG A 1 74  ? -6.631  -0.852  15.851  1.00 82.04  ? 74  ARG A CB  1 
ATOM   559  C  CG  . ARG A 1 74  ? -6.909  -2.325  16.075  1.00 73.98  ? 74  ARG A CG  1 
ATOM   560  C  CD  . ARG A 1 74  ? -6.747  -3.119  14.778  1.00 86.03  ? 74  ARG A CD  1 
ATOM   561  N  NE  . ARG A 1 74  ? -5.539  -2.763  14.030  1.00 92.91  ? 74  ARG A NE  1 
ATOM   562  C  CZ  . ARG A 1 74  ? -5.321  -3.090  12.757  1.00 91.99  ? 74  ARG A CZ  1 
ATOM   563  N  NH1 . ARG A 1 74  ? -6.239  -3.775  12.076  1.00 95.27  ? 74  ARG A NH1 1 
ATOM   564  N  NH2 . ARG A 1 74  ? -4.190  -2.730  12.163  1.00 84.93  ? 74  ARG A NH2 1 
ATOM   565  N  N   . CYS A 1 75  ? -7.450  2.337   15.934  1.00 80.54  ? 75  CYS A N   1 
ATOM   566  C  CA  . CYS A 1 75  ? -7.119  3.763   15.875  1.00 78.43  ? 75  CYS A CA  1 
ATOM   567  C  C   . CYS A 1 75  ? -7.604  4.498   17.113  1.00 78.75  ? 75  CYS A C   1 
ATOM   568  O  O   . CYS A 1 75  ? -6.978  5.468   17.552  1.00 83.90  ? 75  CYS A O   1 
ATOM   569  C  CB  . CYS A 1 75  ? -7.705  4.431   14.620  1.00 79.39  ? 75  CYS A CB  1 
ATOM   570  S  SG  . CYS A 1 75  ? -7.262  3.763   12.975  1.00 66.23  ? 75  CYS A SG  1 
ATOM   571  N  N   . ARG A 1 76  ? -8.734  4.086   17.670  1.00 83.90  ? 76  ARG A N   1 
ATOM   572  C  CA  . ARG A 1 76  ? -9.171  4.702   18.915  1.00 86.52  ? 76  ARG A CA  1 
ATOM   573  C  C   . ARG A 1 76  ? -8.191  4.403   20.038  1.00 87.18  ? 76  ARG A C   1 
ATOM   574  O  O   . ARG A 1 76  ? -7.905  5.276   20.872  1.00 89.83  ? 76  ARG A O   1 
ATOM   575  C  CB  . ARG A 1 76  ? -10.570 4.223   19.284  1.00 86.04  ? 76  ARG A CB  1 
ATOM   576  C  CG  . ARG A 1 76  ? -11.580 5.346   19.378  1.00 88.46  ? 76  ARG A CG  1 
ATOM   577  C  CD  . ARG A 1 76  ? -12.924 4.815   19.805  1.00 90.89  ? 76  ARG A CD  1 
ATOM   578  N  NE  . ARG A 1 76  ? -13.491 3.910   18.805  1.00 89.61  ? 76  ARG A NE  1 
ATOM   579  C  CZ  . ARG A 1 76  ? -14.346 4.269   17.846  1.00 86.09  ? 76  ARG A CZ  1 
ATOM   580  N  NH1 . ARG A 1 76  ? -14.765 5.524   17.736  1.00 79.42  ? 76  ARG A NH1 1 
ATOM   581  N  NH2 . ARG A 1 76  ? -14.793 3.360   16.994  1.00 85.84  ? 76  ARG A NH2 1 
ATOM   582  N  N   . ASP A 1 77  ? -7.633  3.186   20.038  1.00 85.86  ? 77  ASP A N   1 
ATOM   583  C  CA  . ASP A 1 77  ? -6.730  2.689   21.070  1.00 86.89  ? 77  ASP A CA  1 
ATOM   584  C  C   . ASP A 1 77  ? -5.258  2.911   20.758  1.00 85.08  ? 77  ASP A C   1 
ATOM   585  O  O   . ASP A 1 77  ? -4.404  2.439   21.521  1.00 89.08  ? 77  ASP A O   1 
ATOM   586  C  CB  . ASP A 1 77  ? -6.958  1.191   21.291  1.00 89.19  ? 77  ASP A CB  1 
ATOM   587  C  CG  . ASP A 1 77  ? -8.176  0.909   22.146  1.00 97.72  ? 77  ASP A CG  1 
ATOM   588  O  OD1 . ASP A 1 77  ? -9.024  1.824   22.296  1.00 96.32  ? 77  ASP A OD1 1 
ATOM   589  O  OD2 . ASP A 1 77  ? -8.285  -0.229  22.667  1.00 102.05 ? 77  ASP A OD2 1 
ATOM   590  N  N   . SER A 1 78  ? -4.929  3.593   19.667  1.00 83.71  ? 78  SER A N   1 
ATOM   591  C  CA  . SER A 1 78  ? -3.536  3.819   19.302  1.00 83.99  ? 78  SER A CA  1 
ATOM   592  C  C   . SER A 1 78  ? -3.102  5.245   19.642  1.00 84.66  ? 78  SER A C   1 
ATOM   593  O  O   . SER A 1 78  ? -3.862  6.206   19.463  1.00 84.73  ? 78  SER A O   1 
ATOM   594  C  CB  . SER A 1 78  ? -3.318  3.545   17.815  1.00 77.64  ? 78  SER A CB  1 
ATOM   595  O  OG  . SER A 1 78  ? -2.186  4.238   17.335  1.00 84.45  ? 78  SER A OG  1 
ATOM   596  N  N   . GLU A 1 79  ? -1.874  5.369   20.149  1.00 84.41  ? 79  GLU A N   1 
ATOM   597  C  CA  . GLU A 1 79  ? -1.225  6.656   20.382  1.00 89.03  ? 79  GLU A CA  1 
ATOM   598  C  C   . GLU A 1 79  ? -0.187  6.978   19.312  1.00 87.41  ? 79  GLU A C   1 
ATOM   599  O  O   . GLU A 1 79  ? 0.580   7.937   19.462  1.00 86.02  ? 79  GLU A O   1 
ATOM   600  C  CB  . GLU A 1 79  ? -0.565  6.675   21.766  1.00 87.38  ? 79  GLU A CB  1 
ATOM   601  C  CG  . GLU A 1 79  ? -1.443  6.111   22.871  1.00 87.66  ? 79  GLU A CG  1 
ATOM   602  C  CD  . GLU A 1 79  ? -0.666  5.222   23.829  1.00 83.58  ? 79  GLU A CD  1 
ATOM   603  O  OE1 . GLU A 1 79  ? -1.018  5.162   25.030  1.00 82.26  ? 79  GLU A OE1 1 
ATOM   604  O  OE2 . GLU A 1 79  ? 0.293   4.567   23.365  1.00 79.34  ? 79  GLU A OE2 1 
ATOM   605  N  N   . VAL A 1 80  ? -0.142  6.186   18.243  1.00 84.19  ? 80  VAL A N   1 
ATOM   606  C  CA  . VAL A 1 80  ? 0.789   6.403   17.143  1.00 79.39  ? 80  VAL A CA  1 
ATOM   607  C  C   . VAL A 1 80  ? 0.347   7.651   16.382  1.00 78.43  ? 80  VAL A C   1 
ATOM   608  O  O   . VAL A 1 80  ? -0.676  7.627   15.689  1.00 77.64  ? 80  VAL A O   1 
ATOM   609  C  CB  . VAL A 1 80  ? 0.848   5.182   16.219  1.00 76.18  ? 80  VAL A CB  1 
ATOM   610  C  CG1 . VAL A 1 80  ? 1.729   5.472   15.005  1.00 78.01  ? 80  VAL A CG1 1 
ATOM   611  C  CG2 . VAL A 1 80  ? 1.357   3.975   16.988  1.00 74.16  ? 80  VAL A CG2 1 
ATOM   612  N  N   . SER A 1 81  ? 1.112   8.742   16.512  1.00 73.05  ? 81  SER A N   1 
ATOM   613  C  CA  . SER A 1 81  ? 0.827   9.909   15.697  1.00 69.92  ? 81  SER A CA  1 
ATOM   614  C  C   . SER A 1 81  ? 1.146   9.596   14.245  1.00 68.01  ? 81  SER A C   1 
ATOM   615  O  O   . SER A 1 81  ? 1.687   8.541   13.899  1.00 65.38  ? 81  SER A O   1 
ATOM   616  C  CB  . SER A 1 81  ? 1.655   11.132  16.104  1.00 74.42  ? 81  SER A CB  1 
ATOM   617  O  OG  . SER A 1 81  ? 3.057   10.861  16.071  1.00 77.13  ? 81  SER A OG  1 
ATOM   618  N  N   . LEU A 1 82  ? 0.828   10.553  13.388  1.00 72.34  ? 82  LEU A N   1 
ATOM   619  C  CA  . LEU A 1 82  ? 1.249   10.436  12.002  1.00 73.62  ? 82  LEU A CA  1 
ATOM   620  C  C   . LEU A 1 82  ? 2.754   10.619  11.874  1.00 71.11  ? 82  LEU A C   1 
ATOM   621  O  O   . LEU A 1 82  ? 3.391   9.981   11.028  1.00 71.79  ? 82  LEU A O   1 
ATOM   622  C  CB  . LEU A 1 82  ? 0.497   11.451  11.149  1.00 72.75  ? 82  LEU A CB  1 
ATOM   623  C  CG  . LEU A 1 82  ? 0.221   11.043  9.704   1.00 74.03  ? 82  LEU A CG  1 
ATOM   624  C  CD1 . LEU A 1 82  ? 0.098   9.527   9.567   1.00 71.23  ? 82  LEU A CD1 1 
ATOM   625  C  CD2 . LEU A 1 82  ? -1.041  11.745  9.236   1.00 81.81  ? 82  LEU A CD2 1 
ATOM   626  N  N   . ALA A 1 83  ? 3.349   11.468  12.711  1.00 68.92  ? 83  ALA A N   1 
ATOM   627  C  CA  . ALA A 1 83  ? 4.790   11.676  12.622  1.00 68.88  ? 83  ALA A CA  1 
ATOM   628  C  C   . ALA A 1 83  ? 5.526   10.366  12.876  1.00 72.74  ? 83  ALA A C   1 
ATOM   629  O  O   . ALA A 1 83  ? 6.344   9.925   12.057  1.00 70.54  ? 83  ALA A O   1 
ATOM   630  C  CB  . ALA A 1 83  ? 5.235   12.762  13.609  1.00 58.05  ? 83  ALA A CB  1 
ATOM   631  N  N   . HIS A 1 84  ? 5.217   9.713   14.003  1.00 69.27  ? 84  HIS A N   1 
ATOM   632  C  CA  . HIS A 1 84  ? 5.914   8.486   14.369  1.00 64.95  ? 84  HIS A CA  1 
ATOM   633  C  C   . HIS A 1 84  ? 5.807   7.446   13.260  1.00 70.86  ? 84  HIS A C   1 
ATOM   634  O  O   . HIS A 1 84  ? 6.813   6.857   12.841  1.00 70.97  ? 84  HIS A O   1 
ATOM   635  C  CB  . HIS A 1 84  ? 5.352   7.956   15.686  1.00 71.19  ? 84  HIS A CB  1 
ATOM   636  C  CG  . HIS A 1 84  ? 5.884   6.610   16.083  1.00 77.10  ? 84  HIS A CG  1 
ATOM   637  N  ND1 . HIS A 1 84  ? 5.273   5.429   15.717  1.00 75.50  ? 84  HIS A ND1 1 
ATOM   638  C  CD2 . HIS A 1 84  ? 6.971   6.260   16.815  1.00 76.67  ? 84  HIS A CD2 1 
ATOM   639  C  CE1 . HIS A 1 84  ? 5.959   4.409   16.207  1.00 74.80  ? 84  HIS A CE1 1 
ATOM   640  N  NE2 . HIS A 1 84  ? 6.990   4.887   16.880  1.00 74.71  ? 84  HIS A NE2 1 
ATOM   641  N  N   . ALA A 1 85  ? 4.591   7.229   12.751  1.00 72.34  ? 85  ALA A N   1 
ATOM   642  C  CA  . ALA A 1 85  ? 4.416   6.357   11.598  1.00 66.09  ? 85  ALA A CA  1 
ATOM   643  C  C   . ALA A 1 85  ? 5.355   6.756   10.474  1.00 68.05  ? 85  ALA A C   1 
ATOM   644  O  O   . ALA A 1 85  ? 6.080   5.916   9.931   1.00 70.90  ? 85  ALA A O   1 
ATOM   645  C  CB  . ALA A 1 85  ? 2.972   6.402   11.119  1.00 72.31  ? 85  ALA A CB  1 
ATOM   646  N  N   . THR A 1 86  ? 5.375   8.043   10.123  1.00 68.58  ? 86  THR A N   1 
ATOM   647  C  CA  . THR A 1 86  ? 6.313   8.495   9.105   1.00 68.80  ? 86  THR A CA  1 
ATOM   648  C  C   . THR A 1 86  ? 7.742   8.149   9.504   1.00 69.48  ? 86  THR A C   1 
ATOM   649  O  O   . THR A 1 86  ? 8.450   7.452   8.765   1.00 65.73  ? 86  THR A O   1 
ATOM   650  C  CB  . THR A 1 86  ? 6.150   9.999   8.867   1.00 72.96  ? 86  THR A CB  1 
ATOM   651  O  OG1 . THR A 1 86  ? 4.792   10.278  8.496   1.00 73.32  ? 86  THR A OG1 1 
ATOM   652  C  CG2 . THR A 1 86  ? 7.098   10.498  7.752   1.00 72.57  ? 86  THR A CG2 1 
ATOM   653  N  N   . LYS A 1 87  ? 8.171   8.593   10.695  1.00 71.81  ? 87  LYS A N   1 
ATOM   654  C  CA  . LYS A 1 87  ? 9.574   8.436   11.089  1.00 66.74  ? 87  LYS A CA  1 
ATOM   655  C  C   . LYS A 1 87  ? 10.012  6.979   11.009  1.00 68.04  ? 87  LYS A C   1 
ATOM   656  O  O   . LYS A 1 87  ? 11.103  6.684   10.513  1.00 65.65  ? 87  LYS A O   1 
ATOM   657  C  CB  . LYS A 1 87  ? 9.817   8.976   12.504  1.00 66.82  ? 87  LYS A CB  1 
ATOM   658  C  CG  . LYS A 1 87  ? 10.150  10.471  12.605  1.00 70.13  ? 87  LYS A CG  1 
ATOM   659  C  CD  . LYS A 1 87  ? 10.285  10.910  14.068  1.00 72.11  ? 87  LYS A CD  1 
ATOM   660  C  CE  . LYS A 1 87  ? 9.055   11.706  14.514  1.00 74.85  ? 87  LYS A CE  1 
ATOM   661  N  NZ  . LYS A 1 87  ? 9.057   13.061  13.876  1.00 63.74  ? 87  LYS A NZ  1 
ATOM   662  N  N   . GLU A 1 88  ? 9.169   6.036   11.453  1.00 74.11  ? 88  GLU A N   1 
ATOM   663  C  CA  . GLU A 1 88  ? 9.663   4.664   11.399  1.00 73.63  ? 88  GLU A CA  1 
ATOM   664  C  C   . GLU A 1 88  ? 9.345   3.986   10.071  1.00 65.30  ? 88  GLU A C   1 
ATOM   665  O  O   . GLU A 1 88  ? 10.065  3.067   9.666   1.00 66.28  ? 88  GLU A O   1 
ATOM   666  C  CB  . GLU A 1 88  ? 9.166   3.823   12.584  1.00 72.51  ? 88  GLU A CB  1 
ATOM   667  C  CG  . GLU A 1 88  ? 10.339  3.584   13.592  1.00 82.65  ? 88  GLU A CG  1 
ATOM   668  C  CD  . GLU A 1 88  ? 11.545  2.821   12.973  1.00 87.37  ? 88  GLU A CD  1 
ATOM   669  O  OE1 . GLU A 1 88  ? 11.348  1.800   12.262  1.00 83.99  ? 88  GLU A OE1 1 
ATOM   670  O  OE2 . GLU A 1 88  ? 12.698  3.272   13.177  1.00 88.78  ? 88  GLU A OE2 1 
ATOM   671  N  N   . SER A 1 89  ? 8.322   4.427   9.348   1.00 65.81  ? 89  SER A N   1 
ATOM   672  C  CA  . SER A 1 89  ? 8.191   3.948   7.975   1.00 68.72  ? 89  SER A CA  1 
ATOM   673  C  C   . SER A 1 89  ? 9.439   4.301   7.178   1.00 60.78  ? 89  SER A C   1 
ATOM   674  O  O   . SER A 1 89  ? 10.043  3.439   6.528   1.00 56.94  ? 89  SER A O   1 
ATOM   675  C  CB  . SER A 1 89  ? 6.944   4.537   7.310   1.00 64.81  ? 89  SER A CB  1 
ATOM   676  O  OG  . SER A 1 89  ? 5.835   4.467   8.184   1.00 64.79  ? 89  SER A OG  1 
ATOM   677  N  N   . LEU A 1 90  ? 9.858   5.566   7.254   1.00 61.79  ? 90  LEU A N   1 
ATOM   678  C  CA  . LEU A 1 90  ? 10.974  6.033   6.441   1.00 62.93  ? 90  LEU A CA  1 
ATOM   679  C  C   . LEU A 1 90  ? 12.293  5.398   6.880   1.00 61.88  ? 90  LEU A C   1 
ATOM   680  O  O   . LEU A 1 90  ? 13.148  5.089   6.044   1.00 56.49  ? 90  LEU A O   1 
ATOM   681  C  CB  . LEU A 1 90  ? 11.070  7.556   6.508   1.00 63.49  ? 90  LEU A CB  1 
ATOM   682  C  CG  . LEU A 1 90  ? 12.373  8.144   5.931   1.00 60.68  ? 90  LEU A CG  1 
ATOM   683  C  CD1 . LEU A 1 90  ? 12.614  7.722   4.468   1.00 53.34  ? 90  LEU A CD1 1 
ATOM   684  C  CD2 . LEU A 1 90  ? 12.417  9.662   6.088   1.00 54.32  ? 90  LEU A CD2 1 
ATOM   685  N  N   . ALA A 1 91  ? 12.488  5.210   8.187   1.00 58.58  ? 91  ALA A N   1 
ATOM   686  C  CA  . ALA A 1 91  ? 13.655  4.460   8.637   1.00 56.61  ? 91  ALA A CA  1 
ATOM   687  C  C   . ALA A 1 91  ? 13.630  3.046   8.079   1.00 61.24  ? 91  ALA A C   1 
ATOM   688  O  O   . ALA A 1 91  ? 14.646  2.554   7.575   1.00 68.45  ? 91  ALA A O   1 
ATOM   689  C  CB  . ALA A 1 91  ? 13.730  4.434   10.162  1.00 57.06  ? 91  ALA A CB  1 
ATOM   690  N  N   . PHE A 1 92  ? 12.468  2.381   8.137   1.00 66.91  ? 92  PHE A N   1 
ATOM   691  C  CA  . PHE A 1 92  ? 12.377  1.008   7.643   1.00 60.73  ? 92  PHE A CA  1 
ATOM   692  C  C   . PHE A 1 92  ? 12.881  0.913   6.215   1.00 55.88  ? 92  PHE A C   1 
ATOM   693  O  O   . PHE A 1 92  ? 13.774  0.119   5.913   1.00 60.64  ? 92  PHE A O   1 
ATOM   694  C  CB  . PHE A 1 92  ? 10.942  0.473   7.709   1.00 58.72  ? 92  PHE A CB  1 
ATOM   695  C  CG  . PHE A 1 92  ? 10.762  -0.851  6.965   1.00 58.57  ? 92  PHE A CG  1 
ATOM   696  C  CD1 . PHE A 1 92  ? 11.326  -2.029  7.446   1.00 53.75  ? 92  PHE A CD1 1 
ATOM   697  C  CD2 . PHE A 1 92  ? 10.066  -0.904  5.764   1.00 58.08  ? 92  PHE A CD2 1 
ATOM   698  C  CE1 . PHE A 1 92  ? 11.169  -3.228  6.758   1.00 48.98  ? 92  PHE A CE1 1 
ATOM   699  C  CE2 . PHE A 1 92  ? 9.911   -2.096  5.080   1.00 51.83  ? 92  PHE A CE2 1 
ATOM   700  C  CZ  . PHE A 1 92  ? 10.462  -3.255  5.578   1.00 51.28  ? 92  PHE A CZ  1 
ATOM   701  N  N   . VAL A 1 93  ? 12.318  1.729   5.319   1.00 59.90  ? 93  VAL A N   1 
ATOM   702  C  CA  . VAL A 1 93  ? 12.685  1.633   3.912   1.00 61.86  ? 93  VAL A CA  1 
ATOM   703  C  C   . VAL A 1 93  ? 14.152  1.995   3.715   1.00 60.46  ? 93  VAL A C   1 
ATOM   704  O  O   . VAL A 1 93  ? 14.835  1.424   2.851   1.00 56.77  ? 93  VAL A O   1 
ATOM   705  C  CB  . VAL A 1 93  ? 11.742  2.506   3.056   1.00 58.99  ? 93  VAL A CB  1 
ATOM   706  C  CG1 . VAL A 1 93  ? 10.353  1.935   3.086   1.00 61.68  ? 93  VAL A CG1 1 
ATOM   707  C  CG2 . VAL A 1 93  ? 11.702  3.928   3.566   1.00 60.88  ? 93  VAL A CG2 1 
ATOM   708  N  N   . GLN A 1 94  ? 14.679  2.892   4.545   1.00 62.21  ? 94  GLN A N   1 
ATOM   709  C  CA  . GLN A 1 94  ? 16.025  3.410   4.295   1.00 69.28  ? 94  GLN A CA  1 
ATOM   710  C  C   . GLN A 1 94  ? 17.090  2.332   4.364   1.00 75.62  ? 94  GLN A C   1 
ATOM   711  O  O   . GLN A 1 94  ? 18.218  2.567   3.908   1.00 75.26  ? 94  GLN A O   1 
ATOM   712  C  CB  . GLN A 1 94  ? 16.388  4.519   5.281   1.00 58.76  ? 94  GLN A CB  1 
ATOM   713  C  CG  . GLN A 1 94  ? 16.178  5.894   4.725   1.00 54.29  ? 94  GLN A CG  1 
ATOM   714  C  CD  . GLN A 1 94  ? 16.154  6.940   5.815   1.00 61.37  ? 94  GLN A CD  1 
ATOM   715  O  OE1 . GLN A 1 94  ? 16.257  6.613   7.006   1.00 60.92  ? 94  GLN A OE1 1 
ATOM   716  N  NE2 . GLN A 1 94  ? 16.001  8.209   5.424   1.00 69.02  ? 94  GLN A NE2 1 
ATOM   717  N  N   . GLU A 1 95  ? 16.766  1.159   4.901   1.00 71.31  ? 95  GLU A N   1 
ATOM   718  C  CA  . GLU A 1 95  ? 17.752  0.100   4.986   1.00 75.55  ? 95  GLU A CA  1 
ATOM   719  C  C   . GLU A 1 95  ? 17.538  -1.002  3.963   1.00 67.81  ? 95  GLU A C   1 
ATOM   720  O  O   . GLU A 1 95  ? 18.198  -2.041  4.058   1.00 70.18  ? 95  GLU A O   1 
ATOM   721  C  CB  . GLU A 1 95  ? 17.791  -0.462  6.407   1.00 78.23  ? 95  GLU A CB  1 
ATOM   722  C  CG  . GLU A 1 95  ? 18.537  0.496   7.342   1.00 93.01  ? 95  GLU A CG  1 
ATOM   723  C  CD  . GLU A 1 95  ? 17.981  0.497   8.734   1.00 101.58 ? 95  GLU A CD  1 
ATOM   724  O  OE1 . GLU A 1 95  ? 17.505  -0.581  9.173   1.00 100.09 ? 95  GLU A OE1 1 
ATOM   725  O  OE2 . GLU A 1 95  ? 18.016  1.579   9.372   1.00 101.87 ? 95  GLU A OE2 1 
ATOM   726  N  N   . TRP A 1 96  ? 16.666  -0.795  2.964   1.00 63.12  ? 96  TRP A N   1 
ATOM   727  C  CA  . TRP A 1 96  ? 16.478  -1.823  1.945   1.00 68.88  ? 96  TRP A CA  1 
ATOM   728  C  C   . TRP A 1 96  ? 16.707  -1.329  0.529   1.00 67.12  ? 96  TRP A C   1 
ATOM   729  O  O   . TRP A 1 96  ? 17.149  -2.115  -0.308  1.00 75.89  ? 96  TRP A O   1 
ATOM   730  C  CB  . TRP A 1 96  ? 15.075  -2.473  2.084   1.00 71.59  ? 96  TRP A CB  1 
ATOM   731  C  CG  . TRP A 1 96  ? 14.971  -3.260  3.365   1.00 66.20  ? 96  TRP A CG  1 
ATOM   732  C  CD1 . TRP A 1 96  ? 14.521  -2.804  4.574   1.00 59.35  ? 96  TRP A CD1 1 
ATOM   733  C  CD2 . TRP A 1 96  ? 15.396  -4.616  3.578   1.00 66.43  ? 96  TRP A CD2 1 
ATOM   734  N  NE1 . TRP A 1 96  ? 14.629  -3.796  5.519   1.00 62.62  ? 96  TRP A NE1 1 
ATOM   735  C  CE2 . TRP A 1 96  ? 15.160  -4.919  4.936   1.00 67.24  ? 96  TRP A CE2 1 
ATOM   736  C  CE3 . TRP A 1 96  ? 15.948  -5.604  2.752   1.00 70.87  ? 96  TRP A CE3 1 
ATOM   737  C  CZ2 . TRP A 1 96  ? 15.456  -6.176  5.490   1.00 68.24  ? 96  TRP A CZ2 1 
ATOM   738  C  CZ3 . TRP A 1 96  ? 16.241  -6.859  3.307   1.00 72.03  ? 96  TRP A CZ3 1 
ATOM   739  C  CH2 . TRP A 1 96  ? 15.993  -7.128  4.660   1.00 66.59  ? 96  TRP A CH2 1 
ATOM   740  N  N   . VAL A 1 97  ? 16.450  -0.053  0.236   1.00 68.89  ? 97  VAL A N   1 
ATOM   741  C  CA  . VAL A 1 97  ? 16.844  0.548   -1.046  1.00 71.43  ? 97  VAL A CA  1 
ATOM   742  C  C   . VAL A 1 97  ? 17.244  2.010   -0.836  1.00 63.65  ? 97  VAL A C   1 
ATOM   743  O  O   . VAL A 1 97  ? 16.685  2.695   0.025   1.00 60.89  ? 97  VAL A O   1 
ATOM   744  C  CB  . VAL A 1 97  ? 15.728  0.453   -2.106  1.00 75.01  ? 97  VAL A CB  1 
ATOM   745  C  CG1 . VAL A 1 97  ? 15.734  -0.902  -2.772  1.00 76.78  ? 97  VAL A CG1 1 
ATOM   746  C  CG2 . VAL A 1 97  ? 14.350  0.773   -1.500  1.00 58.84  ? 97  VAL A CG2 1 
ATOM   747  N  N   . PRO A 1 98  ? 18.195  2.532   -1.591  1.00 77.40  ? 98  PRO A N   1 
ATOM   748  C  CA  . PRO A 1 98  ? 18.571  3.935   -1.371  1.00 75.60  ? 98  PRO A CA  1 
ATOM   749  C  C   . PRO A 1 98  ? 17.518  4.880   -1.924  1.00 67.13  ? 98  PRO A C   1 
ATOM   750  O  O   . PRO A 1 98  ? 16.725  4.534   -2.810  1.00 66.19  ? 98  PRO A O   1 
ATOM   751  C  CB  . PRO A 1 98  ? 19.910  4.069   -2.106  1.00 65.51  ? 98  PRO A CB  1 
ATOM   752  C  CG  . PRO A 1 98  ? 19.888  3.008   -3.139  1.00 69.19  ? 98  PRO A CG  1 
ATOM   753  C  CD  . PRO A 1 98  ? 19.081  1.864   -2.564  1.00 79.62  ? 98  PRO A CD  1 
ATOM   754  N  N   . GLN A 1 99  ? 17.495  6.072   -1.330  1.00 62.65  ? 99  GLN A N   1 
ATOM   755  C  CA  . GLN A 1 99  ? 16.628  7.169   -1.717  1.00 62.96  ? 99  GLN A CA  1 
ATOM   756  C  C   . GLN A 1 99  ? 16.513  7.255   -3.235  1.00 68.22  ? 99  GLN A C   1 
ATOM   757  O  O   . GLN A 1 99  ? 17.487  7.010   -3.956  1.00 73.16  ? 99  GLN A O   1 
ATOM   758  C  CB  . GLN A 1 99  ? 17.198  8.459   -1.134  1.00 69.28  ? 99  GLN A CB  1 
ATOM   759  C  CG  . GLN A 1 99  ? 16.460  9.731   -1.467  1.00 73.48  ? 99  GLN A CG  1 
ATOM   760  C  CD  . GLN A 1 99  ? 16.883  10.870  -0.555  1.00 81.49  ? 99  GLN A CD  1 
ATOM   761  O  OE1 . GLN A 1 99  ? 16.478  12.025  -0.745  1.00 86.04  ? 99  GLN A OE1 1 
ATOM   762  N  NE2 . GLN A 1 99  ? 17.721  10.553  0.437   1.00 85.70  ? 99  GLN A NE2 1 
ATOM   763  N  N   . GLY A 1 100 ? 15.318  7.556   -3.728  1.00 72.07  ? 100 GLY A N   1 
ATOM   764  C  CA  . GLY A 1 100 ? 15.092  7.836   -5.133  1.00 69.66  ? 100 GLY A CA  1 
ATOM   765  C  C   . GLY A 1 100 ? 15.273  6.700   -6.116  1.00 73.55  ? 100 GLY A C   1 
ATOM   766  O  O   . GLY A 1 100 ? 15.390  6.975   -7.312  1.00 80.01  ? 100 GLY A O   1 
ATOM   767  N  N   . LYS A 1 101 ? 15.300  5.437   -5.678  1.00 72.87  ? 101 LYS A N   1 
ATOM   768  C  CA  . LYS A 1 101 ? 15.428  4.332   -6.630  1.00 73.77  ? 101 LYS A CA  1 
ATOM   769  C  C   . LYS A 1 101 ? 14.168  3.481   -6.752  1.00 77.00  ? 101 LYS A C   1 
ATOM   770  O  O   . LYS A 1 101 ? 13.824  3.049   -7.860  1.00 77.50  ? 101 LYS A O   1 
ATOM   771  C  CB  . LYS A 1 101 ? 16.606  3.426   -6.270  1.00 74.73  ? 101 LYS A CB  1 
ATOM   772  C  CG  . LYS A 1 101 ? 17.522  3.164   -7.470  1.00 82.59  ? 101 LYS A CG  1 
ATOM   773  C  CD  . LYS A 1 101 ? 18.940  2.773   -7.049  1.00 89.83  ? 101 LYS A CD  1 
ATOM   774  C  CE  . LYS A 1 101 ? 18.923  1.481   -6.241  1.00 90.41  ? 101 LYS A CE  1 
ATOM   775  N  NZ  . LYS A 1 101 ? 20.183  0.648   -6.320  1.00 93.89  ? 101 LYS A NZ  1 
ATOM   776  N  N   . SER A 1 102 ? 13.424  3.218   -5.601  1.00 74.47  ? 102 SER A N   1 
ATOM   777  C  CA  . SER A 1 102 ? 12.277  2.371   -5.903  1.00 72.44  ? 102 SER A CA  1 
ATOM   778  C  C   . SER A 1 102 ? 10.999  3.188   -6.069  1.00 65.26  ? 102 SER A C   1 
ATOM   779  O  O   . SER A 1 102 ? 10.771  4.168   -5.345  1.00 63.69  ? 102 SER A O   1 
ATOM   780  C  CB  . SER A 1 102 ? 12.058  1.327   -4.800  1.00 76.27  ? 102 SER A CB  1 
ATOM   781  O  OG  . SER A 1 102 ? 11.040  1.715   -3.878  1.00 73.19  ? 102 SER A OG  1 
ATOM   782  N  N   . PRO A 1 103 ? 10.157  2.735   -7.002  1.00 66.04  ? 103 PRO A N   1 
ATOM   783  C  CA  . PRO A 1 103 ? 8.801   3.281   -7.146  1.00 68.62  ? 103 PRO A CA  1 
ATOM   784  C  C   . PRO A 1 103 ? 7.890   2.806   -6.021  1.00 61.70  ? 103 PRO A C   1 
ATOM   785  O  O   . PRO A 1 103 ? 8.198   1.883   -5.264  1.00 55.38  ? 103 PRO A O   1 
ATOM   786  C  CB  . PRO A 1 103 ? 8.306   2.685   -8.460  1.00 64.09  ? 103 PRO A CB  1 
ATOM   787  C  CG  . PRO A 1 103 ? 8.929   1.316   -8.426  1.00 68.15  ? 103 PRO A CG  1 
ATOM   788  C  CD  . PRO A 1 103 ? 10.307  1.472   -7.738  1.00 64.78  ? 103 PRO A CD  1 
ATOM   789  N  N   . MET A 1 104 ? 6.725   3.439   -5.958  1.00 62.71  ? 104 MET A N   1 
ATOM   790  C  CA  . MET A 1 104 ? 5.686   3.061   -5.016  1.00 64.07  ? 104 MET A CA  1 
ATOM   791  C  C   . MET A 1 104 ? 4.798   1.996   -5.657  1.00 56.15  ? 104 MET A C   1 
ATOM   792  O  O   . MET A 1 104 ? 4.081   2.280   -6.625  1.00 57.49  ? 104 MET A O   1 
ATOM   793  C  CB  . MET A 1 104 ? 4.878   4.284   -4.608  1.00 57.01  ? 104 MET A CB  1 
ATOM   794  C  CG  . MET A 1 104 ? 4.122   4.055   -3.340  1.00 58.47  ? 104 MET A CG  1 
ATOM   795  S  SD  . MET A 1 104 ? 3.107   5.460   -2.857  1.00 62.89  ? 104 MET A SD  1 
ATOM   796  C  CE  . MET A 1 104 ? 4.384   6.672   -2.511  1.00 65.11  ? 104 MET A CE  1 
ATOM   797  N  N   . CYS A 1 105 ? 4.854   0.776   -5.123  1.00 52.64  ? 105 CYS A N   1 
ATOM   798  C  CA  . CYS A 1 105 ? 4.262   -0.390  -5.773  1.00 63.68  ? 105 CYS A CA  1 
ATOM   799  C  C   . CYS A 1 105 ? 3.051   -0.904  -4.990  1.00 58.24  ? 105 CYS A C   1 
ATOM   800  O  O   . CYS A 1 105 ? 3.116   -1.098  -3.771  1.00 53.18  ? 105 CYS A O   1 
ATOM   801  C  CB  . CYS A 1 105 ? 5.320   -1.487  -5.962  1.00 65.55  ? 105 CYS A CB  1 
ATOM   802  S  SG  . CYS A 1 105 ? 7.011   -0.832  -6.397  1.00 61.74  ? 105 CYS A SG  1 
ATOM   803  N  N   . GLY A 1 106 ? 1.940   -1.090  -5.695  1.00 63.06  ? 106 GLY A N   1 
ATOM   804  C  CA  . GLY A 1 106 ? 0.762   -1.677  -5.078  1.00 72.00  ? 106 GLY A CA  1 
ATOM   805  C  C   . GLY A 1 106 ? -0.385  -1.742  -6.068  1.00 70.50  ? 106 GLY A C   1 
ATOM   806  O  O   . GLY A 1 106 ? -0.169  -1.815  -7.277  1.00 69.11  ? 106 GLY A O   1 
ATOM   807  N  N   . ASN A 1 107 ? -1.607  -1.705  -5.535  1.00 75.67  ? 107 ASN A N   1 
ATOM   808  C  CA  . ASN A 1 107 ? -2.812  -1.668  -6.354  1.00 73.64  ? 107 ASN A CA  1 
ATOM   809  C  C   . ASN A 1 107 ? -3.480  -0.311  -6.236  1.00 79.60  ? 107 ASN A C   1 
ATOM   810  O  O   . ASN A 1 107 ? -3.705  0.185   -5.121  1.00 79.09  ? 107 ASN A O   1 
ATOM   811  C  CB  . ASN A 1 107 ? -3.797  -2.771  -5.981  1.00 72.95  ? 107 ASN A CB  1 
ATOM   812  C  CG  . ASN A 1 107 ? -3.826  -3.874  -7.020  1.00 79.92  ? 107 ASN A CG  1 
ATOM   813  O  OD1 . ASN A 1 107 ? -4.243  -3.660  -8.168  1.00 79.94  ? 107 ASN A OD1 1 
ATOM   814  N  ND2 . ASN A 1 107 ? -3.350  -5.058  -6.639  1.00 77.82  ? 107 ASN A ND2 1 
ATOM   815  N  N   . SER A 1 108 ? -3.807  0.266   -7.400  1.00 84.56  ? 108 SER A N   1 
ATOM   816  C  CA  . SER A 1 108 ? -4.376  1.605   -7.526  1.00 83.08  ? 108 SER A CA  1 
ATOM   817  C  C   . SER A 1 108 ? -3.615  2.571   -6.633  1.00 81.48  ? 108 SER A C   1 
ATOM   818  O  O   . SER A 1 108 ? -4.170  3.175   -5.709  1.00 84.06  ? 108 SER A O   1 
ATOM   819  C  CB  . SER A 1 108 ? -5.871  1.612   -7.204  1.00 85.73  ? 108 SER A CB  1 
ATOM   820  O  OG  . SER A 1 108 ? -6.231  2.871   -6.658  1.00 88.33  ? 108 SER A OG  1 
ATOM   821  N  N   . ILE A 1 109 ? -2.309  2.686   -6.907  1.00 77.14  ? 109 ILE A N   1 
ATOM   822  C  CA  . ILE A 1 109 ? -1.400  3.384   -6.006  1.00 76.43  ? 109 ILE A CA  1 
ATOM   823  C  C   . ILE A 1 109 ? -1.325  4.882   -6.261  1.00 69.56  ? 109 ILE A C   1 
ATOM   824  O  O   . ILE A 1 109 ? -0.800  5.618   -5.410  1.00 72.08  ? 109 ILE A O   1 
ATOM   825  C  CB  . ILE A 1 109 ? -0.001  2.737   -6.083  1.00 70.49  ? 109 ILE A CB  1 
ATOM   826  C  CG1 . ILE A 1 109 ? 0.729   2.863   -4.750  1.00 69.27  ? 109 ILE A CG1 1 
ATOM   827  C  CG2 . ILE A 1 109 ? 0.806   3.341   -7.193  1.00 68.67  ? 109 ILE A CG2 1 
ATOM   828  C  CD1 . ILE A 1 109 ? 0.315   1.849   -3.717  1.00 67.56  ? 109 ILE A CD1 1 
ATOM   829  N  N   . GLY A 1 110 ? -1.821  5.369   -7.397  1.00 65.66  ? 110 GLY A N   1 
ATOM   830  C  CA  . GLY A 1 110 ? -1.854  6.808   -7.593  1.00 71.12  ? 110 GLY A CA  1 
ATOM   831  C  C   . GLY A 1 110 ? -2.628  7.505   -6.492  1.00 71.24  ? 110 GLY A C   1 
ATOM   832  O  O   . GLY A 1 110 ? -2.234  8.571   -6.012  1.00 72.62  ? 110 GLY A O   1 
ATOM   833  N  N   . GLN A 1 111 ? -3.717  6.886   -6.049  1.00 77.27  ? 111 GLN A N   1 
ATOM   834  C  CA  . GLN A 1 111 ? -4.563  7.450   -5.005  1.00 78.59  ? 111 GLN A CA  1 
ATOM   835  C  C   . GLN A 1 111 ? -3.932  7.378   -3.617  1.00 70.32  ? 111 GLN A C   1 
ATOM   836  O  O   . GLN A 1 111 ? -4.328  8.141   -2.729  1.00 69.86  ? 111 GLN A O   1 
ATOM   837  C  CB  . GLN A 1 111 ? -5.911  6.721   -5.012  1.00 81.35  ? 111 GLN A CB  1 
ATOM   838  C  CG  . GLN A 1 111 ? -7.116  7.580   -4.660  1.00 77.42  ? 111 GLN A CG  1 
ATOM   839  C  CD  . GLN A 1 111 ? -7.362  7.600   -3.175  1.00 89.10  ? 111 GLN A CD  1 
ATOM   840  O  OE1 . GLN A 1 111 ? -6.550  7.088   -2.408  1.00 98.70  ? 111 GLN A OE1 1 
ATOM   841  N  NE2 . GLN A 1 111 ? -8.506  8.138   -2.756  1.00 91.32  ? 111 GLN A NE2 1 
ATOM   842  N  N   . ASP A 1 112 ? -2.974  6.475   -3.399  1.00 73.67  ? 112 ASP A N   1 
ATOM   843  C  CA  . ASP A 1 112 ? -2.305  6.413   -2.102  1.00 71.64  ? 112 ASP A CA  1 
ATOM   844  C  C   . ASP A 1 112 ? -1.268  7.510   -1.972  1.00 69.47  ? 112 ASP A C   1 
ATOM   845  O  O   . ASP A 1 112 ? -1.127  8.118   -0.905  1.00 69.53  ? 112 ASP A O   1 
ATOM   846  C  CB  . ASP A 1 112 ? -1.617  5.071   -1.913  1.00 73.20  ? 112 ASP A CB  1 
ATOM   847  C  CG  . ASP A 1 112 ? -2.557  3.918   -1.997  1.00 77.70  ? 112 ASP A CG  1 
ATOM   848  O  OD1 . ASP A 1 112 ? -3.664  4.087   -2.554  1.00 85.44  ? 112 ASP A OD1 1 
ATOM   849  O  OD2 . ASP A 1 112 ? -2.179  2.840   -1.491  1.00 72.64  ? 112 ASP A OD2 1 
ATOM   850  N  N   . ARG A 1 113 ? -0.500  7.734   -3.044  1.00 64.64  ? 113 ARG A N   1 
ATOM   851  C  CA  . ARG A 1 113 ? 0.499   8.789   -3.038  1.00 67.63  ? 113 ARG A CA  1 
ATOM   852  C  C   . ARG A 1 113 ? -0.120  10.107  -2.609  1.00 66.98  ? 113 ARG A C   1 
ATOM   853  O  O   . ARG A 1 113 ? 0.435   10.805  -1.753  1.00 70.10  ? 113 ARG A O   1 
ATOM   854  C  CB  . ARG A 1 113 ? 1.131   8.911   -4.426  1.00 70.13  ? 113 ARG A CB  1 
ATOM   855  C  CG  . ARG A 1 113 ? 2.577   9.372   -4.419  1.00 62.94  ? 113 ARG A CG  1 
ATOM   856  C  CD  . ARG A 1 113 ? 3.314   8.832   -5.624  1.00 66.06  ? 113 ARG A CD  1 
ATOM   857  N  NE  . ARG A 1 113 ? 4.739   9.112   -5.535  1.00 62.64  ? 113 ARG A NE  1 
ATOM   858  C  CZ  . ARG A 1 113 ? 5.682   8.289   -5.971  1.00 65.40  ? 113 ARG A CZ  1 
ATOM   859  N  NH1 . ARG A 1 113 ? 5.343   7.136   -6.530  1.00 65.51  ? 113 ARG A NH1 1 
ATOM   860  N  NH2 . ARG A 1 113 ? 6.962   8.617   -5.841  1.00 72.70  ? 113 ARG A NH2 1 
ATOM   861  N  N   . ARG A 1 114 ? -1.281  10.443  -3.181  1.00 63.25  ? 114 ARG A N   1 
ATOM   862  C  CA  . ARG A 1 114 ? -1.994  11.669  -2.834  1.00 66.17  ? 114 ARG A CA  1 
ATOM   863  C  C   . ARG A 1 114 ? -2.010  11.887  -1.334  1.00 70.21  ? 114 ARG A C   1 
ATOM   864  O  O   . ARG A 1 114 ? -1.637  12.963  -0.843  1.00 70.62  ? 114 ARG A O   1 
ATOM   865  C  CB  . ARG A 1 114 ? -3.427  11.610  -3.380  1.00 69.40  ? 114 ARG A CB  1 
ATOM   866  C  CG  . ARG A 1 114 ? -3.486  11.757  -4.901  1.00 75.96  ? 114 ARG A CG  1 
ATOM   867  C  CD  . ARG A 1 114 ? -4.880  11.544  -5.460  1.00 78.14  ? 114 ARG A CD  1 
ATOM   868  N  NE  . ARG A 1 114 ? -5.737  12.711  -5.277  1.00 85.99  ? 114 ARG A NE  1 
ATOM   869  C  CZ  . ARG A 1 114 ? -6.979  12.645  -4.812  1.00 77.51  ? 114 ARG A CZ  1 
ATOM   870  N  NH1 . ARG A 1 114 ? -7.720  13.740  -4.661  1.00 76.73  ? 114 ARG A NH1 1 
ATOM   871  N  NH2 . ARG A 1 114 ? -7.477  11.464  -4.498  1.00 79.62  ? 114 ARG A NH2 1 
ATOM   872  N  N   . PHE A 1 115 ? -2.413  10.855  -0.585  1.00 72.26  ? 115 PHE A N   1 
ATOM   873  C  CA  . PHE A 1 115 ? -2.383  10.920  0.873   1.00 74.31  ? 115 PHE A CA  1 
ATOM   874  C  C   . PHE A 1 115 ? -0.950  10.868  1.417   1.00 75.25  ? 115 PHE A C   1 
ATOM   875  O  O   . PHE A 1 115 ? -0.631  11.546  2.405   1.00 70.94  ? 115 PHE A O   1 
ATOM   876  C  CB  . PHE A 1 115 ? -3.214  9.787   1.448   1.00 69.65  ? 115 PHE A CB  1 
ATOM   877  C  CG  . PHE A 1 115 ? -4.700  10.026  1.386   1.00 82.75  ? 115 PHE A CG  1 
ATOM   878  C  CD1 . PHE A 1 115 ? -5.354  10.142  0.166   1.00 84.77  ? 115 PHE A CD1 1 
ATOM   879  C  CD2 . PHE A 1 115 ? -5.453  10.116  2.553   1.00 83.55  ? 115 PHE A CD2 1 
ATOM   880  C  CE1 . PHE A 1 115 ? -6.726  10.340  0.118   1.00 84.45  ? 115 PHE A CE1 1 
ATOM   881  C  CE2 . PHE A 1 115 ? -6.824  10.321  2.504   1.00 82.60  ? 115 PHE A CE2 1 
ATOM   882  C  CZ  . PHE A 1 115 ? -7.454  10.433  1.289   1.00 84.39  ? 115 PHE A CZ  1 
ATOM   883  N  N   . ILE A 1 116 ? -0.077  10.063  0.798   1.00 73.03  ? 116 ILE A N   1 
ATOM   884  C  CA  . ILE A 1 116 ? 1.318   10.016  1.230   1.00 67.19  ? 116 ILE A CA  1 
ATOM   885  C  C   . ILE A 1 116 ? 1.957   11.380  1.072   1.00 72.63  ? 116 ILE A C   1 
ATOM   886  O  O   . ILE A 1 116 ? 2.666   11.868  1.969   1.00 69.84  ? 116 ILE A O   1 
ATOM   887  C  CB  . ILE A 1 116 ? 2.096   8.952   0.434   1.00 66.78  ? 116 ILE A CB  1 
ATOM   888  C  CG1 . ILE A 1 116 ? 1.491   7.563   0.624   1.00 68.96  ? 116 ILE A CG1 1 
ATOM   889  C  CG2 . ILE A 1 116 ? 3.551   8.932   0.854   1.00 63.10  ? 116 ILE A CG2 1 
ATOM   890  C  CD1 . ILE A 1 116 ? 1.824   6.918   1.939   1.00 65.37  ? 116 ILE A CD1 1 
ATOM   891  N  N   . ASN A 1 117 ? 1.712   12.034  -0.067  1.00 70.31  ? 117 ASN A N   1 
ATOM   892  C  CA  . ASN A 1 117 ? 2.388   13.288  -0.355  1.00 73.42  ? 117 ASN A CA  1 
ATOM   893  C  C   . ASN A 1 117 ? 1.926   14.391  0.589   1.00 74.12  ? 117 ASN A C   1 
ATOM   894  O  O   . ASN A 1 117 ? 2.717   15.258  0.972   1.00 78.51  ? 117 ASN A O   1 
ATOM   895  C  CB  . ASN A 1 117 ? 2.166   13.676  -1.817  1.00 72.47  ? 117 ASN A CB  1 
ATOM   896  C  CG  . ASN A 1 117 ? 2.601   15.084  -2.117  1.00 73.28  ? 117 ASN A CG  1 
ATOM   897  O  OD1 . ASN A 1 117 ? 1.786   16.014  -2.074  1.00 71.96  ? 117 ASN A OD1 1 
ATOM   898  N  ND2 . ASN A 1 117 ? 3.897   15.261  -2.424  1.00 80.36  ? 117 ASN A ND2 1 
ATOM   899  N  N   . LYS A 1 118 ? 0.664   14.360  0.999   1.00 74.96  ? 118 LYS A N   1 
ATOM   900  C  CA  . LYS A 1 118 ? 0.189   15.386  1.914   1.00 73.80  ? 118 LYS A CA  1 
ATOM   901  C  C   . LYS A 1 118 ? 0.618   15.083  3.340   1.00 71.76  ? 118 LYS A C   1 
ATOM   902  O  O   . LYS A 1 118 ? 1.244   15.914  4.001   1.00 73.75  ? 118 LYS A O   1 
ATOM   903  C  CB  . LYS A 1 118 ? -1.333  15.502  1.837   1.00 74.29  ? 118 LYS A CB  1 
ATOM   904  C  CG  . LYS A 1 118 ? -1.828  16.750  2.505   1.00 75.68  ? 118 LYS A CG  1 
ATOM   905  C  CD  . LYS A 1 118 ? -3.087  16.497  3.293   1.00 76.07  ? 118 LYS A CD  1 
ATOM   906  C  CE  . LYS A 1 118 ? -4.048  17.647  3.129   1.00 83.72  ? 118 LYS A CE  1 
ATOM   907  N  NZ  . LYS A 1 118 ? -5.239  17.425  3.976   1.00 87.77  ? 118 LYS A NZ  1 
ATOM   908  N  N   . TYR A 1 119 ? 0.299   13.886  3.824   1.00 75.51  ? 119 TYR A N   1 
ATOM   909  C  CA  . TYR A 1 119 ? 0.414   13.570  5.240   1.00 76.02  ? 119 TYR A CA  1 
ATOM   910  C  C   . TYR A 1 119 ? 1.768   12.979  5.631   1.00 75.01  ? 119 TYR A C   1 
ATOM   911  O  O   . TYR A 1 119 ? 2.175   13.094  6.796   1.00 73.15  ? 119 TYR A O   1 
ATOM   912  C  CB  . TYR A 1 119 ? -0.699  12.602  5.639   1.00 78.71  ? 119 TYR A CB  1 
ATOM   913  C  CG  . TYR A 1 119 ? -2.097  13.186  5.586   1.00 81.14  ? 119 TYR A CG  1 
ATOM   914  C  CD1 . TYR A 1 119 ? -2.586  13.987  6.619   1.00 78.77  ? 119 TYR A CD1 1 
ATOM   915  C  CD2 . TYR A 1 119 ? -2.946  12.905  4.516   1.00 79.78  ? 119 TYR A CD2 1 
ATOM   916  C  CE1 . TYR A 1 119 ? -3.867  14.504  6.574   1.00 82.90  ? 119 TYR A CE1 1 
ATOM   917  C  CE2 . TYR A 1 119 ? -4.232  13.418  4.462   1.00 79.79  ? 119 TYR A CE2 1 
ATOM   918  C  CZ  . TYR A 1 119 ? -4.691  14.215  5.490   1.00 83.92  ? 119 TYR A CZ  1 
ATOM   919  O  OH  . TYR A 1 119 ? -5.979  14.717  5.424   1.00 87.33  ? 119 TYR A OH  1 
ATOM   920  N  N   . MET A 1 120 ? 2.486   12.344  4.715   1.00 72.44  ? 120 MET A N   1 
ATOM   921  C  CA  . MET A 1 120 ? 3.776   11.741  5.046   1.00 73.90  ? 120 MET A CA  1 
ATOM   922  C  C   . MET A 1 120 ? 4.841   12.227  4.077   1.00 68.64  ? 120 MET A C   1 
ATOM   923  O  O   . MET A 1 120 ? 5.446   11.429  3.355   1.00 68.34  ? 120 MET A O   1 
ATOM   924  C  CB  . MET A 1 120 ? 3.690   10.214  5.037   1.00 71.75  ? 120 MET A CB  1 
ATOM   925  C  CG  . MET A 1 120 ? 2.773   9.639   6.088   1.00 69.01  ? 120 MET A CG  1 
ATOM   926  S  SD  . MET A 1 120 ? 2.343   7.913   5.765   1.00 69.45  ? 120 MET A SD  1 
ATOM   927  C  CE  . MET A 1 120 ? 3.044   7.101   7.208   1.00 66.43  ? 120 MET A CE  1 
ATOM   928  N  N   . PRO A 1 121 ? 5.121   13.538  4.059   1.00 72.24  ? 121 PRO A N   1 
ATOM   929  C  CA  . PRO A 1 121 ? 6.063   14.052  3.050   1.00 67.91  ? 121 PRO A CA  1 
ATOM   930  C  C   . PRO A 1 121 ? 7.414   13.383  3.140   1.00 69.13  ? 121 PRO A C   1 
ATOM   931  O  O   . PRO A 1 121 ? 7.982   12.999  2.108   1.00 69.13  ? 121 PRO A O   1 
ATOM   932  C  CB  . PRO A 1 121 ? 6.143   15.557  3.357   1.00 64.85  ? 121 PRO A CB  1 
ATOM   933  C  CG  . PRO A 1 121 ? 5.046   15.850  4.341   1.00 68.15  ? 121 PRO A CG  1 
ATOM   934  C  CD  . PRO A 1 121 ? 4.772   14.560  5.061   1.00 73.79  ? 121 PRO A CD  1 
ATOM   935  N  N   . ASP A 1 122 ? 7.920   13.185  4.362   1.00 69.74  ? 122 ASP A N   1 
ATOM   936  C  CA  . ASP A 1 122 ? 9.252   12.607  4.532   1.00 66.47  ? 122 ASP A CA  1 
ATOM   937  C  C   . ASP A 1 122 ? 9.315   11.188  3.989   1.00 64.96  ? 122 ASP A C   1 
ATOM   938  O  O   . ASP A 1 122 ? 10.357  10.759  3.484   1.00 67.22  ? 122 ASP A O   1 
ATOM   939  C  CB  . ASP A 1 122 ? 9.652   12.618  6.007   1.00 68.33  ? 122 ASP A CB  1 
ATOM   940  C  CG  . ASP A 1 122 ? 9.627   14.005  6.604   1.00 73.22  ? 122 ASP A CG  1 
ATOM   941  O  OD1 . ASP A 1 122 ? 9.881   14.973  5.847   1.00 74.54  ? 122 ASP A OD1 1 
ATOM   942  O  OD2 . ASP A 1 122 ? 9.339   14.123  7.821   1.00 73.12  ? 122 ASP A OD2 1 
ATOM   943  N  N   . PHE A 1 123 ? 8.219   10.434  4.106   1.00 65.64  ? 123 PHE A N   1 
ATOM   944  C  CA  . PHE A 1 123 ? 8.216   9.070   3.591   1.00 61.58  ? 123 PHE A CA  1 
ATOM   945  C  C   . PHE A 1 123 ? 8.243   9.064   2.063   1.00 57.25  ? 123 PHE A C   1 
ATOM   946  O  O   . PHE A 1 123 ? 8.837   8.167   1.457   1.00 57.59  ? 123 PHE A O   1 
ATOM   947  C  CB  . PHE A 1 123 ? 6.994   8.317   4.148   1.00 64.34  ? 123 PHE A CB  1 
ATOM   948  C  CG  . PHE A 1 123 ? 6.940   6.862   3.760   1.00 62.48  ? 123 PHE A CG  1 
ATOM   949  C  CD1 . PHE A 1 123 ? 8.085   6.075   3.775   1.00 64.84  ? 123 PHE A CD1 1 
ATOM   950  C  CD2 . PHE A 1 123 ? 5.747   6.284   3.352   1.00 62.14  ? 123 PHE A CD2 1 
ATOM   951  C  CE1 . PHE A 1 123 ? 8.032   4.723   3.399   1.00 61.35  ? 123 PHE A CE1 1 
ATOM   952  C  CE2 . PHE A 1 123 ? 5.693   4.942   2.978   1.00 59.72  ? 123 PHE A CE2 1 
ATOM   953  C  CZ  . PHE A 1 123 ? 6.833   4.163   3.007   1.00 58.00  ? 123 PHE A CZ  1 
ATOM   954  N  N   . GLU A 1 124 ? 7.649   10.076  1.421   1.00 57.74  ? 124 GLU A N   1 
ATOM   955  C  CA  . GLU A 1 124 ? 7.583   10.094  -0.043  1.00 60.76  ? 124 GLU A CA  1 
ATOM   956  C  C   . GLU A 1 124 ? 8.923   10.465  -0.671  1.00 63.75  ? 124 GLU A C   1 
ATOM   957  O  O   . GLU A 1 124 ? 9.264   9.959   -1.745  1.00 61.29  ? 124 GLU A O   1 
ATOM   958  C  CB  . GLU A 1 124 ? 6.502   11.073  -0.514  1.00 67.11  ? 124 GLU A CB  1 
ATOM   959  C  CG  . GLU A 1 124 ? 6.614   11.457  -2.000  1.00 75.10  ? 124 GLU A CG  1 
ATOM   960  C  CD  . GLU A 1 124 ? 5.407   12.245  -2.533  1.00 73.56  ? 124 GLU A CD  1 
ATOM   961  O  OE1 . GLU A 1 124 ? 4.608   11.653  -3.289  1.00 68.01  ? 124 GLU A OE1 1 
ATOM   962  O  OE2 . GLU A 1 124 ? 5.282   13.461  -2.221  1.00 78.83  ? 124 GLU A OE2 1 
ATOM   963  N  N   . ASP A 1 125 ? 9.691   11.359  -0.026  1.00 67.80  ? 125 ASP A N   1 
ATOM   964  C  CA  . ASP A 1 125 ? 10.984  11.781  -0.557  1.00 68.95  ? 125 ASP A CA  1 
ATOM   965  C  C   . ASP A 1 125 ? 11.912  10.613  -0.871  1.00 68.56  ? 125 ASP A C   1 
ATOM   966  O  O   . ASP A 1 125 ? 12.868  10.799  -1.635  1.00 77.03  ? 125 ASP A O   1 
ATOM   967  C  CB  . ASP A 1 125 ? 11.713  12.721  0.418   1.00 74.78  ? 125 ASP A CB  1 
ATOM   968  C  CG  . ASP A 1 125 ? 11.075  14.118  0.522   1.00 77.42  ? 125 ASP A CG  1 
ATOM   969  O  OD1 . ASP A 1 125 ? 10.361  14.555  -0.411  1.00 79.88  ? 125 ASP A OD1 1 
ATOM   970  O  OD2 . ASP A 1 125 ? 11.341  14.804  1.536   1.00 75.50  ? 125 ASP A OD2 1 
ATOM   971  N  N   . HIS A 1 126 ? 11.674  9.432   -0.293  1.00 60.37  ? 126 HIS A N   1 
ATOM   972  C  CA  . HIS A 1 126 ? 12.542  8.281   -0.501  1.00 59.23  ? 126 HIS A CA  1 
ATOM   973  C  C   . HIS A 1 126 ? 12.194  7.482   -1.755  1.00 61.55  ? 126 HIS A C   1 
ATOM   974  O  O   . HIS A 1 126 ? 13.048  6.737   -2.246  1.00 61.00  ? 126 HIS A O   1 
ATOM   975  C  CB  . HIS A 1 126 ? 12.479  7.361   0.721   1.00 59.74  ? 126 HIS A CB  1 
ATOM   976  C  CG  . HIS A 1 126 ? 13.543  6.308   0.744   1.00 60.61  ? 126 HIS A CG  1 
ATOM   977  N  ND1 . HIS A 1 126 ? 14.699  6.426   1.491   1.00 55.92  ? 126 HIS A ND1 1 
ATOM   978  C  CD2 . HIS A 1 126 ? 13.630  5.116   0.103   1.00 59.70  ? 126 HIS A CD2 1 
ATOM   979  C  CE1 . HIS A 1 126 ? 15.446  5.350   1.316   1.00 58.00  ? 126 HIS A CE1 1 
ATOM   980  N  NE2 . HIS A 1 126 ? 14.822  4.542   0.474   1.00 60.20  ? 126 HIS A NE2 1 
ATOM   981  N  N   . PHE A 1 127 ? 10.971  7.602   -2.271  1.00 61.40  ? 127 PHE A N   1 
ATOM   982  C  CA  . PHE A 1 127 ? 10.527  6.852   -3.443  1.00 62.48  ? 127 PHE A CA  1 
ATOM   983  C  C   . PHE A 1 127 ? 10.972  7.552   -4.727  1.00 66.32  ? 127 PHE A C   1 
ATOM   984  O  O   . PHE A 1 127 ? 11.000  8.784   -4.802  1.00 63.64  ? 127 PHE A O   1 
ATOM   985  C  CB  . PHE A 1 127 ? 8.992   6.716   -3.479  1.00 63.39  ? 127 PHE A CB  1 
ATOM   986  C  CG  . PHE A 1 127 ? 8.400   5.869   -2.368  1.00 62.80  ? 127 PHE A CG  1 
ATOM   987  C  CD1 . PHE A 1 127 ? 8.213   6.392   -1.096  1.00 59.58  ? 127 PHE A CD1 1 
ATOM   988  C  CD2 . PHE A 1 127 ? 8.002   4.560   -2.610  1.00 61.16  ? 127 PHE A CD2 1 
ATOM   989  C  CE1 . PHE A 1 127 ? 7.667   5.620   -0.082  1.00 54.79  ? 127 PHE A CE1 1 
ATOM   990  C  CE2 . PHE A 1 127 ? 7.466   3.781   -1.597  1.00 59.15  ? 127 PHE A CE2 1 
ATOM   991  C  CZ  . PHE A 1 127 ? 7.296   4.311   -0.329  1.00 57.39  ? 127 PHE A CZ  1 
ATOM   992  N  N   . HIS A 1 128 ? 11.282  6.753   -5.756  1.00 70.53  ? 128 HIS A N   1 
ATOM   993  C  CA  . HIS A 1 128 ? 11.341  7.235   -7.136  1.00 69.65  ? 128 HIS A CA  1 
ATOM   994  C  C   . HIS A 1 128 ? 10.052  7.998   -7.395  1.00 76.07  ? 128 HIS A C   1 
ATOM   995  O  O   . HIS A 1 128 ? 9.014   7.675   -6.808  1.00 78.76  ? 128 HIS A O   1 
ATOM   996  C  CB  . HIS A 1 128 ? 11.518  6.053   -8.114  1.00 74.73  ? 128 HIS A CB  1 
ATOM   997  C  CG  . HIS A 1 128 ? 11.885  6.430   -9.526  1.00 85.46  ? 128 HIS A CG  1 
ATOM   998  N  ND1 . HIS A 1 128 ? 11.718  7.699   -10.042 1.00 87.27  ? 128 HIS A ND1 1 
ATOM   999  C  CD2 . HIS A 1 128 ? 12.422  5.689   -10.529 1.00 90.03  ? 128 HIS A CD2 1 
ATOM   1000 C  CE1 . HIS A 1 128 ? 12.129  7.721   -11.299 1.00 83.46  ? 128 HIS A CE1 1 
ATOM   1001 N  NE2 . HIS A 1 128 ? 12.561  6.516   -11.620 1.00 83.84  ? 128 HIS A NE2 1 
ATOM   1002 N  N   . TYR A 1 129 ? 10.094  9.033   -8.238  1.00 81.70  ? 129 TYR A N   1 
ATOM   1003 C  CA  . TYR A 1 129 ? 8.886   9.813   -8.484  1.00 77.18  ? 129 TYR A CA  1 
ATOM   1004 C  C   . TYR A 1 129 ? 7.803   8.973   -9.130  1.00 77.96  ? 129 TYR A C   1 
ATOM   1005 O  O   . TYR A 1 129 ? 6.649   9.410   -9.190  1.00 76.00  ? 129 TYR A O   1 
ATOM   1006 C  CB  . TYR A 1 129 ? 9.202   11.032  -9.361  1.00 82.93  ? 129 TYR A CB  1 
ATOM   1007 C  CG  . TYR A 1 129 ? 9.337   10.737  -10.844 1.00 82.71  ? 129 TYR A CG  1 
ATOM   1008 C  CD1 . TYR A 1 129 ? 10.570  10.457  -11.408 1.00 83.78  ? 129 TYR A CD1 1 
ATOM   1009 C  CD2 . TYR A 1 129 ? 8.224   10.754  -11.681 1.00 82.20  ? 129 TYR A CD2 1 
ATOM   1010 C  CE1 . TYR A 1 129 ? 10.686  10.188  -12.769 1.00 90.94  ? 129 TYR A CE1 1 
ATOM   1011 C  CE2 . TYR A 1 129 ? 8.330   10.482  -13.032 1.00 81.54  ? 129 TYR A CE2 1 
ATOM   1012 C  CZ  . TYR A 1 129 ? 9.553   10.201  -13.572 1.00 86.74  ? 129 TYR A CZ  1 
ATOM   1013 O  OH  . TYR A 1 129 ? 9.626   9.938   -14.920 1.00 89.98  ? 129 TYR A OH  1 
ATOM   1014 N  N   . ARG A 1 130 ? 8.147   7.782   -9.613  1.00 78.89  ? 130 ARG A N   1 
ATOM   1015 C  CA  . ARG A 1 130 ? 7.225   6.930   -10.346 1.00 77.48  ? 130 ARG A CA  1 
ATOM   1016 C  C   . ARG A 1 130 ? 6.452   5.979   -9.430  1.00 77.11  ? 130 ARG A C   1 
ATOM   1017 O  O   . ARG A 1 130 ? 6.855   5.659   -8.303  1.00 70.23  ? 130 ARG A O   1 
ATOM   1018 C  CB  . ARG A 1 130 ? 7.957   6.102   -11.397 1.00 82.12  ? 130 ARG A CB  1 
ATOM   1019 C  CG  . ARG A 1 130 ? 9.028   5.310   -10.812 1.00 86.38  ? 130 ARG A CG  1 
ATOM   1020 C  CD  . ARG A 1 130 ? 9.450   4.364   -11.813 1.00 92.75  ? 130 ARG A CD  1 
ATOM   1021 N  NE  . ARG A 1 130 ? 10.315  3.329   -11.284 1.00 95.43  ? 130 ARG A NE  1 
ATOM   1022 C  CZ  . ARG A 1 130 ? 9.911   2.058   -11.127 1.00 97.07  ? 130 ARG A CZ  1 
ATOM   1023 N  NH1 . ARG A 1 130 ? 10.729  1.109   -10.600 1.00 92.67  ? 130 ARG A NH1 1 
ATOM   1024 N  NH2 . ARG A 1 130 ? 8.701   1.688   -11.594 1.00 85.08  ? 130 ARG A NH2 1 
ATOM   1025 N  N   . ASN A 1 131 ? 5.302   5.557   -9.944  1.00 74.24  ? 131 ASN A N   1 
ATOM   1026 C  CA  . ASN A 1 131 ? 4.484   4.504   -9.376  1.00 65.67  ? 131 ASN A CA  1 
ATOM   1027 C  C   . ASN A 1 131 ? 4.679   3.239   -10.186 1.00 65.83  ? 131 ASN A C   1 
ATOM   1028 O  O   . ASN A 1 131 ? 4.918   3.288   -11.392 1.00 72.02  ? 131 ASN A O   1 
ATOM   1029 C  CB  . ASN A 1 131 ? 3.002   4.868   -9.411  1.00 65.33  ? 131 ASN A CB  1 
ATOM   1030 C  CG  . ASN A 1 131 ? 2.702   6.128   -8.679  1.00 67.39  ? 131 ASN A CG  1 
ATOM   1031 O  OD1 . ASN A 1 131 ? 3.381   6.463   -7.717  1.00 66.50  ? 131 ASN A OD1 1 
ATOM   1032 N  ND2 . ASN A 1 131 ? 1.666   6.842   -9.115  1.00 74.48  ? 131 ASN A ND2 1 
ATOM   1033 N  N   . LEU A 1 132 ? 4.531   2.102   -9.529  1.00 63.96  ? 132 LEU A N   1 
ATOM   1034 C  CA  . LEU A 1 132 ? 4.421   0.833   -10.239 1.00 65.94  ? 132 LEU A CA  1 
ATOM   1035 C  C   . LEU A 1 132 ? 3.076   0.232   -9.827  1.00 65.33  ? 132 LEU A C   1 
ATOM   1036 O  O   . LEU A 1 132 ? 2.950   -0.349  -8.743  1.00 60.89  ? 132 LEU A O   1 
ATOM   1037 C  CB  . LEU A 1 132 ? 5.609   -0.076  -9.927  1.00 60.35  ? 132 LEU A CB  1 
ATOM   1038 C  CG  . LEU A 1 132 ? 5.661   -1.444  -10.633 1.00 68.20  ? 132 LEU A CG  1 
ATOM   1039 C  CD1 . LEU A 1 132 ? 7.105   -1.912  -10.619 1.00 70.88  ? 132 LEU A CD1 1 
ATOM   1040 C  CD2 . LEU A 1 132 ? 4.742   -2.548  -10.055 1.00 67.25  ? 132 LEU A CD2 1 
ATOM   1041 N  N   . ASP A 1 133 ? 2.064   0.389   -10.679 1.00 65.28  ? 133 ASP A N   1 
ATOM   1042 C  CA  . ASP A 1 133 ? 0.697   0.011   -10.337 1.00 63.94  ? 133 ASP A CA  1 
ATOM   1043 C  C   . ASP A 1 133 ? 0.329   -1.276  -11.069 1.00 64.26  ? 133 ASP A C   1 
ATOM   1044 O  O   . ASP A 1 133 ? 0.315   -1.314  -12.304 1.00 59.39  ? 133 ASP A O   1 
ATOM   1045 C  CB  . ASP A 1 133 ? -0.279  1.132   -10.682 1.00 66.75  ? 133 ASP A CB  1 
ATOM   1046 C  CG  . ASP A 1 133 ? -1.432  1.219   -9.701  1.00 74.20  ? 133 ASP A CG  1 
ATOM   1047 O  OD1 . ASP A 1 133 ? -2.152  0.212   -9.539  1.00 72.52  ? 133 ASP A OD1 1 
ATOM   1048 O  OD2 . ASP A 1 133 ? -1.601  2.293   -9.066  1.00 81.69  ? 133 ASP A OD2 1 
ATOM   1049 N  N   . VAL A 1 134 ? 0.050   -2.334  -10.305 1.00 68.68  ? 134 VAL A N   1 
ATOM   1050 C  CA  . VAL A 1 134 ? -0.379  -3.591  -10.914 1.00 69.78  ? 134 VAL A CA  1 
ATOM   1051 C  C   . VAL A 1 134 ? -1.720  -3.415  -11.612 1.00 67.20  ? 134 VAL A C   1 
ATOM   1052 O  O   . VAL A 1 134 ? -1.994  -4.070  -12.625 1.00 63.21  ? 134 VAL A O   1 
ATOM   1053 C  CB  . VAL A 1 134 ? -0.449  -4.719  -9.866  1.00 67.88  ? 134 VAL A CB  1 
ATOM   1054 C  CG1 . VAL A 1 134 ? -0.375  -6.067  -10.570 1.00 66.36  ? 134 VAL A CG1 1 
ATOM   1055 C  CG2 . VAL A 1 134 ? 0.656   -4.582  -8.834  1.00 67.96  ? 134 VAL A CG2 1 
ATOM   1056 N  N   . SER A 1 135 ? -2.577  -2.533  -11.079 1.00 65.41  ? 135 SER A N   1 
ATOM   1057 C  CA  . SER A 1 135 ? -3.873  -2.288  -11.703 1.00 70.71  ? 135 SER A CA  1 
ATOM   1058 C  C   . SER A 1 135 ? -3.728  -1.672  -13.085 1.00 73.95  ? 135 SER A C   1 
ATOM   1059 O  O   . SER A 1 135 ? -4.661  -1.782  -13.891 1.00 78.78  ? 135 SER A O   1 
ATOM   1060 C  CB  . SER A 1 135 ? -4.751  -1.390  -10.824 1.00 72.74  ? 135 SER A CB  1 
ATOM   1061 O  OG  . SER A 1 135 ? -4.321  -0.042  -10.870 1.00 76.31  ? 135 SER A OG  1 
ATOM   1062 N  N   . THR A 1 136 ? -2.580  -1.031  -13.371 1.00 71.38  ? 136 THR A N   1 
ATOM   1063 C  CA  . THR A 1 136 ? -2.277  -0.577  -14.725 1.00 64.12  ? 136 THR A CA  1 
ATOM   1064 C  C   . THR A 1 136 ? -2.153  -1.758  -15.674 1.00 61.73  ? 136 THR A C   1 
ATOM   1065 O  O   . THR A 1 136 ? -2.636  -1.702  -16.809 1.00 62.34  ? 136 THR A O   1 
ATOM   1066 C  CB  . THR A 1 136 ? -0.978  0.248   -14.729 1.00 71.69  ? 136 THR A CB  1 
ATOM   1067 O  OG1 . THR A 1 136 ? -1.173  1.508   -14.058 1.00 74.41  ? 136 THR A OG1 1 
ATOM   1068 C  CG2 . THR A 1 136 ? -0.463  0.521   -16.172 1.00 68.76  ? 136 THR A CG2 1 
ATOM   1069 N  N   . ILE A 1 137 ? -1.504  -2.839  -15.222 1.00 68.41  ? 137 ILE A N   1 
ATOM   1070 C  CA  . ILE A 1 137 ? -1.300  -4.011  -16.077 1.00 71.48  ? 137 ILE A CA  1 
ATOM   1071 C  C   . ILE A 1 137 ? -2.596  -4.754  -16.285 1.00 73.07  ? 137 ILE A C   1 
ATOM   1072 O  O   . ILE A 1 137 ? -2.894  -5.197  -17.398 1.00 76.32  ? 137 ILE A O   1 
ATOM   1073 C  CB  . ILE A 1 137 ? -0.268  -4.978  -15.490 1.00 66.75  ? 137 ILE A CB  1 
ATOM   1074 C  CG1 . ILE A 1 137 ? 0.921   -4.244  -14.930 1.00 57.68  ? 137 ILE A CG1 1 
ATOM   1075 C  CG2 . ILE A 1 137 ? 0.158   -5.992  -16.543 1.00 65.49  ? 137 ILE A CG2 1 
ATOM   1076 C  CD1 . ILE A 1 137 ? 1.940   -5.201  -14.492 1.00 64.15  ? 137 ILE A CD1 1 
ATOM   1077 N  N   . LYS A 1 138 ? -3.346  -4.974  -15.204 1.00 70.62  ? 138 LYS A N   1 
ATOM   1078 C  CA  . LYS A 1 138 ? -4.666  -5.595  -15.327 1.00 75.73  ? 138 LYS A CA  1 
ATOM   1079 C  C   . LYS A 1 138 ? -5.421  -5.177  -16.581 1.00 79.93  ? 138 LYS A C   1 
ATOM   1080 O  O   . LYS A 1 138 ? -6.083  -6.020  -17.200 1.00 80.26  ? 138 LYS A O   1 
ATOM   1081 C  CB  . LYS A 1 138 ? -5.530  -5.318  -14.094 1.00 79.35  ? 138 LYS A CB  1 
ATOM   1082 C  CG  . LYS A 1 138 ? -6.657  -6.376  -13.822 1.00 79.83  ? 138 LYS A CG  1 
ATOM   1083 C  CD  . LYS A 1 138 ? -7.285  -6.175  -12.437 1.00 79.16  ? 138 LYS A CD  1 
ATOM   1084 C  CE  . LYS A 1 138 ? -8.265  -7.279  -12.048 1.00 80.48  ? 138 LYS A CE  1 
ATOM   1085 N  NZ  . LYS A 1 138 ? -9.497  -6.768  -11.365 1.00 83.87  ? 138 LYS A NZ  1 
ATOM   1086 N  N   . GLU A 1 139 ? -5.319  -3.913  -16.994 1.00 76.00  ? 139 GLU A N   1 
ATOM   1087 C  CA  . GLU A 1 139 ? -6.284  -3.404  -17.948 1.00 78.03  ? 139 GLU A CA  1 
ATOM   1088 C  C   . GLU A 1 139 ? -5.691  -3.422  -19.352 1.00 79.73  ? 139 GLU A C   1 
ATOM   1089 O  O   . GLU A 1 139 ? -6.430  -3.348  -20.351 1.00 78.52  ? 139 GLU A O   1 
ATOM   1090 C  CB  . GLU A 1 139 ? -6.680  -2.010  -17.493 1.00 77.12  ? 139 GLU A CB  1 
ATOM   1091 C  CG  . GLU A 1 139 ? -7.588  -2.008  -16.126 1.00 93.06  ? 139 GLU A CG  1 
ATOM   1092 C  CD  . GLU A 1 139 ? -8.994  -2.149  -16.483 1.00 94.84  ? 139 GLU A CD  1 
ATOM   1093 O  OE1 . GLU A 1 139 ? -9.882  -2.660  -15.749 1.00 96.12  ? 139 GLU A OE1 1 
ATOM   1094 O  OE2 . GLU A 1 139 ? -9.328  -1.581  -17.551 1.00 89.47  ? 139 GLU A OE2 1 
ATOM   1095 N  N   . LEU A 1 140 ? -4.344  -3.376  -19.453 1.00 76.55  ? 140 LEU A N   1 
ATOM   1096 C  CA  . LEU A 1 140 ? -3.699  -3.846  -20.672 1.00 74.08  ? 140 LEU A CA  1 
ATOM   1097 C  C   . LEU A 1 140 ? -4.031  -5.307  -20.912 1.00 77.07  ? 140 LEU A C   1 
ATOM   1098 O  O   . LEU A 1 140 ? -4.357  -5.698  -22.040 1.00 78.41  ? 140 LEU A O   1 
ATOM   1099 C  CB  . LEU A 1 140 ? -2.194  -3.663  -20.574 1.00 79.28  ? 140 LEU A CB  1 
ATOM   1100 C  CG  . LEU A 1 140 ? -1.662  -2.230  -20.496 1.00 74.10  ? 140 LEU A CG  1 
ATOM   1101 C  CD1 . LEU A 1 140 ? -0.160  -2.240  -20.372 1.00 74.36  ? 140 LEU A CD1 1 
ATOM   1102 C  CD2 . LEU A 1 140 ? -2.091  -1.390  -21.685 1.00 70.08  ? 140 LEU A CD2 1 
ATOM   1103 N  N   . ALA A 1 141 ? -3.963  -6.124  -19.853 1.00 78.91  ? 141 ALA A N   1 
ATOM   1104 C  CA  . ALA A 1 141 ? -4.388  -7.518  -19.949 1.00 82.35  ? 141 ALA A CA  1 
ATOM   1105 C  C   . ALA A 1 141 ? -5.801  -7.618  -20.494 1.00 77.88  ? 141 ALA A C   1 
ATOM   1106 O  O   . ALA A 1 141 ? -6.047  -8.326  -21.473 1.00 76.63  ? 141 ALA A O   1 
ATOM   1107 C  CB  . ALA A 1 141 ? -4.310  -8.200  -18.585 1.00 80.41  ? 141 ALA A CB  1 
ATOM   1108 N  N   . LYS A 1 142 ? -6.744  -6.915  -19.857 1.00 78.58  ? 142 LYS A N   1 
ATOM   1109 C  CA  . LYS A 1 142 ? -8.147  -6.998  -20.251 1.00 82.09  ? 142 LYS A CA  1 
ATOM   1110 C  C   . LYS A 1 142 ? -8.347  -6.597  -21.708 1.00 83.66  ? 142 LYS A C   1 
ATOM   1111 O  O   . LYS A 1 142 ? -9.280  -7.080  -22.364 1.00 83.72  ? 142 LYS A O   1 
ATOM   1112 C  CB  . LYS A 1 142 ? -8.988  -6.116  -19.324 1.00 83.11  ? 142 LYS A CB  1 
ATOM   1113 C  CG  . LYS A 1 142 ? -10.469 -6.033  -19.656 1.00 88.11  ? 142 LYS A CG  1 
ATOM   1114 C  CD  . LYS A 1 142 ? -11.097 -7.414  -19.837 1.00 94.95  ? 142 LYS A CD  1 
ATOM   1115 C  CE  . LYS A 1 142 ? -12.012 -7.463  -21.056 1.00 88.27  ? 142 LYS A CE  1 
ATOM   1116 N  NZ  . LYS A 1 142 ? -12.923 -6.288  -21.063 1.00 87.05  ? 142 LYS A NZ  1 
ATOM   1117 N  N   . ARG A 1 143 ? -7.469  -5.746  -22.242 1.00 81.85  ? 143 ARG A N   1 
ATOM   1118 C  CA  . ARG A 1 143 ? -7.644  -5.225  -23.591 1.00 80.84  ? 143 ARG A CA  1 
ATOM   1119 C  C   . ARG A 1 143 ? -6.861  -5.993  -24.654 1.00 77.06  ? 143 ARG A C   1 
ATOM   1120 O  O   . ARG A 1 143 ? -7.129  -5.810  -25.848 1.00 76.44  ? 143 ARG A O   1 
ATOM   1121 C  CB  . ARG A 1 143 ? -7.258  -3.736  -23.620 1.00 81.50  ? 143 ARG A CB  1 
ATOM   1122 C  CG  . ARG A 1 143 ? -8.441  -2.785  -23.372 1.00 77.81  ? 143 ARG A CG  1 
ATOM   1123 C  CD  . ARG A 1 143 ? -8.002  -1.339  -23.061 1.00 73.16  ? 143 ARG A CD  1 
ATOM   1124 N  NE  . ARG A 1 143 ? -8.583  -0.869  -21.801 1.00 66.77  ? 143 ARG A NE  1 
ATOM   1125 C  CZ  . ARG A 1 143 ? -9.644  -0.077  -21.738 1.00 65.95  ? 143 ARG A CZ  1 
ATOM   1126 N  NH1 . ARG A 1 143 ? -10.220 0.317   -22.872 1.00 65.59  ? 143 ARG A NH1 1 
ATOM   1127 N  NH2 . ARG A 1 143 ? -10.125 0.314   -20.555 1.00 67.36  ? 143 ARG A NH2 1 
ATOM   1128 N  N   . TRP A 1 144 ? -5.928  -6.861  -24.266 1.00 79.61  ? 144 TRP A N   1 
ATOM   1129 C  CA  . TRP A 1 144 ? -5.028  -7.486  -25.237 1.00 84.82  ? 144 TRP A CA  1 
ATOM   1130 C  C   . TRP A 1 144 ? -5.065  -9.001  -25.187 1.00 85.26  ? 144 TRP A C   1 
ATOM   1131 O  O   . TRP A 1 144 ? -5.359  -9.639  -26.206 1.00 91.54  ? 144 TRP A O   1 
ATOM   1132 C  CB  . TRP A 1 144 ? -3.599  -6.971  -25.022 1.00 83.44  ? 144 TRP A CB  1 
ATOM   1133 C  CG  . TRP A 1 144 ? -3.410  -5.549  -25.471 1.00 84.23  ? 144 TRP A CG  1 
ATOM   1134 C  CD1 . TRP A 1 144 ? -4.274  -4.802  -26.225 1.00 81.68  ? 144 TRP A CD1 1 
ATOM   1135 C  CD2 . TRP A 1 144 ? -2.284  -4.703  -25.198 1.00 80.79  ? 144 TRP A CD2 1 
ATOM   1136 N  NE1 . TRP A 1 144 ? -3.756  -3.547  -26.435 1.00 79.75  ? 144 TRP A NE1 1 
ATOM   1137 C  CE2 . TRP A 1 144 ? -2.537  -3.460  -25.816 1.00 74.38  ? 144 TRP A CE2 1 
ATOM   1138 C  CE3 . TRP A 1 144 ? -1.089  -4.878  -24.493 1.00 79.03  ? 144 TRP A CE3 1 
ATOM   1139 C  CZ2 . TRP A 1 144 ? -1.645  -2.399  -25.745 1.00 73.36  ? 144 TRP A CZ2 1 
ATOM   1140 C  CZ3 . TRP A 1 144 ? -0.202  -3.826  -24.427 1.00 81.33  ? 144 TRP A CZ3 1 
ATOM   1141 C  CH2 . TRP A 1 144 ? -0.482  -2.600  -25.050 1.00 79.69  ? 144 TRP A CH2 1 
ATOM   1142 N  N   . LYS A 1 145 ? -4.746  -9.615  -24.042 1.00 82.66  ? 145 LYS A N   1 
ATOM   1143 C  CA  . LYS A 1 145 ? -4.838  -11.057 -23.832 1.00 85.83  ? 145 LYS A CA  1 
ATOM   1144 C  C   . LYS A 1 145 ? -5.812  -11.284 -22.681 1.00 86.68  ? 145 LYS A C   1 
ATOM   1145 O  O   . LYS A 1 145 ? -5.408  -11.663 -21.573 1.00 86.55  ? 145 LYS A O   1 
ATOM   1146 C  CB  . LYS A 1 145 ? -3.459  -11.664 -23.547 1.00 82.35  ? 145 LYS A CB  1 
ATOM   1147 C  CG  . LYS A 1 145 ? -3.444  -13.191 -23.467 1.00 89.57  ? 145 LYS A CG  1 
ATOM   1148 C  CD  . LYS A 1 145 ? -2.045  -13.791 -23.304 1.00 84.16  ? 145 LYS A CD  1 
ATOM   1149 C  CE  . LYS A 1 145 ? -1.492  -14.341 -24.581 1.00 87.38  ? 145 LYS A CE  1 
ATOM   1150 N  NZ  . LYS A 1 145 ? -1.370  -13.256 -25.562 1.00 95.51  ? 145 LYS A NZ  1 
ATOM   1151 N  N   . PRO A 1 146 ? -7.121  -11.073 -22.912 1.00 86.70  ? 146 PRO A N   1 
ATOM   1152 C  CA  . PRO A 1 146 ? -8.079  -11.070 -21.787 1.00 83.05  ? 146 PRO A CA  1 
ATOM   1153 C  C   . PRO A 1 146 ? -8.150  -12.387 -21.042 1.00 88.19  ? 146 PRO A C   1 
ATOM   1154 O  O   . PRO A 1 146 ? -8.651  -12.431 -19.909 1.00 87.70  ? 146 PRO A O   1 
ATOM   1155 C  CB  . PRO A 1 146 ? -9.419  -10.760 -22.468 1.00 80.06  ? 146 PRO A CB  1 
ATOM   1156 C  CG  . PRO A 1 146 ? -9.259  -11.255 -23.871 1.00 86.16  ? 146 PRO A CG  1 
ATOM   1157 C  CD  . PRO A 1 146 ? -7.797  -11.027 -24.221 1.00 90.11  ? 146 PRO A CD  1 
ATOM   1158 N  N   . GLU A 1 147 ? -7.662  -13.466 -21.639 1.00 91.49  ? 147 GLU A N   1 
ATOM   1159 C  CA  . GLU A 1 147 ? -7.790  -14.766 -21.002 1.00 87.78  ? 147 GLU A CA  1 
ATOM   1160 C  C   . GLU A 1 147 ? -6.878  -14.911 -19.781 1.00 88.52  ? 147 GLU A C   1 
ATOM   1161 O  O   . GLU A 1 147 ? -7.210  -15.674 -18.875 1.00 86.85  ? 147 GLU A O   1 
ATOM   1162 C  CB  . GLU A 1 147 ? -7.532  -15.851 -22.049 1.00 90.56  ? 147 GLU A CB  1 
ATOM   1163 C  CG  . GLU A 1 147 ? -6.099  -15.909 -22.551 1.00 96.90  ? 147 GLU A CG  1 
ATOM   1164 C  CD  . GLU A 1 147 ? -5.218  -16.723 -21.633 1.00 101.29 ? 147 GLU A CD  1 
ATOM   1165 O  OE1 . GLU A 1 147 ? -3.982  -16.494 -21.619 1.00 102.54 ? 147 GLU A OE1 1 
ATOM   1166 O  OE2 . GLU A 1 147 ? -5.782  -17.585 -20.914 1.00 97.70  ? 147 GLU A OE2 1 
ATOM   1167 N  N   . VAL A 1 148 ? -5.741  -14.204 -19.716 1.00 85.16  ? 148 VAL A N   1 
ATOM   1168 C  CA  . VAL A 1 148 ? -4.836  -14.432 -18.582 1.00 84.97  ? 148 VAL A CA  1 
ATOM   1169 C  C   . VAL A 1 148 ? -5.411  -13.928 -17.274 1.00 80.29  ? 148 VAL A C   1 
ATOM   1170 O  O   . VAL A 1 148 ? -4.907  -14.293 -16.205 1.00 76.88  ? 148 VAL A O   1 
ATOM   1171 C  CB  . VAL A 1 148 ? -3.439  -13.788 -18.727 1.00 89.92  ? 148 VAL A CB  1 
ATOM   1172 C  CG1 . VAL A 1 148 ? -2.867  -14.034 -20.075 1.00 90.85  ? 148 VAL A CG1 1 
ATOM   1173 C  CG2 . VAL A 1 148 ? -3.473  -12.287 -18.389 1.00 83.75  ? 148 VAL A CG2 1 
ATOM   1174 N  N   . LEU A 1 149 ? -6.430  -13.072 -17.325 1.00 82.97  ? 149 LEU A N   1 
ATOM   1175 C  CA  . LEU A 1 149 ? -7.020  -12.570 -16.090 1.00 84.35  ? 149 LEU A CA  1 
ATOM   1176 C  C   . LEU A 1 149 ? -7.539  -13.701 -15.222 1.00 85.56  ? 149 LEU A C   1 
ATOM   1177 O  O   . LEU A 1 149 ? -7.626  -13.555 -13.996 1.00 83.58  ? 149 LEU A O   1 
ATOM   1178 C  CB  . LEU A 1 149 ? -8.151  -11.594 -16.410 1.00 82.62  ? 149 LEU A CB  1 
ATOM   1179 C  CG  . LEU A 1 149 ? -7.666  -10.216 -16.829 1.00 74.85  ? 149 LEU A CG  1 
ATOM   1180 C  CD1 . LEU A 1 149 ? -8.717  -9.175  -16.523 1.00 78.83  ? 149 LEU A CD1 1 
ATOM   1181 C  CD2 . LEU A 1 149 ? -6.397  -9.917  -16.082 1.00 77.31  ? 149 LEU A CD2 1 
ATOM   1182 N  N   . GLU A 1 150 ? -7.856  -14.848 -15.834 1.00 87.29  ? 150 GLU A N   1 
ATOM   1183 C  CA  . GLU A 1 150 ? -8.531  -15.923 -15.118 1.00 88.15  ? 150 GLU A CA  1 
ATOM   1184 C  C   . GLU A 1 150 ? -7.614  -16.666 -14.162 1.00 82.46  ? 150 GLU A C   1 
ATOM   1185 O  O   . GLU A 1 150 ? -8.117  -17.398 -13.299 1.00 78.28  ? 150 GLU A O   1 
ATOM   1186 C  CB  . GLU A 1 150 ? -9.160  -16.917 -16.099 1.00 89.28  ? 150 GLU A CB  1 
ATOM   1187 C  CG  . GLU A 1 150 ? -8.177  -17.653 -17.004 1.00 89.57  ? 150 GLU A CG  1 
ATOM   1188 C  CD  . GLU A 1 150 ? -8.855  -18.148 -18.282 1.00 99.86  ? 150 GLU A CD  1 
ATOM   1189 O  OE1 . GLU A 1 150 ? -8.348  -19.120 -18.905 1.00 96.73  ? 150 GLU A OE1 1 
ATOM   1190 O  OE2 . GLU A 1 150 ? -9.915  -17.568 -18.636 1.00 94.63  ? 150 GLU A OE2 1 
ATOM   1191 N  N   . SER A 1 151 ? -6.300  -16.497 -14.273 1.00 79.90  ? 151 SER A N   1 
ATOM   1192 C  CA  . SER A 1 151 ? -5.416  -17.120 -13.304 1.00 76.25  ? 151 SER A CA  1 
ATOM   1193 C  C   . SER A 1 151 ? -5.113  -16.218 -12.099 1.00 76.44  ? 151 SER A C   1 
ATOM   1194 O  O   . SER A 1 151 ? -4.410  -16.652 -11.179 1.00 76.46  ? 151 SER A O   1 
ATOM   1195 C  CB  . SER A 1 151 ? -4.134  -17.569 -13.998 1.00 74.00  ? 151 SER A CB  1 
ATOM   1196 O  OG  . SER A 1 151 ? -3.244  -18.140 -13.055 1.00 85.76  ? 151 SER A OG  1 
ATOM   1197 N  N   . VAL A 1 152 ? -5.657  -14.991 -12.060 1.00 75.74  ? 152 VAL A N   1 
ATOM   1198 C  CA  . VAL A 1 152 ? -5.587  -14.136 -10.874 1.00 78.23  ? 152 VAL A CA  1 
ATOM   1199 C  C   . VAL A 1 152 ? -6.511  -14.702 -9.802  1.00 80.74  ? 152 VAL A C   1 
ATOM   1200 O  O   . VAL A 1 152 ? -7.641  -15.113 -10.099 1.00 89.40  ? 152 VAL A O   1 
ATOM   1201 C  CB  . VAL A 1 152 ? -5.959  -12.684 -11.240 1.00 77.17  ? 152 VAL A CB  1 
ATOM   1202 C  CG1 . VAL A 1 152 ? -6.137  -11.823 -9.993  1.00 73.50  ? 152 VAL A CG1 1 
ATOM   1203 C  CG2 . VAL A 1 152 ? -4.898  -12.094 -12.153 1.00 76.87  ? 152 VAL A CG2 1 
ATOM   1204 N  N   . VAL A 1 153 ? -6.042  -14.744 -8.539  1.00 83.73  ? 153 VAL A N   1 
ATOM   1205 C  CA  . VAL A 1 153 ? -6.856  -15.313 -7.462  1.00 83.48  ? 153 VAL A CA  1 
ATOM   1206 C  C   . VAL A 1 153 ? -7.885  -14.286 -6.994  1.00 91.20  ? 153 VAL A C   1 
ATOM   1207 O  O   . VAL A 1 153 ? -7.605  -13.079 -6.916  1.00 89.35  ? 153 VAL A O   1 
ATOM   1208 C  CB  . VAL A 1 153 ? -5.969  -15.827 -6.304  1.00 79.53  ? 153 VAL A CB  1 
ATOM   1209 C  CG1 . VAL A 1 153 ? -4.836  -16.700 -6.842  1.00 73.30  ? 153 VAL A CG1 1 
ATOM   1210 C  CG2 . VAL A 1 153 ? -5.429  -14.678 -5.445  1.00 90.34  ? 153 VAL A CG2 1 
ATOM   1211 N  N   . LYS A 1 154 ? -9.094  -14.776 -6.670  1.00 98.10  ? 154 LYS A N   1 
ATOM   1212 C  CA  . LYS A 1 154 ? -10.309 -13.957 -6.603  1.00 97.94  ? 154 LYS A CA  1 
ATOM   1213 C  C   . LYS A 1 154 ? -10.275 -12.890 -5.505  1.00 100.22 ? 154 LYS A C   1 
ATOM   1214 O  O   . LYS A 1 154 ? -10.371 -11.705 -5.824  1.00 102.32 ? 154 LYS A O   1 
ATOM   1215 C  CB  . LYS A 1 154 ? -11.550 -14.848 -6.444  1.00 103.09 ? 154 LYS A CB  1 
ATOM   1216 C  CG  . LYS A 1 154 ? -11.671 -15.603 -5.124  1.00 106.45 ? 154 LYS A CG  1 
ATOM   1217 C  CD  . LYS A 1 154 ? -13.027 -15.318 -4.469  1.00 98.01  ? 154 LYS A CD  1 
ATOM   1218 C  CE  . LYS A 1 154 ? -13.092 -15.938 -3.078  1.00 105.34 ? 154 LYS A CE  1 
ATOM   1219 N  NZ  . LYS A 1 154 ? -14.508 -16.093 -2.647  1.00 115.23 ? 154 LYS A NZ  1 
ATOM   1220 N  N   . THR A 1 155 ? -10.167 -13.266 -4.222  1.00 102.31 ? 155 THR A N   1 
ATOM   1221 C  CA  . THR A 1 155 ? -9.969  -12.266 -3.169  1.00 105.77 ? 155 THR A CA  1 
ATOM   1222 C  C   . THR A 1 155 ? -9.605  -12.848 -1.802  1.00 107.41 ? 155 THR A C   1 
ATOM   1223 O  O   . THR A 1 155 ? -9.095  -13.970 -1.700  1.00 102.28 ? 155 THR A O   1 
ATOM   1224 C  CB  . THR A 1 155 ? -11.208 -11.367 -3.022  1.00 105.26 ? 155 THR A CB  1 
ATOM   1225 O  OG1 . THR A 1 155 ? -10.872 -10.222 -2.231  1.00 107.95 ? 155 THR A OG1 1 
ATOM   1226 C  CG2 . THR A 1 155 ? -12.405 -12.117 -2.399  1.00 107.73 ? 155 THR A CG2 1 
ATOM   1227 N  N   . GLY A 1 156 ? -9.854  -12.063 -0.751  1.00 116.76 ? 156 GLY A N   1 
ATOM   1228 C  CA  . GLY A 1 156 ? -9.314  -12.299 0.571   1.00 112.23 ? 156 GLY A CA  1 
ATOM   1229 C  C   . GLY A 1 156 ? -8.271  -11.247 0.893   1.00 116.50 ? 156 GLY A C   1 
ATOM   1230 O  O   . GLY A 1 156 ? -7.175  -11.272 0.322   1.00 119.34 ? 156 GLY A O   1 
ATOM   1231 N  N   . ALA A 1 157 ? -8.598  -10.298 1.776   1.00 114.17 ? 157 ALA A N   1 
ATOM   1232 C  CA  . ALA A 1 157 ? -7.647  -9.247  2.140   1.00 110.65 ? 157 ALA A CA  1 
ATOM   1233 C  C   . ALA A 1 157 ? -8.036  -8.558  3.446   1.00 105.42 ? 157 ALA A C   1 
ATOM   1234 O  O   . ALA A 1 157 ? -8.349  -7.362  3.446   1.00 99.77  ? 157 ALA A O   1 
ATOM   1235 C  CB  . ALA A 1 157 ? -7.531  -8.208  1.019   1.00 106.10 ? 157 ALA A CB  1 
ATOM   1236 N  N   . HIS A 1 158 ? -7.998  -9.300  4.560   1.00 107.04 ? 158 HIS A N   1 
ATOM   1237 C  CA  . HIS A 1 158 ? -8.387  -8.747  5.857   1.00 110.74 ? 158 HIS A CA  1 
ATOM   1238 C  C   . HIS A 1 158 ? -7.460  -7.595  6.263   1.00 106.51 ? 158 HIS A C   1 
ATOM   1239 O  O   . HIS A 1 158 ? -7.896  -6.447  6.416   1.00 101.78 ? 158 HIS A O   1 
ATOM   1240 C  CB  . HIS A 1 158 ? -8.399  -9.848  6.940   1.00 112.29 ? 158 HIS A CB  1 
ATOM   1241 C  CG  . HIS A 1 158 ? -8.668  -11.239 6.424   1.00 118.29 ? 158 HIS A CG  1 
ATOM   1242 N  ND1 . HIS A 1 158 ? -7.663  -12.139 6.140   1.00 119.18 ? 158 HIS A ND1 1 
ATOM   1243 C  CD2 . HIS A 1 158 ? -9.835  -11.894 6.198   1.00 115.57 ? 158 HIS A CD2 1 
ATOM   1244 C  CE1 . HIS A 1 158 ? -8.197  -13.280 5.727   1.00 117.96 ? 158 HIS A CE1 1 
ATOM   1245 N  NE2 . HIS A 1 158 ? -9.510  -13.157 5.756   1.00 113.51 ? 158 HIS A NE2 1 
ATOM   1246 N  N   . LEU A 1 159 ? -6.171  -7.892  6.433   1.00 103.05 ? 159 LEU A N   1 
ATOM   1247 C  CA  . LEU A 1 159 ? -5.166  -6.906  6.793   1.00 91.50  ? 159 LEU A CA  1 
ATOM   1248 C  C   . LEU A 1 159 ? -4.621  -6.216  5.540   1.00 86.24  ? 159 LEU A C   1 
ATOM   1249 O  O   . LEU A 1 159 ? -4.895  -6.614  4.406   1.00 86.97  ? 159 LEU A O   1 
ATOM   1250 C  CB  . LEU A 1 159 ? -4.040  -7.577  7.581   1.00 91.73  ? 159 LEU A CB  1 
ATOM   1251 C  CG  . LEU A 1 159 ? -4.234  -8.035  9.029   1.00 97.07  ? 159 LEU A CG  1 
ATOM   1252 C  CD1 . LEU A 1 159 ? -5.380  -9.061  9.201   1.00 97.19  ? 159 LEU A CD1 1 
ATOM   1253 C  CD2 . LEU A 1 159 ? -2.913  -8.595  9.557   1.00 81.17  ? 159 LEU A CD2 1 
ATOM   1254 N  N   . ALA A 1 160 ? -3.820  -5.167  5.743   1.00 88.43  ? 160 ALA A N   1 
ATOM   1255 C  CA  . ALA A 1 160 ? -3.133  -4.547  4.614   1.00 83.16  ? 160 ALA A CA  1 
ATOM   1256 C  C   . ALA A 1 160 ? -2.038  -5.444  4.040   1.00 76.71  ? 160 ALA A C   1 
ATOM   1257 O  O   . ALA A 1 160 ? -1.745  -5.359  2.839   1.00 72.96  ? 160 ALA A O   1 
ATOM   1258 C  CB  . ALA A 1 160 ? -2.543  -3.200  5.025   1.00 72.00  ? 160 ALA A CB  1 
ATOM   1259 N  N   . LEU A 1 161 ? -1.437  -6.306  4.870   1.00 72.53  ? 161 LEU A N   1 
ATOM   1260 C  CA  . LEU A 1 161 ? -0.382  -7.197  4.387   1.00 72.29  ? 161 LEU A CA  1 
ATOM   1261 C  C   . LEU A 1 161 ? -0.867  -8.048  3.227   1.00 76.12  ? 161 LEU A C   1 
ATOM   1262 O  O   . LEU A 1 161 ? -0.227  -8.094  2.164   1.00 73.50  ? 161 LEU A O   1 
ATOM   1263 C  CB  . LEU A 1 161 ? 0.117   -8.094  5.513   1.00 70.42  ? 161 LEU A CB  1 
ATOM   1264 C  CG  . LEU A 1 161 ? 0.988   -7.418  6.560   1.00 73.04  ? 161 LEU A CG  1 
ATOM   1265 C  CD1 . LEU A 1 161 ? 1.583   -8.459  7.483   1.00 68.19  ? 161 LEU A CD1 1 
ATOM   1266 C  CD2 . LEU A 1 161 ? 2.088   -6.570  5.901   1.00 75.94  ? 161 LEU A CD2 1 
ATOM   1267 N  N   . ASP A 1 162 ? -2.000  -8.735  3.423   1.00 79.14  ? 162 ASP A N   1 
ATOM   1268 C  CA  . ASP A 1 162 ? -2.559  -9.590  2.382   1.00 73.08  ? 162 ASP A CA  1 
ATOM   1269 C  C   . ASP A 1 162 ? -2.911  -8.783  1.145   1.00 70.85  ? 162 ASP A C   1 
ATOM   1270 O  O   . ASP A 1 162 ? -2.686  -9.236  0.019   1.00 69.57  ? 162 ASP A O   1 
ATOM   1271 C  CB  . ASP A 1 162 ? -3.790  -10.320 2.917   1.00 91.47  ? 162 ASP A CB  1 
ATOM   1272 C  CG  . ASP A 1 162 ? -3.445  -11.347 3.991   1.00 93.98  ? 162 ASP A CG  1 
ATOM   1273 O  OD1 . ASP A 1 162 ? -2.411  -12.034 3.843   1.00 85.92  ? 162 ASP A OD1 1 
ATOM   1274 O  OD2 . ASP A 1 162 ? -4.212  -11.468 4.978   1.00 103.22 ? 162 ASP A OD2 1 
ATOM   1275 N  N   . ASP A 1 163 ? -3.464  -7.581  1.338   1.00 77.21  ? 163 ASP A N   1 
ATOM   1276 C  CA  . ASP A 1 163 ? -3.669  -6.659  0.224   1.00 77.32  ? 163 ASP A CA  1 
ATOM   1277 C  C   . ASP A 1 163 ? -2.370  -6.460  -0.558  1.00 75.54  ? 163 ASP A C   1 
ATOM   1278 O  O   . ASP A 1 163 ? -2.364  -6.525  -1.793  1.00 74.15  ? 163 ASP A O   1 
ATOM   1279 C  CB  . ASP A 1 163 ? -4.210  -5.323  0.754   1.00 76.81  ? 163 ASP A CB  1 
ATOM   1280 C  CG  . ASP A 1 163 ? -5.160  -4.629  -0.221  1.00 80.62  ? 163 ASP A CG  1 
ATOM   1281 O  OD1 . ASP A 1 163 ? -5.111  -4.923  -1.440  1.00 78.50  ? 163 ASP A OD1 1 
ATOM   1282 O  OD2 . ASP A 1 163 ? -5.960  -3.772  0.239   1.00 87.66  ? 163 ASP A OD2 1 
ATOM   1283 N  N   . ILE A 1 164 ? -1.250  -6.260  0.147   1.00 69.93  ? 164 ILE A N   1 
ATOM   1284 C  CA  . ILE A 1 164 ? 0.046   -6.210  -0.527  1.00 68.81  ? 164 ILE A CA  1 
ATOM   1285 C  C   . ILE A 1 164 ? 0.403   -7.574  -1.114  1.00 70.21  ? 164 ILE A C   1 
ATOM   1286 O  O   . ILE A 1 164 ? 0.771   -7.683  -2.293  1.00 68.70  ? 164 ILE A O   1 
ATOM   1287 C  CB  . ILE A 1 164 ? 1.143   -5.725  0.435   1.00 71.90  ? 164 ILE A CB  1 
ATOM   1288 C  CG1 . ILE A 1 164 ? 0.803   -4.370  1.059   1.00 64.08  ? 164 ILE A CG1 1 
ATOM   1289 C  CG2 . ILE A 1 164 ? 2.480   -5.668  -0.297  1.00 64.17  ? 164 ILE A CG2 1 
ATOM   1290 C  CD1 . ILE A 1 164 ? 1.832   -3.934  2.105   1.00 58.86  ? 164 ILE A CD1 1 
ATOM   1291 N  N   . LYS A 1 165 ? 0.323   -8.633  -0.292  1.00 66.28  ? 165 LYS A N   1 
ATOM   1292 C  CA  . LYS A 1 165 ? 0.831   -9.942  -0.708  1.00 62.59  ? 165 LYS A CA  1 
ATOM   1293 C  C   . LYS A 1 165 ? 0.120   -10.440 -1.959  1.00 68.38  ? 165 LYS A C   1 
ATOM   1294 O  O   . LYS A 1 165 ? 0.750   -10.977 -2.879  1.00 71.66  ? 165 LYS A O   1 
ATOM   1295 C  CB  . LYS A 1 165 ? 0.671   -10.956 0.420   1.00 63.46  ? 165 LYS A CB  1 
ATOM   1296 C  CG  . LYS A 1 165 ? 1.648   -10.804 1.548   1.00 66.03  ? 165 LYS A CG  1 
ATOM   1297 C  CD  . LYS A 1 165 ? 1.903   -12.113 2.270   1.00 63.73  ? 165 LYS A CD  1 
ATOM   1298 C  CE  . LYS A 1 165 ? 3.278   -12.102 2.940   1.00 74.24  ? 165 LYS A CE  1 
ATOM   1299 N  NZ  . LYS A 1 165 ? 3.264   -12.433 4.412   1.00 74.24  ? 165 LYS A NZ  1 
ATOM   1300 N  N   . GLU A 1 166 ? -1.199  -10.299 -2.004  1.00 72.83  ? 166 GLU A N   1 
ATOM   1301 C  CA  . GLU A 1 166 ? -1.916  -10.831 -3.156  1.00 77.18  ? 166 GLU A CA  1 
ATOM   1302 C  C   . GLU A 1 166 ? -1.842  -9.897  -4.353  1.00 73.74  ? 166 GLU A C   1 
ATOM   1303 O  O   . GLU A 1 166 ? -2.202  -10.309 -5.467  1.00 74.30  ? 166 GLU A O   1 
ATOM   1304 C  CB  . GLU A 1 166 ? -3.379  -11.145 -2.798  1.00 76.60  ? 166 GLU A CB  1 
ATOM   1305 C  CG  . GLU A 1 166 ? -3.576  -12.113 -1.589  1.00 83.84  ? 166 GLU A CG  1 
ATOM   1306 C  CD  . GLU A 1 166 ? -2.989  -13.548 -1.790  1.00 91.36  ? 166 GLU A CD  1 
ATOM   1307 O  OE1 . GLU A 1 166 ? -1.736  -13.686 -1.890  1.00 78.13  ? 166 GLU A OE1 1 
ATOM   1308 O  OE2 . GLU A 1 166 ? -3.793  -14.532 -1.841  1.00 97.33  ? 166 GLU A OE2 1 
ATOM   1309 N  N   . SER A 1 167 ? -1.377  -8.658  -4.158  1.00 71.74  ? 167 SER A N   1 
ATOM   1310 C  CA  . SER A 1 167 ? -1.011  -7.862  -5.319  1.00 71.78  ? 167 SER A CA  1 
ATOM   1311 C  C   . SER A 1 167 ? 0.382   -8.235  -5.810  1.00 71.36  ? 167 SER A C   1 
ATOM   1312 O  O   . SER A 1 167 ? 0.647   -8.164  -7.011  1.00 70.64  ? 167 SER A O   1 
ATOM   1313 C  CB  . SER A 1 167 ? -1.160  -6.360  -5.023  1.00 67.65  ? 167 SER A CB  1 
ATOM   1314 O  OG  . SER A 1 167 ? -0.826  -6.020  -3.682  1.00 73.50  ? 167 SER A OG  1 
ATOM   1315 N  N   . ILE A 1 168 ? 1.256   -8.711  -4.922  1.00 71.70  ? 168 ILE A N   1 
ATOM   1316 C  CA  . ILE A 1 168 ? 2.505   -9.333  -5.370  1.00 69.84  ? 168 ILE A CA  1 
ATOM   1317 C  C   . ILE A 1 168 ? 2.236   -10.672 -6.063  1.00 74.14  ? 168 ILE A C   1 
ATOM   1318 O  O   . ILE A 1 168 ? 2.821   -10.961 -7.115  1.00 75.02  ? 168 ILE A O   1 
ATOM   1319 C  CB  . ILE A 1 168 ? 3.483   -9.485  -4.190  1.00 69.83  ? 168 ILE A CB  1 
ATOM   1320 C  CG1 . ILE A 1 168 ? 4.004   -8.100  -3.772  1.00 63.40  ? 168 ILE A CG1 1 
ATOM   1321 C  CG2 . ILE A 1 168 ? 4.652   -10.410 -4.572  1.00 73.73  ? 168 ILE A CG2 1 
ATOM   1322 C  CD1 . ILE A 1 168 ? 4.538   -8.032  -2.339  1.00 63.08  ? 168 ILE A CD1 1 
ATOM   1323 N  N   . ALA A 1 169 ? 1.359   -11.519 -5.502  1.00 71.87  ? 169 ALA A N   1 
ATOM   1324 C  CA  . ALA A 1 169 ? 1.019   -12.758 -6.202  1.00 72.97  ? 169 ALA A CA  1 
ATOM   1325 C  C   . ALA A 1 169 ? 0.483   -12.469 -7.599  1.00 70.38  ? 169 ALA A C   1 
ATOM   1326 O  O   . ALA A 1 169 ? 0.927   -13.076 -8.582  1.00 74.31  ? 169 ALA A O   1 
ATOM   1327 C  CB  . ALA A 1 169 ? -0.002  -13.572 -5.404  1.00 74.83  ? 169 ALA A CB  1 
ATOM   1328 N  N   . GLU A 1 170 ? -0.448  -11.514 -7.703  1.00 67.47  ? 170 GLU A N   1 
ATOM   1329 C  CA  . GLU A 1 170 ? -1.088  -11.176 -8.973  1.00 67.38  ? 170 GLU A CA  1 
ATOM   1330 C  C   . GLU A 1 170 ? -0.078  -10.834 -10.061 1.00 72.96  ? 170 GLU A C   1 
ATOM   1331 O  O   . GLU A 1 170 ? -0.223  -11.264 -11.213 1.00 73.28  ? 170 GLU A O   1 
ATOM   1332 C  CB  . GLU A 1 170 ? -2.039  -9.996  -8.773  1.00 70.49  ? 170 GLU A CB  1 
ATOM   1333 C  CG  . GLU A 1 170 ? -2.877  -9.674  -10.000 1.00 69.81  ? 170 GLU A CG  1 
ATOM   1334 C  CD  . GLU A 1 170 ? -3.686  -8.402  -9.854  1.00 66.70  ? 170 GLU A CD  1 
ATOM   1335 O  OE1 . GLU A 1 170 ? -4.049  -8.039  -8.711  1.00 71.10  ? 170 GLU A OE1 1 
ATOM   1336 O  OE2 . GLU A 1 170 ? -3.970  -7.769  -10.895 1.00 64.94  ? 170 GLU A OE2 1 
ATOM   1337 N  N   . LEU A 1 171 ? 0.932   -10.024 -9.726  1.00 74.42  ? 171 LEU A N   1 
ATOM   1338 C  CA  . LEU A 1 171 ? 1.968   -9.684  -10.697 1.00 71.03  ? 171 LEU A CA  1 
ATOM   1339 C  C   . LEU A 1 171 ? 2.675   -10.937 -11.197 1.00 76.87  ? 171 LEU A C   1 
ATOM   1340 O  O   . LEU A 1 171 ? 2.967   -11.060 -12.395 1.00 80.89  ? 171 LEU A O   1 
ATOM   1341 C  CB  . LEU A 1 171 ? 2.965   -8.706  -10.067 1.00 76.25  ? 171 LEU A CB  1 
ATOM   1342 C  CG  . LEU A 1 171 ? 3.975   -7.960  -10.950 1.00 72.82  ? 171 LEU A CG  1 
ATOM   1343 C  CD1 . LEU A 1 171 ? 3.208   -7.173  -11.976 1.00 72.56  ? 171 LEU A CD1 1 
ATOM   1344 C  CD2 . LEU A 1 171 ? 4.899   -7.024  -10.148 1.00 59.57  ? 171 LEU A CD2 1 
ATOM   1345 N  N   . LYS A 1 172 ? 2.929   -11.897 -10.296 1.00 77.62  ? 172 LYS A N   1 
ATOM   1346 C  CA  . LYS A 1 172 ? 3.677   -13.091 -10.681 1.00 79.51  ? 172 LYS A CA  1 
ATOM   1347 C  C   . LYS A 1 172 ? 2.935   -13.919 -11.728 1.00 82.88  ? 172 LYS A C   1 
ATOM   1348 O  O   . LYS A 1 172 ? 3.582   -14.592 -12.542 1.00 85.13  ? 172 LYS A O   1 
ATOM   1349 C  CB  . LYS A 1 172 ? 4.001   -13.938 -9.447  1.00 75.71  ? 172 LYS A CB  1 
ATOM   1350 C  CG  . LYS A 1 172 ? 5.139   -13.379 -8.608  1.00 74.11  ? 172 LYS A CG  1 
ATOM   1351 C  CD  . LYS A 1 172 ? 5.070   -13.861 -7.169  1.00 75.81  ? 172 LYS A CD  1 
ATOM   1352 C  CE  . LYS A 1 172 ? 6.296   -14.712 -6.819  1.00 80.10  ? 172 LYS A CE  1 
ATOM   1353 N  NZ  . LYS A 1 172 ? 6.378   -15.966 -7.639  1.00 86.09  ? 172 LYS A NZ  1 
ATOM   1354 N  N   . VAL A 1 173 ? 1.594   -13.886 -11.741 1.00 76.62  ? 173 VAL A N   1 
ATOM   1355 C  CA  . VAL A 1 173 ? 0.888   -14.557 -12.830 1.00 83.82  ? 173 VAL A CA  1 
ATOM   1356 C  C   . VAL A 1 173 ? 0.777   -13.665 -14.071 1.00 80.37  ? 173 VAL A C   1 
ATOM   1357 O  O   . VAL A 1 173 ? 0.565   -14.188 -15.177 1.00 80.63  ? 173 VAL A O   1 
ATOM   1358 C  CB  . VAL A 1 173 ? -0.496  -15.112 -12.409 1.00 81.87  ? 173 VAL A CB  1 
ATOM   1359 C  CG1 . VAL A 1 173 ? -0.336  -16.455 -11.703 1.00 84.09  ? 173 VAL A CG1 1 
ATOM   1360 C  CG2 . VAL A 1 173 ? -1.243  -14.174 -11.494 1.00 76.00  ? 173 VAL A CG2 1 
ATOM   1361 N  N   . TYR A 1 174 ? 0.953   -12.342 -13.935 1.00 79.01  ? 174 TYR A N   1 
ATOM   1362 C  CA  . TYR A 1 174 ? 1.199   -11.523 -15.127 1.00 82.89  ? 174 TYR A CA  1 
ATOM   1363 C  C   . TYR A 1 174 ? 2.593   -11.776 -15.675 1.00 83.49  ? 174 TYR A C   1 
ATOM   1364 O  O   . TYR A 1 174 ? 2.782   -11.880 -16.895 1.00 85.94  ? 174 TYR A O   1 
ATOM   1365 C  CB  . TYR A 1 174 ? 1.046   -10.029 -14.837 1.00 76.84  ? 174 TYR A CB  1 
ATOM   1366 C  CG  . TYR A 1 174 ? -0.347  -9.625  -14.457 1.00 77.29  ? 174 TYR A CG  1 
ATOM   1367 C  CD1 . TYR A 1 174 ? -1.453  -10.108 -15.156 1.00 78.09  ? 174 TYR A CD1 1 
ATOM   1368 C  CD2 . TYR A 1 174 ? -0.559  -8.758  -13.404 1.00 74.54  ? 174 TYR A CD2 1 
ATOM   1369 C  CE1 . TYR A 1 174 ? -2.744  -9.738  -14.800 1.00 76.28  ? 174 TYR A CE1 1 
ATOM   1370 C  CE2 . TYR A 1 174 ? -1.838  -8.387  -13.042 1.00 77.81  ? 174 TYR A CE2 1 
ATOM   1371 C  CZ  . TYR A 1 174 ? -2.929  -8.878  -13.736 1.00 76.42  ? 174 TYR A CZ  1 
ATOM   1372 O  OH  . TYR A 1 174 ? -4.196  -8.484  -13.344 1.00 73.04  ? 174 TYR A OH  1 
ATOM   1373 N  N   . ARG A 1 175 ? 3.578   -11.867 -14.782 1.00 77.47  ? 175 ARG A N   1 
ATOM   1374 C  CA  . ARG A 1 175 ? 4.946   -12.147 -15.196 1.00 79.16  ? 175 ARG A CA  1 
ATOM   1375 C  C   . ARG A 1 175 ? 5.014   -13.396 -16.073 1.00 80.32  ? 175 ARG A C   1 
ATOM   1376 O  O   . ARG A 1 175 ? 5.500   -13.346 -17.206 1.00 84.00  ? 175 ARG A O   1 
ATOM   1377 C  CB  . ARG A 1 175 ? 5.824   -12.287 -13.954 1.00 80.50  ? 175 ARG A CB  1 
ATOM   1378 C  CG  . ARG A 1 175 ? 7.284   -12.530 -14.236 1.00 83.67  ? 175 ARG A CG  1 
ATOM   1379 C  CD  . ARG A 1 175 ? 8.138   -11.718 -13.283 1.00 84.90  ? 175 ARG A CD  1 
ATOM   1380 N  NE  . ARG A 1 175 ? 9.508   -11.551 -13.761 1.00 86.25  ? 175 ARG A NE  1 
ATOM   1381 C  CZ  . ARG A 1 175 ? 10.567  -12.061 -13.142 1.00 84.86  ? 175 ARG A CZ  1 
ATOM   1382 N  NH1 . ARG A 1 175 ? 11.785  -11.875 -13.638 1.00 74.40  ? 175 ARG A NH1 1 
ATOM   1383 N  NH2 . ARG A 1 175 ? 10.397  -12.758 -12.018 1.00 88.42  ? 175 ARG A NH2 1 
ATOM   1384 N  N   . GLU A 1 176 ? 4.491   -14.522 -15.583 1.00 85.76  ? 176 GLU A N   1 
ATOM   1385 C  CA  . GLU A 1 176 ? 4.677   -15.782 -16.303 1.00 91.36  ? 176 GLU A CA  1 
ATOM   1386 C  C   . GLU A 1 176 ? 3.725   -15.953 -17.491 1.00 88.73  ? 176 GLU A C   1 
ATOM   1387 O  O   . GLU A 1 176 ? 4.074   -16.645 -18.456 1.00 88.45  ? 176 GLU A O   1 
ATOM   1388 C  CB  . GLU A 1 176 ? 4.534   -16.974 -15.344 1.00 90.23  ? 176 GLU A CB  1 
ATOM   1389 C  CG  . GLU A 1 176 ? 5.877   -17.621 -14.946 1.00 90.60  ? 176 GLU A CG  1 
ATOM   1390 C  CD  . GLU A 1 176 ? 6.864   -16.632 -14.342 1.00 93.25  ? 176 GLU A CD  1 
ATOM   1391 O  OE1 . GLU A 1 176 ? 6.445   -15.831 -13.467 1.00 94.23  ? 176 GLU A OE1 1 
ATOM   1392 O  OE2 . GLU A 1 176 ? 8.055   -16.654 -14.738 1.00 96.98  ? 176 GLU A OE2 1 
ATOM   1393 N  N   . LEU A 1 177 ? 2.537   -15.355 -17.462 1.00 82.09  ? 177 LEU A N   1 
ATOM   1394 C  CA  . LEU A 1 177 ? 1.555   -15.624 -18.500 1.00 83.60  ? 177 LEU A CA  1 
ATOM   1395 C  C   . LEU A 1 177 ? 1.259   -14.432 -19.393 1.00 86.24  ? 177 LEU A C   1 
ATOM   1396 O  O   . LEU A 1 177 ? 0.466   -14.561 -20.335 1.00 86.29  ? 177 LEU A O   1 
ATOM   1397 C  CB  . LEU A 1 177 ? 0.256   -16.122 -17.867 1.00 90.78  ? 177 LEU A CB  1 
ATOM   1398 C  CG  . LEU A 1 177 ? 0.401   -17.143 -16.731 1.00 93.48  ? 177 LEU A CG  1 
ATOM   1399 C  CD1 . LEU A 1 177 ? -0.965  -17.705 -16.401 1.00 88.80  ? 177 LEU A CD1 1 
ATOM   1400 C  CD2 . LEU A 1 177 ? 1.404   -18.282 -17.034 1.00 90.28  ? 177 LEU A CD2 1 
ATOM   1401 N  N   . PHE A 1 178 ? 1.866   -13.278 -19.137 1.00 85.65  ? 178 PHE A N   1 
ATOM   1402 C  CA  . PHE A 1 178 ? 1.597   -12.106 -19.952 1.00 87.94  ? 178 PHE A CA  1 
ATOM   1403 C  C   . PHE A 1 178 ? 2.842   -11.481 -20.558 1.00 84.46  ? 178 PHE A C   1 
ATOM   1404 O  O   . PHE A 1 178 ? 2.729   -10.811 -21.586 1.00 88.97  ? 178 PHE A O   1 
ATOM   1405 C  CB  . PHE A 1 178 ? 0.835   -11.046 -19.130 1.00 85.42  ? 178 PHE A CB  1 
ATOM   1406 C  CG  . PHE A 1 178 ? 0.126   -10.000 -19.966 1.00 85.95  ? 178 PHE A CG  1 
ATOM   1407 C  CD1 . PHE A 1 178 ? -0.100  -10.195 -21.326 1.00 85.72  ? 178 PHE A CD1 1 
ATOM   1408 C  CD2 . PHE A 1 178 ? -0.323  -8.813  -19.378 1.00 84.23  ? 178 PHE A CD2 1 
ATOM   1409 C  CE1 . PHE A 1 178 ? -0.741  -9.218  -22.092 1.00 88.61  ? 178 PHE A CE1 1 
ATOM   1410 C  CE2 . PHE A 1 178 ? -0.971  -7.830  -20.130 1.00 81.38  ? 178 PHE A CE2 1 
ATOM   1411 C  CZ  . PHE A 1 178 ? -1.185  -8.034  -21.488 1.00 85.08  ? 178 PHE A CZ  1 
ATOM   1412 N  N   . PHE A 1 179 ? 4.016   -11.701 -19.996 1.00 82.23  ? 179 PHE A N   1 
ATOM   1413 C  CA  . PHE A 1 179 ? 5.214   -11.007 -20.444 1.00 85.19  ? 179 PHE A CA  1 
ATOM   1414 C  C   . PHE A 1 179 ? 6.154   -11.969 -21.158 1.00 88.36  ? 179 PHE A C   1 
ATOM   1415 O  O   . PHE A 1 179 ? 6.305   -13.121 -20.736 1.00 92.89  ? 179 PHE A O   1 
ATOM   1416 C  CB  . PHE A 1 179 ? 5.921   -10.347 -19.261 1.00 85.93  ? 179 PHE A CB  1 
ATOM   1417 C  CG  . PHE A 1 179 ? 5.172   -9.174  -18.685 1.00 85.81  ? 179 PHE A CG  1 
ATOM   1418 C  CD1 . PHE A 1 179 ? 3.855   -9.302  -18.276 1.00 84.53  ? 179 PHE A CD1 1 
ATOM   1419 C  CD2 . PHE A 1 179 ? 5.784   -7.939  -18.565 1.00 86.88  ? 179 PHE A CD2 1 
ATOM   1420 C  CE1 . PHE A 1 179 ? 3.159   -8.229  -17.751 1.00 82.04  ? 179 PHE A CE1 1 
ATOM   1421 C  CE2 . PHE A 1 179 ? 5.091   -6.855  -18.038 1.00 90.95  ? 179 PHE A CE2 1 
ATOM   1422 C  CZ  . PHE A 1 179 ? 3.774   -7.007  -17.627 1.00 83.71  ? 179 PHE A CZ  1 
ATOM   1423 N  N   . LYS A 1 180 ? 6.782   -11.488 -22.244 1.00 90.27  ? 180 LYS A N   1 
ATOM   1424 C  CA  . LYS A 1 180 ? 7.662   -12.300 -23.092 1.00 94.66  ? 180 LYS A CA  1 
ATOM   1425 C  C   . LYS A 1 180 ? 8.648   -13.090 -22.235 1.00 99.71  ? 180 LYS A C   1 
ATOM   1426 O  O   . LYS A 1 180 ? 8.519   -14.316 -22.104 1.00 99.69  ? 180 LYS A O   1 
ATOM   1427 C  CB  . LYS A 1 180 ? 8.409   -11.432 -24.121 1.00 89.68  ? 180 LYS A CB  1 
ATOM   1428 C  CG  . LYS A 1 180 ? 7.711   -11.320 -25.497 1.00 88.93  ? 180 LYS A CG  1 
ATOM   1429 C  CD  . LYS A 1 180 ? 8.163   -12.411 -26.479 1.00 88.70  ? 180 LYS A CD  1 
ATOM   1430 C  CE  . LYS A 1 180 ? 7.170   -12.586 -27.639 1.00 89.03  ? 180 LYS A CE  1 
ATOM   1431 N  NZ  . LYS A 1 180 ? 6.072   -13.572 -27.341 1.00 94.12  ? 180 LYS A NZ  1 
ATOM   1432 N  N   . LEU A 1 181 ? 9.625   -12.405 -21.641 1.00 98.81  ? 181 LEU A N   1 
ATOM   1433 C  CA  . LEU A 1 181 ? 10.349  -12.976 -20.503 1.00 100.53 ? 181 LEU A CA  1 
ATOM   1434 C  C   . LEU A 1 181 ? 10.902  -11.886 -19.586 1.00 100.03 ? 181 LEU A C   1 
ATOM   1435 O  O   . LEU A 1 181 ? 10.852  -12.009 -18.357 1.00 98.73  ? 181 LEU A O   1 
ATOM   1436 C  CB  . LEU A 1 181 ? 11.478  -13.901 -20.967 1.00 99.80  ? 181 LEU A CB  1 
ATOM   1437 C  CG  . LEU A 1 181 ? 11.603  -15.188 -20.144 1.00 98.28  ? 181 LEU A CG  1 
ATOM   1438 C  CD1 . LEU A 1 181 ? 10.356  -16.085 -20.291 1.00 99.24  ? 181 LEU A CD1 1 
ATOM   1439 C  CD2 . LEU A 1 181 ? 12.868  -15.951 -20.509 1.00 94.51  ? 181 LEU A CD2 1 
HETATM 1440 MG MG  . MG  B 2 .   ? -5.850  -0.289  -1.215  1.00 72.34  ? 201 MG  A MG  1 
HETATM 1441 O  O   . HOH C 3 .   ? -3.477  -12.104 -6.008  1.00 72.64  ? 301 HOH A O   1 
HETATM 1442 O  O   . HOH C 3 .   ? 13.570  4.707   -3.174  1.00 65.76  ? 302 HOH A O   1 
HETATM 1443 O  O   . HOH C 3 .   ? 5.731   -15.937 -20.186 1.00 93.09  ? 303 HOH A O   1 
HETATM 1444 O  O   . HOH C 3 .   ? 5.486   -11.013 5.079   1.00 76.03  ? 304 HOH A O   1 
HETATM 1445 O  O   . HOH C 3 .   ? 8.191   -13.799 -10.764 1.00 78.97  ? 305 HOH A O   1 
HETATM 1446 O  O   . HOH C 3 .   ? -1.384  -1.456  -2.636  1.00 65.86  ? 306 HOH A O   1 
HETATM 1447 O  O   . HOH C 3 .   ? 4.720   -5.812  11.150  1.00 67.91  ? 307 HOH A O   1 
HETATM 1448 O  O   . HOH C 3 .   ? 2.895   -12.821 -3.340  1.00 74.27  ? 308 HOH A O   1 
HETATM 1449 O  O   . HOH C 3 .   ? -5.242  6.431   22.014  1.00 75.04  ? 309 HOH A O   1 
HETATM 1450 O  O   . HOH C 3 .   ? -10.165 2.642   3.431   1.00 87.21  ? 310 HOH A O   1 
HETATM 1451 O  O   . HOH C 3 .   ? 4.640   11.325  -8.290  1.00 73.92  ? 311 HOH A O   1 
HETATM 1452 O  O   . HOH C 3 .   ? 8.613   8.455   -17.250 1.00 67.30  ? 312 HOH A O   1 
HETATM 1453 O  O   . HOH C 3 .   ? 15.617  9.175   2.183   1.00 62.93  ? 313 HOH A O   1 
HETATM 1454 O  O   . HOH C 3 .   ? 10.413  11.729  9.510   1.00 70.63  ? 314 HOH A O   1 
HETATM 1455 O  O   . HOH C 3 .   ? 5.473   -17.243 -10.395 1.00 81.64  ? 315 HOH A O   1 
HETATM 1456 O  O   . HOH C 3 .   ? 0.793   9.829   -8.287  1.00 69.06  ? 316 HOH A O   1 
HETATM 1457 O  O   . HOH C 3 .   ? -0.950  17.325  -0.763  1.00 81.98  ? 317 HOH A O   1 
HETATM 1458 O  O   . HOH C 3 .   ? -16.949 3.542   12.776  1.00 85.04  ? 318 HOH A O   1 
HETATM 1459 O  O   . HOH C 3 .   ? -2.521  -15.856 -5.171  1.00 73.62  ? 319 HOH A O   1 
HETATM 1460 O  O   . HOH C 3 .   ? -6.829  9.774   -7.909  1.00 79.05  ? 320 HOH A O   1 
HETATM 1461 O  O   . HOH C 3 .   ? 2.672   -16.364 -6.428  1.00 68.10  ? 321 HOH A O   1 
HETATM 1462 O  O   . HOH C 3 .   ? 18.959  -9.560  2.894   1.00 88.54  ? 322 HOH A O   1 
HETATM 1463 O  O   . HOH C 3 .   ? 0.824   -16.786 -5.089  1.00 82.50  ? 323 HOH A O   1 
# 
